data_3HT8
# 
_entry.id   3HT8 
# 
_audit_conform.dict_name       mmcif_pdbx.dic 
_audit_conform.dict_version    5.378 
_audit_conform.dict_location   http://mmcif.pdb.org/dictionaries/ascii/mmcif_pdbx.dic 
# 
loop_
_database_2.database_id 
_database_2.database_code 
_database_2.pdbx_database_accession 
_database_2.pdbx_DOI 
PDB   3HT8         pdb_00003ht8 10.2210/pdb3ht8/pdb 
RCSB  RCSB053554   ?            ?                   
WWPDB D_1000053554 ?            ?                   
# 
loop_
_pdbx_database_related.db_name 
_pdbx_database_related.db_id 
_pdbx_database_related.details 
_pdbx_database_related.content_type 
PDB 1LGU . unspecified 
PDB 3HT6 . unspecified 
PDB 3HT7 . unspecified 
PDB 3HT9 . unspecified 
PDB 3HTB . unspecified 
PDB 3HTD . unspecified 
PDB 3HTF . unspecified 
PDB 3HTG . unspecified 
PDB 3HU8 . unspecified 
PDB 3HU9 . unspecified 
PDB 3HUA . unspecified 
PDB 3HUK . unspecified 
PDB 3HUQ . unspecified 
# 
_pdbx_database_status.entry_id                        3HT8 
_pdbx_database_status.status_code                     REL 
_pdbx_database_status.deposit_site                    RCSB 
_pdbx_database_status.process_site                    RCSB 
_pdbx_database_status.recvd_initial_deposition_date   2009-06-11 
_pdbx_database_status.status_code_sf                  REL 
_pdbx_database_status.status_code_mr                  ? 
_pdbx_database_status.SG_entry                        ? 
_pdbx_database_status.pdb_format_compatible           Y 
_pdbx_database_status.status_code_cs                  ? 
_pdbx_database_status.methods_development_category    ? 
_pdbx_database_status.status_code_nmr_data            ? 
# 
loop_
_audit_author.name 
_audit_author.pdbx_ordinal 
'Boyce, S.E.'    1 
'Mobley, D.L.'   2 
'Rocklin, G.J.'  3 
'Graves, A.P.'   4 
'Dill, K.A.'     5 
'Shoichet, B.K.' 6 
# 
_citation.id                        primary 
_citation.title                     
'Predicting ligand binding affinity with alchemical free energy methods in a polar model binding site.' 
_citation.journal_abbrev            J.Mol.Biol. 
_citation.journal_volume            394 
_citation.page_first                747 
_citation.page_last                 763 
_citation.year                      2009 
_citation.journal_id_ASTM           JMOBAK 
_citation.country                   UK 
_citation.journal_id_ISSN           0022-2836 
_citation.journal_id_CSD            0070 
_citation.book_publisher            ? 
_citation.pdbx_database_id_PubMed   19782087 
_citation.pdbx_database_id_DOI      10.1016/j.jmb.2009.09.049 
# 
loop_
_citation_author.citation_id 
_citation_author.name 
_citation_author.ordinal 
_citation_author.identifier_ORCID 
primary 'Boyce, S.E.'    1 ? 
primary 'Mobley, D.L.'   2 ? 
primary 'Rocklin, G.J.'  3 ? 
primary 'Graves, A.P.'   4 ? 
primary 'Dill, K.A.'     5 ? 
primary 'Shoichet, B.K.' 6 ? 
# 
_cell.entry_id           3HT8 
_cell.length_a           60.480 
_cell.length_b           60.480 
_cell.length_c           97.680 
_cell.angle_alpha        90.00 
_cell.angle_beta         90.00 
_cell.angle_gamma        120.00 
_cell.Z_PDB              6 
_cell.pdbx_unique_axis   ? 
# 
_symmetry.entry_id                         3HT8 
_symmetry.space_group_name_H-M             'P 32 2 1' 
_symmetry.pdbx_full_space_group_name_H-M   ? 
_symmetry.cell_setting                     ? 
_symmetry.Int_Tables_number                154 
# 
loop_
_entity.id 
_entity.type 
_entity.src_method 
_entity.pdbx_description 
_entity.formula_weight 
_entity.pdbx_number_of_molecules 
_entity.pdbx_ec 
_entity.pdbx_mutation 
_entity.pdbx_fragment 
_entity.details 
1 polymer     man Lysozyme                18646.316 1   3.2.1.17 S38D,L99A,M102Q,N144D ? ? 
2 non-polymer syn 'PHOSPHATE ION'         94.971    2   ?        ?                     ? ? 
3 non-polymer syn 5-chloro-2-methylphenol 142.583   1   ?        ?                     ? ? 
4 water       nat water                   18.015    245 ?        ?                     ? ? 
# 
_entity_name_com.entity_id   1 
_entity_name_com.name        'Lysis protein, Muramidase, Endolysin' 
# 
_entity_poly.entity_id                      1 
_entity_poly.type                           'polypeptide(L)' 
_entity_poly.nstd_linkage                   no 
_entity_poly.nstd_monomer                   no 
_entity_poly.pdbx_seq_one_letter_code       
;MNIFEMLRIDEGLRLKIYKDTEGYYTIGIGHLLTKSPDLNAAKSELDKAIGRNCNGVITKDEAEKLFNQDVDAAVRGILR
NAKLKPVYDSLDAVRRCAAINQVFQMGETGVAGFTNSLRMLQQKRWDEAAVNLAKSRWYNQTPDRAKRVITTFRTGTWDA
YKNL
;
_entity_poly.pdbx_seq_one_letter_code_can   
;MNIFEMLRIDEGLRLKIYKDTEGYYTIGIGHLLTKSPDLNAAKSELDKAIGRNCNGVITKDEAEKLFNQDVDAAVRGILR
NAKLKPVYDSLDAVRRCAAINQVFQMGETGVAGFTNSLRMLQQKRWDEAAVNLAKSRWYNQTPDRAKRVITTFRTGTWDA
YKNL
;
_entity_poly.pdbx_strand_id                 A 
_entity_poly.pdbx_target_identifier         ? 
# 
loop_
_entity_poly_seq.entity_id 
_entity_poly_seq.num 
_entity_poly_seq.mon_id 
_entity_poly_seq.hetero 
1 1   MET n 
1 2   ASN n 
1 3   ILE n 
1 4   PHE n 
1 5   GLU n 
1 6   MET n 
1 7   LEU n 
1 8   ARG n 
1 9   ILE n 
1 10  ASP n 
1 11  GLU n 
1 12  GLY n 
1 13  LEU n 
1 14  ARG n 
1 15  LEU n 
1 16  LYS n 
1 17  ILE n 
1 18  TYR n 
1 19  LYS n 
1 20  ASP n 
1 21  THR n 
1 22  GLU n 
1 23  GLY n 
1 24  TYR n 
1 25  TYR n 
1 26  THR n 
1 27  ILE n 
1 28  GLY n 
1 29  ILE n 
1 30  GLY n 
1 31  HIS n 
1 32  LEU n 
1 33  LEU n 
1 34  THR n 
1 35  LYS n 
1 36  SER n 
1 37  PRO n 
1 38  ASP n 
1 39  LEU n 
1 40  ASN n 
1 41  ALA n 
1 42  ALA n 
1 43  LYS n 
1 44  SER n 
1 45  GLU n 
1 46  LEU n 
1 47  ASP n 
1 48  LYS n 
1 49  ALA n 
1 50  ILE n 
1 51  GLY n 
1 52  ARG n 
1 53  ASN n 
1 54  CYS n 
1 55  ASN n 
1 56  GLY n 
1 57  VAL n 
1 58  ILE n 
1 59  THR n 
1 60  LYS n 
1 61  ASP n 
1 62  GLU n 
1 63  ALA n 
1 64  GLU n 
1 65  LYS n 
1 66  LEU n 
1 67  PHE n 
1 68  ASN n 
1 69  GLN n 
1 70  ASP n 
1 71  VAL n 
1 72  ASP n 
1 73  ALA n 
1 74  ALA n 
1 75  VAL n 
1 76  ARG n 
1 77  GLY n 
1 78  ILE n 
1 79  LEU n 
1 80  ARG n 
1 81  ASN n 
1 82  ALA n 
1 83  LYS n 
1 84  LEU n 
1 85  LYS n 
1 86  PRO n 
1 87  VAL n 
1 88  TYR n 
1 89  ASP n 
1 90  SER n 
1 91  LEU n 
1 92  ASP n 
1 93  ALA n 
1 94  VAL n 
1 95  ARG n 
1 96  ARG n 
1 97  CYS n 
1 98  ALA n 
1 99  ALA n 
1 100 ILE n 
1 101 ASN n 
1 102 GLN n 
1 103 VAL n 
1 104 PHE n 
1 105 GLN n 
1 106 MET n 
1 107 GLY n 
1 108 GLU n 
1 109 THR n 
1 110 GLY n 
1 111 VAL n 
1 112 ALA n 
1 113 GLY n 
1 114 PHE n 
1 115 THR n 
1 116 ASN n 
1 117 SER n 
1 118 LEU n 
1 119 ARG n 
1 120 MET n 
1 121 LEU n 
1 122 GLN n 
1 123 GLN n 
1 124 LYS n 
1 125 ARG n 
1 126 TRP n 
1 127 ASP n 
1 128 GLU n 
1 129 ALA n 
1 130 ALA n 
1 131 VAL n 
1 132 ASN n 
1 133 LEU n 
1 134 ALA n 
1 135 LYS n 
1 136 SER n 
1 137 ARG n 
1 138 TRP n 
1 139 TYR n 
1 140 ASN n 
1 141 GLN n 
1 142 THR n 
1 143 PRO n 
1 144 ASP n 
1 145 ARG n 
1 146 ALA n 
1 147 LYS n 
1 148 ARG n 
1 149 VAL n 
1 150 ILE n 
1 151 THR n 
1 152 THR n 
1 153 PHE n 
1 154 ARG n 
1 155 THR n 
1 156 GLY n 
1 157 THR n 
1 158 TRP n 
1 159 ASP n 
1 160 ALA n 
1 161 TYR n 
1 162 LYS n 
1 163 ASN n 
1 164 LEU n 
# 
_entity_src_gen.entity_id                          1 
_entity_src_gen.pdbx_src_id                        1 
_entity_src_gen.pdbx_alt_source_flag               sample 
_entity_src_gen.pdbx_seq_type                      ? 
_entity_src_gen.pdbx_beg_seq_num                   ? 
_entity_src_gen.pdbx_end_seq_num                   ? 
_entity_src_gen.gene_src_common_name               'Bacteriophage T4' 
_entity_src_gen.gene_src_genus                     ? 
_entity_src_gen.pdbx_gene_src_gene                 E 
_entity_src_gen.gene_src_species                   ? 
_entity_src_gen.gene_src_strain                    'Enterobacteria Phage T4 Sensu Lato' 
_entity_src_gen.gene_src_tissue                    ? 
_entity_src_gen.gene_src_tissue_fraction           ? 
_entity_src_gen.gene_src_details                   ? 
_entity_src_gen.pdbx_gene_src_fragment             ? 
_entity_src_gen.pdbx_gene_src_scientific_name      'Enterobacteria phage T4' 
_entity_src_gen.pdbx_gene_src_ncbi_taxonomy_id     10665 
_entity_src_gen.pdbx_gene_src_variant              ? 
_entity_src_gen.pdbx_gene_src_cell_line            ? 
_entity_src_gen.pdbx_gene_src_atcc                 ? 
_entity_src_gen.pdbx_gene_src_organ                ? 
_entity_src_gen.pdbx_gene_src_organelle            ? 
_entity_src_gen.pdbx_gene_src_cell                 ? 
_entity_src_gen.pdbx_gene_src_cellular_location    ? 
_entity_src_gen.host_org_common_name               ? 
_entity_src_gen.pdbx_host_org_scientific_name      'Escherichia coli' 
_entity_src_gen.pdbx_host_org_ncbi_taxonomy_id     562 
_entity_src_gen.host_org_genus                     ? 
_entity_src_gen.pdbx_host_org_gene                 ? 
_entity_src_gen.pdbx_host_org_organ                ? 
_entity_src_gen.host_org_species                   ? 
_entity_src_gen.pdbx_host_org_tissue               ? 
_entity_src_gen.pdbx_host_org_tissue_fraction      ? 
_entity_src_gen.pdbx_host_org_strain               ? 
_entity_src_gen.pdbx_host_org_variant              ? 
_entity_src_gen.pdbx_host_org_cell_line            ? 
_entity_src_gen.pdbx_host_org_atcc                 ? 
_entity_src_gen.pdbx_host_org_culture_collection   ? 
_entity_src_gen.pdbx_host_org_cell                 ? 
_entity_src_gen.pdbx_host_org_organelle            ? 
_entity_src_gen.pdbx_host_org_cellular_location    ? 
_entity_src_gen.pdbx_host_org_vector_type          plasmid 
_entity_src_gen.pdbx_host_org_vector               ? 
_entity_src_gen.host_org_details                   ? 
_entity_src_gen.expression_system_id               ? 
_entity_src_gen.plasmid_name                       M13 
_entity_src_gen.plasmid_details                    ? 
_entity_src_gen.pdbx_description                   ? 
# 
_struct_ref.id                         1 
_struct_ref.db_name                    UNP 
_struct_ref.db_code                    LYS_BPT4 
_struct_ref.pdbx_db_accession          P00720 
_struct_ref.entity_id                  1 
_struct_ref.pdbx_seq_one_letter_code   
;MNIFEMLRIDEGLRLKIYKDTEGYYTIGIGHLLTKSPSLNAAKSELDKAIGRNCNGVITKDEAEKLFNQDVDAAVRGILR
NAKLKPVYDSLDAVRRCALINMVFQMGETGVAGFTNSLRMLQQKRWDEAAVNLAKSRWYNQTPNRAKRVITTFRTGTWDA
YKNL
;
_struct_ref.pdbx_align_begin           1 
_struct_ref.pdbx_db_isoform            ? 
# 
_struct_ref_seq.align_id                      1 
_struct_ref_seq.ref_id                        1 
_struct_ref_seq.pdbx_PDB_id_code              3HT8 
_struct_ref_seq.pdbx_strand_id                A 
_struct_ref_seq.seq_align_beg                 1 
_struct_ref_seq.pdbx_seq_align_beg_ins_code   ? 
_struct_ref_seq.seq_align_end                 164 
_struct_ref_seq.pdbx_seq_align_end_ins_code   ? 
_struct_ref_seq.pdbx_db_accession             P00720 
_struct_ref_seq.db_align_beg                  1 
_struct_ref_seq.pdbx_db_align_beg_ins_code    ? 
_struct_ref_seq.db_align_end                  164 
_struct_ref_seq.pdbx_db_align_end_ins_code    ? 
_struct_ref_seq.pdbx_auth_seq_align_beg       1 
_struct_ref_seq.pdbx_auth_seq_align_end       164 
# 
loop_
_struct_ref_seq_dif.align_id 
_struct_ref_seq_dif.pdbx_pdb_id_code 
_struct_ref_seq_dif.mon_id 
_struct_ref_seq_dif.pdbx_pdb_strand_id 
_struct_ref_seq_dif.seq_num 
_struct_ref_seq_dif.pdbx_pdb_ins_code 
_struct_ref_seq_dif.pdbx_seq_db_name 
_struct_ref_seq_dif.pdbx_seq_db_accession_code 
_struct_ref_seq_dif.db_mon_id 
_struct_ref_seq_dif.pdbx_seq_db_seq_num 
_struct_ref_seq_dif.details 
_struct_ref_seq_dif.pdbx_auth_seq_num 
_struct_ref_seq_dif.pdbx_ordinal 
1 3HT8 ASP A 38  ? UNP P00720 SER 38  'engineered mutation' 38  1 
1 3HT8 ALA A 99  ? UNP P00720 LEU 99  'engineered mutation' 99  2 
1 3HT8 GLN A 102 ? UNP P00720 MET 102 'engineered mutation' 102 3 
1 3HT8 ASP A 144 ? UNP P00720 ASN 144 'engineered mutation' 144 4 
# 
loop_
_chem_comp.id 
_chem_comp.type 
_chem_comp.mon_nstd_flag 
_chem_comp.name 
_chem_comp.pdbx_synonyms 
_chem_comp.formula 
_chem_comp.formula_weight 
ALA 'L-peptide linking' y ALANINE                 ? 'C3 H7 N O2'     89.093  
ARG 'L-peptide linking' y ARGININE                ? 'C6 H15 N4 O2 1' 175.209 
ASN 'L-peptide linking' y ASPARAGINE              ? 'C4 H8 N2 O3'    132.118 
ASP 'L-peptide linking' y 'ASPARTIC ACID'         ? 'C4 H7 N O4'     133.103 
CYS 'L-peptide linking' y CYSTEINE                ? 'C3 H7 N O2 S'   121.158 
GLN 'L-peptide linking' y GLUTAMINE               ? 'C5 H10 N2 O3'   146.144 
GLU 'L-peptide linking' y 'GLUTAMIC ACID'         ? 'C5 H9 N O4'     147.129 
GLY 'peptide linking'   y GLYCINE                 ? 'C2 H5 N O2'     75.067  
HIS 'L-peptide linking' y HISTIDINE               ? 'C6 H10 N3 O2 1' 156.162 
HOH non-polymer         . WATER                   ? 'H2 O'           18.015  
ILE 'L-peptide linking' y ISOLEUCINE              ? 'C6 H13 N O2'    131.173 
JZ2 non-polymer         . 5-chloro-2-methylphenol ? 'C7 H7 Cl O'     142.583 
LEU 'L-peptide linking' y LEUCINE                 ? 'C6 H13 N O2'    131.173 
LYS 'L-peptide linking' y LYSINE                  ? 'C6 H15 N2 O2 1' 147.195 
MET 'L-peptide linking' y METHIONINE              ? 'C5 H11 N O2 S'  149.211 
PHE 'L-peptide linking' y PHENYLALANINE           ? 'C9 H11 N O2'    165.189 
PO4 non-polymer         . 'PHOSPHATE ION'         ? 'O4 P -3'        94.971  
PRO 'L-peptide linking' y PROLINE                 ? 'C5 H9 N O2'     115.130 
SER 'L-peptide linking' y SERINE                  ? 'C3 H7 N O3'     105.093 
THR 'L-peptide linking' y THREONINE               ? 'C4 H9 N O3'     119.119 
TRP 'L-peptide linking' y TRYPTOPHAN              ? 'C11 H12 N2 O2'  204.225 
TYR 'L-peptide linking' y TYROSINE                ? 'C9 H11 N O3'    181.189 
VAL 'L-peptide linking' y VALINE                  ? 'C5 H11 N O2'    117.146 
# 
_exptl.crystals_number   1 
_exptl.entry_id          3HT8 
_exptl.method            'X-RAY DIFFRACTION' 
# 
_exptl_crystal.id                    1 
_exptl_crystal.density_Matthews      2.77 
_exptl_crystal.density_meas          ? 
_exptl_crystal.density_percent_sol   55.53 
_exptl_crystal.description           ? 
_exptl_crystal.F_000                 ? 
_exptl_crystal.preparation           ? 
# 
_exptl_crystal_grow.crystal_id      1 
_exptl_crystal_grow.method          'VAPOR DIFFUSION, HANGING DROP' 
_exptl_crystal_grow.pH              6.5 
_exptl_crystal_grow.temp            277 
_exptl_crystal_grow.pdbx_details    
;2.2M sodium-potassium phosphate, 0.05M beta-mercaptoethanol, 0.05M 2-hydroxyethyldisulfide, pH 6.5, vapor diffusion, hanging drop, temperature 277K
;
_exptl_crystal_grow.temp_details    ? 
_exptl_crystal_grow.pdbx_pH_range   ? 
# 
_diffrn.id                     1 
_diffrn.ambient_temp           296 
_diffrn.ambient_temp_details   ? 
_diffrn.crystal_id             1 
# 
_diffrn_detector.diffrn_id              1 
_diffrn_detector.detector               CCD 
_diffrn_detector.type                   'ADSC QUANTUM 315r' 
_diffrn_detector.pdbx_collection_date   2008-07-01 
_diffrn_detector.details                ? 
# 
_diffrn_radiation.diffrn_id                        1 
_diffrn_radiation.pdbx_diffrn_protocol             'SINGLE WAVELENGTH' 
_diffrn_radiation.monochromator                    ? 
_diffrn_radiation.wavelength_id                    1 
_diffrn_radiation.pdbx_monochromatic_or_laue_m_l   M 
_diffrn_radiation.pdbx_scattering_type             x-ray 
# 
_diffrn_radiation_wavelength.id           1 
_diffrn_radiation_wavelength.wavelength   1.11589 
_diffrn_radiation_wavelength.wt           1.0 
# 
_diffrn_source.diffrn_id                   1 
_diffrn_source.source                      SYNCHROTRON 
_diffrn_source.type                        'ALS BEAMLINE 8.3.1' 
_diffrn_source.pdbx_wavelength             ? 
_diffrn_source.pdbx_wavelength_list        1.11589 
_diffrn_source.pdbx_synchrotron_site       ALS 
_diffrn_source.pdbx_synchrotron_beamline   8.3.1 
# 
_reflns.entry_id                     3HT8 
_reflns.d_resolution_high            1.460 
_reflns.d_resolution_low             50.000 
_reflns.number_obs                   34328 
_reflns.pdbx_Rmerge_I_obs            0.071 
_reflns.pdbx_netI_over_sigmaI        37.605 
_reflns.pdbx_chi_squared             2.635 
_reflns.pdbx_redundancy              5.700 
_reflns.percent_possible_obs         92.700 
_reflns.observed_criterion_sigma_F   0 
_reflns.observed_criterion_sigma_I   0 
_reflns.number_all                   34328 
_reflns.pdbx_Rsym_value              ? 
_reflns.B_iso_Wilson_estimate        ? 
_reflns.R_free_details               ? 
_reflns.limit_h_max                  ? 
_reflns.limit_h_min                  ? 
_reflns.limit_k_max                  ? 
_reflns.limit_k_min                  ? 
_reflns.limit_l_max                  ? 
_reflns.limit_l_min                  ? 
_reflns.observed_criterion_F_max     ? 
_reflns.observed_criterion_F_min     ? 
_reflns.pdbx_scaling_rejects         ? 
_reflns.pdbx_ordinal                 1 
_reflns.pdbx_diffrn_id               1 
# 
_reflns_shell.d_res_high             1.46 
_reflns_shell.d_res_low              1.51 
_reflns_shell.number_measured_obs    ? 
_reflns_shell.number_measured_all    ? 
_reflns_shell.number_unique_obs      ? 
_reflns_shell.Rmerge_I_obs           0.716 
_reflns_shell.meanI_over_sigI_obs    2.46 
_reflns_shell.pdbx_Rsym_value        ? 
_reflns_shell.pdbx_chi_squared       0.940 
_reflns_shell.pdbx_redundancy        2.40 
_reflns_shell.percent_possible_obs   ? 
_reflns_shell.number_unique_all      1663 
_reflns_shell.percent_possible_all   45.70 
_reflns_shell.pdbx_ordinal           1 
_reflns_shell.pdbx_diffrn_id         1 
# 
_refine.entry_id                                 3HT8 
_refine.ls_d_res_high                            1.600 
_refine.ls_d_res_low                             50.00 
_refine.pdbx_ls_sigma_F                          0.00 
_refine.pdbx_data_cutoff_high_absF               ? 
_refine.pdbx_data_cutoff_low_absF                ? 
_refine.ls_percent_reflns_obs                    99.890 
_refine.ls_number_reflns_obs                     27904 
_refine.ls_number_reflns_all                     27904 
_refine.pdbx_ls_cross_valid_method               THROUGHOUT 
_refine.pdbx_R_Free_selection_details            RANDOM 
_refine.details                                  'HYDROGENS HAVE BEEN ADDED IN THE RIDING POSITIONS' 
_refine.ls_R_factor_all                          0.190 
_refine.ls_R_factor_obs                          0.190 
_refine.ls_R_factor_R_work                       0.188 
_refine.ls_wR_factor_R_work                      ? 
_refine.ls_R_factor_R_free                       0.214 
_refine.ls_wR_factor_R_free                      ? 
_refine.ls_percent_reflns_R_free                 5.100 
_refine.ls_number_reflns_R_free                  1414 
_refine.ls_R_factor_R_free_error                 ? 
_refine.B_iso_mean                               21.809 
_refine.solvent_model_param_bsol                 ? 
_refine.solvent_model_param_ksol                 ? 
_refine.pdbx_isotropic_thermal_model             ? 
_refine.aniso_B[1][1]                            0.820 
_refine.aniso_B[2][2]                            0.820 
_refine.aniso_B[3][3]                            -1.230 
_refine.aniso_B[1][2]                            0.410 
_refine.aniso_B[1][3]                            0.000 
_refine.aniso_B[2][3]                            0.000 
_refine.correlation_coeff_Fo_to_Fc               0.963 
_refine.correlation_coeff_Fo_to_Fc_free          0.954 
_refine.overall_SU_R_Cruickshank_DPI             ? 
_refine.overall_SU_R_free                        ? 
_refine.pdbx_overall_ESU_R                       0.087 
_refine.pdbx_overall_ESU_R_Free                  0.086 
_refine.overall_SU_ML                            0.057 
_refine.overall_SU_B                             1.598 
_refine.solvent_model_details                    MASK 
_refine.pdbx_solvent_vdw_probe_radii             1.200 
_refine.pdbx_solvent_ion_probe_radii             0.800 
_refine.pdbx_solvent_shrinkage_radii             0.800 
_refine.ls_number_parameters                     ? 
_refine.ls_number_restraints                     ? 
_refine.pdbx_starting_model                      'PDB entry 1LGU' 
_refine.pdbx_method_to_determine_struct          REFMAC 
_refine.pdbx_stereochemistry_target_values       'MAXIMUM LIKELIHOOD' 
_refine.pdbx_stereochem_target_val_spec_case     ? 
_refine.overall_FOM_work_R_set                   ? 
_refine.B_iso_max                                52.57 
_refine.B_iso_min                                13.49 
_refine.occupancy_max                            1.00 
_refine.occupancy_min                            0.50 
_refine.pdbx_ls_sigma_I                          ? 
_refine.ls_redundancy_reflns_obs                 ? 
_refine.ls_R_factor_R_free_error_details         ? 
_refine.pdbx_data_cutoff_high_rms_absF           ? 
_refine.overall_FOM_free_R_set                   ? 
_refine.pdbx_overall_phase_error                 ? 
_refine.pdbx_refine_id                           'X-RAY DIFFRACTION' 
_refine.pdbx_diffrn_id                           1 
_refine.pdbx_TLS_residual_ADP_flag               ? 
_refine.pdbx_overall_SU_R_free_Cruickshank_DPI   ? 
_refine.pdbx_overall_SU_R_Blow_DPI               ? 
_refine.pdbx_overall_SU_R_free_Blow_DPI          ? 
# 
_refine_hist.pdbx_refine_id                   'X-RAY DIFFRACTION' 
_refine_hist.cycle_id                         LAST 
_refine_hist.pdbx_number_atoms_protein        1292 
_refine_hist.pdbx_number_atoms_nucleic_acid   0 
_refine_hist.pdbx_number_atoms_ligand         19 
_refine_hist.number_atoms_solvent             245 
_refine_hist.number_atoms_total               1556 
_refine_hist.d_res_high                       1.600 
_refine_hist.d_res_low                        50.00 
# 
loop_
_refine_ls_restr.type 
_refine_ls_restr.number 
_refine_ls_restr.dev_ideal 
_refine_ls_restr.dev_ideal_target 
_refine_ls_restr.weight 
_refine_ls_restr.pdbx_refine_id 
_refine_ls_restr.pdbx_restraint_function 
r_bond_refined_d         1385 0.011  0.022  ? 'X-RAY DIFFRACTION' ? 
r_angle_refined_deg      1876 1.193  1.966  ? 'X-RAY DIFFRACTION' ? 
r_dihedral_angle_1_deg   176  5.018  5.000  ? 'X-RAY DIFFRACTION' ? 
r_dihedral_angle_2_deg   69   32.801 23.188 ? 'X-RAY DIFFRACTION' ? 
r_dihedral_angle_3_deg   261  13.174 15.000 ? 'X-RAY DIFFRACTION' ? 
r_dihedral_angle_4_deg   16   16.780 15.000 ? 'X-RAY DIFFRACTION' ? 
r_chiral_restr           204  0.077  0.200  ? 'X-RAY DIFFRACTION' ? 
r_gen_planes_refined     1048 0.006  0.020  ? 'X-RAY DIFFRACTION' ? 
r_nbd_refined            661  0.205  0.200  ? 'X-RAY DIFFRACTION' ? 
r_nbtor_refined          942  0.307  0.200  ? 'X-RAY DIFFRACTION' ? 
r_xyhbond_nbd_refined    190  0.154  0.200  ? 'X-RAY DIFFRACTION' ? 
r_symmetry_vdw_refined   40   0.147  0.200  ? 'X-RAY DIFFRACTION' ? 
r_symmetry_hbond_refined 16   0.144  0.200  ? 'X-RAY DIFFRACTION' ? 
r_mcbond_it              855  0.746  1.500  ? 'X-RAY DIFFRACTION' ? 
r_mcangle_it             1331 1.118  2.000  ? 'X-RAY DIFFRACTION' ? 
r_scbond_it              614  1.965  3.000  ? 'X-RAY DIFFRACTION' ? 
r_scangle_it             537  2.869  4.500  ? 'X-RAY DIFFRACTION' ? 
# 
_refine_ls_shell.d_res_high                       1.600 
_refine_ls_shell.d_res_low                        1.642 
_refine_ls_shell.pdbx_total_number_of_bins_used   20 
_refine_ls_shell.percent_reflns_obs               99.410 
_refine_ls_shell.number_reflns_R_work             1949 
_refine_ls_shell.R_factor_all                     ? 
_refine_ls_shell.R_factor_R_work                  0.257 
_refine_ls_shell.R_factor_R_free                  0.321 
_refine_ls_shell.percent_reflns_R_free            ? 
_refine_ls_shell.number_reflns_R_free             86 
_refine_ls_shell.R_factor_R_free_error            ? 
_refine_ls_shell.number_reflns_all                2035 
_refine_ls_shell.number_reflns_obs                1949 
_refine_ls_shell.redundancy_reflns_obs            ? 
_refine_ls_shell.pdbx_refine_id                   'X-RAY DIFFRACTION' 
# 
_struct.entry_id                  3HT8 
_struct.title                     '5-chloro-2-methylphenol in complex with T4 lysozyme L99A/M102Q' 
_struct.pdbx_model_details        ? 
_struct.pdbx_CASP_flag            ? 
_struct.pdbx_model_type_details   ? 
# 
_struct_keywords.entry_id        3HT8 
_struct_keywords.text            'HYDROLASE, GLYCOSIDASE, BACTERIOLYTIC ENZYME, Antimicrobial' 
_struct_keywords.pdbx_keywords   HYDROLASE 
# 
loop_
_struct_asym.id 
_struct_asym.pdbx_blank_PDB_chainid_flag 
_struct_asym.pdbx_modified 
_struct_asym.entity_id 
_struct_asym.details 
A N N 1 ? 
B N N 2 ? 
C N N 2 ? 
D N N 3 ? 
E N N 4 ? 
# 
_struct_biol.id        1 
_struct_biol.details   ? 
# 
loop_
_struct_conf.conf_type_id 
_struct_conf.id 
_struct_conf.pdbx_PDB_helix_id 
_struct_conf.beg_label_comp_id 
_struct_conf.beg_label_asym_id 
_struct_conf.beg_label_seq_id 
_struct_conf.pdbx_beg_PDB_ins_code 
_struct_conf.end_label_comp_id 
_struct_conf.end_label_asym_id 
_struct_conf.end_label_seq_id 
_struct_conf.pdbx_end_PDB_ins_code 
_struct_conf.beg_auth_comp_id 
_struct_conf.beg_auth_asym_id 
_struct_conf.beg_auth_seq_id 
_struct_conf.end_auth_comp_id 
_struct_conf.end_auth_asym_id 
_struct_conf.end_auth_seq_id 
_struct_conf.pdbx_PDB_helix_class 
_struct_conf.details 
_struct_conf.pdbx_PDB_helix_length 
HELX_P HELX_P1  1  ASN A 2   ? GLY A 12  ? ASN A 2   GLY A 12  1 ? 11 
HELX_P HELX_P2  2  ASP A 38  ? GLY A 51  ? ASP A 38  GLY A 51  1 ? 14 
HELX_P HELX_P3  3  THR A 59  ? ASN A 81  ? THR A 59  ASN A 81  1 ? 23 
HELX_P HELX_P4  4  LEU A 84  ? LEU A 91  ? LEU A 84  LEU A 91  1 ? 8  
HELX_P HELX_P5  5  ASP A 92  ? ALA A 112 ? ASP A 92  ALA A 112 1 ? 21 
HELX_P HELX_P6  6  PHE A 114 ? GLN A 123 ? PHE A 114 GLN A 123 1 ? 10 
HELX_P HELX_P7  7  ARG A 125 ? LYS A 135 ? ARG A 125 LYS A 135 1 ? 11 
HELX_P HELX_P8  8  SER A 136 ? THR A 142 ? SER A 136 THR A 142 1 ? 7  
HELX_P HELX_P9  9  THR A 142 ? GLY A 156 ? THR A 142 GLY A 156 1 ? 15 
HELX_P HELX_P10 10 TRP A 158 ? LYS A 162 ? TRP A 158 LYS A 162 5 ? 5  
# 
_struct_conf_type.id          HELX_P 
_struct_conf_type.criteria    ? 
_struct_conf_type.reference   ? 
# 
_struct_sheet.id               A 
_struct_sheet.type             ? 
_struct_sheet.number_strands   3 
_struct_sheet.details          ? 
# 
loop_
_struct_sheet_order.sheet_id 
_struct_sheet_order.range_id_1 
_struct_sheet_order.range_id_2 
_struct_sheet_order.offset 
_struct_sheet_order.sense 
A 1 2 ? anti-parallel 
A 2 3 ? anti-parallel 
# 
loop_
_struct_sheet_range.sheet_id 
_struct_sheet_range.id 
_struct_sheet_range.beg_label_comp_id 
_struct_sheet_range.beg_label_asym_id 
_struct_sheet_range.beg_label_seq_id 
_struct_sheet_range.pdbx_beg_PDB_ins_code 
_struct_sheet_range.end_label_comp_id 
_struct_sheet_range.end_label_asym_id 
_struct_sheet_range.end_label_seq_id 
_struct_sheet_range.pdbx_end_PDB_ins_code 
_struct_sheet_range.beg_auth_comp_id 
_struct_sheet_range.beg_auth_asym_id 
_struct_sheet_range.beg_auth_seq_id 
_struct_sheet_range.end_auth_comp_id 
_struct_sheet_range.end_auth_asym_id 
_struct_sheet_range.end_auth_seq_id 
A 1 ARG A 14 ? LYS A 19 ? ARG A 14 LYS A 19 
A 2 TYR A 25 ? GLY A 28 ? TYR A 25 GLY A 28 
A 3 HIS A 31 ? LEU A 32 ? HIS A 31 LEU A 32 
# 
loop_
_pdbx_struct_sheet_hbond.sheet_id 
_pdbx_struct_sheet_hbond.range_id_1 
_pdbx_struct_sheet_hbond.range_id_2 
_pdbx_struct_sheet_hbond.range_1_label_atom_id 
_pdbx_struct_sheet_hbond.range_1_label_comp_id 
_pdbx_struct_sheet_hbond.range_1_label_asym_id 
_pdbx_struct_sheet_hbond.range_1_label_seq_id 
_pdbx_struct_sheet_hbond.range_1_PDB_ins_code 
_pdbx_struct_sheet_hbond.range_1_auth_atom_id 
_pdbx_struct_sheet_hbond.range_1_auth_comp_id 
_pdbx_struct_sheet_hbond.range_1_auth_asym_id 
_pdbx_struct_sheet_hbond.range_1_auth_seq_id 
_pdbx_struct_sheet_hbond.range_2_label_atom_id 
_pdbx_struct_sheet_hbond.range_2_label_comp_id 
_pdbx_struct_sheet_hbond.range_2_label_asym_id 
_pdbx_struct_sheet_hbond.range_2_label_seq_id 
_pdbx_struct_sheet_hbond.range_2_PDB_ins_code 
_pdbx_struct_sheet_hbond.range_2_auth_atom_id 
_pdbx_struct_sheet_hbond.range_2_auth_comp_id 
_pdbx_struct_sheet_hbond.range_2_auth_asym_id 
_pdbx_struct_sheet_hbond.range_2_auth_seq_id 
A 1 2 N TYR A 18 ? N TYR A 18 O THR A 26 ? O THR A 26 
A 2 3 N ILE A 27 ? N ILE A 27 O HIS A 31 ? O HIS A 31 
# 
loop_
_struct_site.id 
_struct_site.pdbx_evidence_code 
_struct_site.pdbx_auth_asym_id 
_struct_site.pdbx_auth_comp_id 
_struct_site.pdbx_auth_seq_id 
_struct_site.pdbx_auth_ins_code 
_struct_site.pdbx_num_residues 
_struct_site.details 
AC1 Software A PO4 165 ? 9 'BINDING SITE FOR RESIDUE PO4 A 165' 
AC2 Software A PO4 166 ? 3 'BINDING SITE FOR RESIDUE PO4 A 166' 
AC3 Software A JZ2 167 ? 5 'BINDING SITE FOR RESIDUE JZ2 A 167' 
# 
loop_
_struct_site_gen.id 
_struct_site_gen.site_id 
_struct_site_gen.pdbx_num_res 
_struct_site_gen.label_comp_id 
_struct_site_gen.label_asym_id 
_struct_site_gen.label_seq_id 
_struct_site_gen.pdbx_auth_ins_code 
_struct_site_gen.auth_comp_id 
_struct_site_gen.auth_asym_id 
_struct_site_gen.auth_seq_id 
_struct_site_gen.label_atom_id 
_struct_site_gen.label_alt_id 
_struct_site_gen.symmetry 
_struct_site_gen.details 
1  AC1 9 ARG A 14  ? ARG A 14  . ? 1_555 ? 
2  AC1 9 LYS A 19  ? LYS A 19  . ? 1_555 ? 
3  AC1 9 ARG A 125 ? ARG A 125 . ? 4_655 ? 
4  AC1 9 TRP A 126 ? TRP A 126 . ? 4_655 ? 
5  AC1 9 ASP A 127 ? ASP A 127 . ? 4_655 ? 
6  AC1 9 GLU A 128 ? GLU A 128 . ? 4_655 ? 
7  AC1 9 HOH E .   ? HOH A 236 . ? 1_555 ? 
8  AC1 9 HOH E .   ? HOH A 369 . ? 1_555 ? 
9  AC1 9 HOH E .   ? HOH A 386 . ? 1_555 ? 
10 AC2 3 ARG A 14  ? ARG A 14  . ? 1_555 ? 
11 AC2 3 LEU A 15  ? LEU A 15  . ? 1_555 ? 
12 AC2 3 LYS A 16  ? LYS A 16  . ? 1_555 ? 
13 AC3 5 ALA A 99  ? ALA A 99  . ? 1_555 ? 
14 AC3 5 GLN A 102 ? GLN A 102 . ? 1_555 ? 
15 AC3 5 VAL A 111 ? VAL A 111 . ? 1_555 ? 
16 AC3 5 LEU A 118 ? LEU A 118 . ? 1_555 ? 
17 AC3 5 PHE A 153 ? PHE A 153 . ? 1_555 ? 
# 
_atom_sites.entry_id                    3HT8 
_atom_sites.fract_transf_matrix[1][1]   -0.00934600 
_atom_sites.fract_transf_matrix[1][2]   0.01217962 
_atom_sites.fract_transf_matrix[1][3]   -0.01134938 
_atom_sites.fract_transf_matrix[2][1]   0.00974360 
_atom_sites.fract_transf_matrix[2][2]   0.01188665 
_atom_sites.fract_transf_matrix[2][3]   -0.01132582 
_atom_sites.fract_transf_matrix[3][1]   -0.00009854 
_atom_sites.fract_transf_matrix[3][2]   -0.00701961 
_atom_sites.fract_transf_matrix[3][3]   -0.00745198 
_atom_sites.fract_transf_vector[1]      0.214805 
_atom_sites.fract_transf_vector[2]      -0.326243 
_atom_sites.fract_transf_vector[3]      -0.099193 
# 
loop_
_atom_type.symbol 
C  
CL 
N  
O  
P  
S  
# 
loop_
_atom_site.group_PDB 
_atom_site.id 
_atom_site.type_symbol 
_atom_site.label_atom_id 
_atom_site.label_alt_id 
_atom_site.label_comp_id 
_atom_site.label_asym_id 
_atom_site.label_entity_id 
_atom_site.label_seq_id 
_atom_site.pdbx_PDB_ins_code 
_atom_site.Cartn_x 
_atom_site.Cartn_y 
_atom_site.Cartn_z 
_atom_site.occupancy 
_atom_site.B_iso_or_equiv 
_atom_site.pdbx_formal_charge 
_atom_site.auth_seq_id 
_atom_site.auth_comp_id 
_atom_site.auth_asym_id 
_atom_site.auth_atom_id 
_atom_site.pdbx_PDB_model_num 
ATOM   1    N  N   . MET A 1 1   ? 15.311  -6.156  4.901   1.00 20.86 ? 1   MET A N   1 
ATOM   2    C  CA  A MET A 1 1   ? 14.017  -5.628  4.362   0.50 20.17 ? 1   MET A CA  1 
ATOM   3    C  CA  B MET A 1 1   ? 14.046  -5.566  4.382   0.50 20.01 ? 1   MET A CA  1 
ATOM   4    C  C   . MET A 1 1   ? 12.886  -5.804  5.363   1.00 19.79 ? 1   MET A C   1 
ATOM   5    O  O   . MET A 1 1   ? 12.879  -6.772  6.131   1.00 20.52 ? 1   MET A O   1 
ATOM   6    C  CB  A MET A 1 1   ? 13.643  -6.366  3.075   0.50 20.68 ? 1   MET A CB  1 
ATOM   7    C  CB  B MET A 1 1   ? 13.753  -6.156  2.996   0.50 20.54 ? 1   MET A CB  1 
ATOM   8    C  CG  A MET A 1 1   ? 14.396  -5.921  1.832   0.50 21.14 ? 1   MET A CG  1 
ATOM   9    C  CG  B MET A 1 1   ? 12.604  -5.535  2.214   0.50 20.51 ? 1   MET A CG  1 
ATOM   10   S  SD  A MET A 1 1   ? 14.105  -4.188  1.412   0.50 22.76 ? 1   MET A SD  1 
ATOM   11   S  SD  B MET A 1 1   ? 12.709  -3.808  1.692   0.50 19.94 ? 1   MET A SD  1 
ATOM   12   C  CE  A MET A 1 1   ? 12.324  -4.151  1.225   0.50 22.01 ? 1   MET A CE  1 
ATOM   13   C  CE  B MET A 1 1   ? 14.294  -3.783  0.864   0.50 21.57 ? 1   MET A CE  1 
ATOM   14   N  N   . ASN A 1 2   ? 11.926  -4.881  5.342   1.00 18.64 ? 2   ASN A N   1 
ATOM   15   C  CA  . ASN A 1 2   ? 10.724  -4.945  6.142   1.00 18.17 ? 2   ASN A CA  1 
ATOM   16   C  C   . ASN A 1 2   ? 9.671   -4.070  5.449   1.00 17.29 ? 2   ASN A C   1 
ATOM   17   O  O   . ASN A 1 2   ? 9.960   -3.444  4.423   1.00 17.49 ? 2   ASN A O   1 
ATOM   18   C  CB  . ASN A 1 2   ? 10.975  -4.462  7.577   1.00 18.32 ? 2   ASN A CB  1 
ATOM   19   C  CG  . ASN A 1 2   ? 11.512  -3.059  7.640   1.00 19.11 ? 2   ASN A CG  1 
ATOM   20   O  OD1 . ASN A 1 2   ? 10.918  -2.120  7.086   1.00 18.87 ? 2   ASN A OD1 1 
ATOM   21   N  ND2 . ASN A 1 2   ? 12.626  -2.887  8.358   1.00 20.25 ? 2   ASN A ND2 1 
ATOM   22   N  N   . ILE A 1 3   ? 8.468   -4.051  5.996   1.00 17.44 ? 3   ILE A N   1 
ATOM   23   C  CA  . ILE A 1 3   ? 7.354   -3.342  5.359   1.00 16.80 ? 3   ILE A CA  1 
ATOM   24   C  C   . ILE A 1 3   ? 7.645   -1.847  5.170   1.00 17.58 ? 3   ILE A C   1 
ATOM   25   O  O   . ILE A 1 3   ? 7.213   -1.255  4.175   1.00 17.87 ? 3   ILE A O   1 
ATOM   26   C  CB  . ILE A 1 3   ? 6.010   -3.594  6.122   1.00 15.80 ? 3   ILE A CB  1 
ATOM   27   C  CG1 . ILE A 1 3   ? 4.808   -3.009  5.344   1.00 16.49 ? 3   ILE A CG1 1 
ATOM   28   C  CG2 . ILE A 1 3   ? 6.093   -3.027  7.543   1.00 16.64 ? 3   ILE A CG2 1 
ATOM   29   C  CD1 . ILE A 1 3   ? 4.735   -3.469  3.825   1.00 16.49 ? 3   ILE A CD1 1 
ATOM   30   N  N   . PHE A 1 4   ? 8.384   -1.243  6.104   1.00 17.33 ? 4   PHE A N   1 
ATOM   31   C  CA  . PHE A 1 4   ? 8.669   0.183   5.966   1.00 17.16 ? 4   PHE A CA  1 
ATOM   32   C  C   . PHE A 1 4   ? 9.617   0.448   4.811   1.00 16.97 ? 4   PHE A C   1 
ATOM   33   O  O   . PHE A 1 4   ? 9.374   1.341   4.002   1.00 15.98 ? 4   PHE A O   1 
ATOM   34   C  CB  . PHE A 1 4   ? 9.194   0.775   7.270   1.00 18.05 ? 4   PHE A CB  1 
ATOM   35   C  CG  . PHE A 1 4   ? 8.144   0.852   8.341   1.00 18.56 ? 4   PHE A CG  1 
ATOM   36   C  CD1 . PHE A 1 4   ? 7.914   -0.220  9.183   1.00 20.28 ? 4   PHE A CD1 1 
ATOM   37   C  CD2 . PHE A 1 4   ? 7.357   2.004   8.483   1.00 21.46 ? 4   PHE A CD2 1 
ATOM   38   C  CE1 . PHE A 1 4   ? 6.928   -0.166  10.162  1.00 18.90 ? 4   PHE A CE1 1 
ATOM   39   C  CE2 . PHE A 1 4   ? 6.380   2.070   9.465   1.00 23.06 ? 4   PHE A CE2 1 
ATOM   40   C  CZ  . PHE A 1 4   ? 6.172   0.986   10.314  1.00 21.05 ? 4   PHE A CZ  1 
ATOM   41   N  N   . GLU A 1 5   ? 10.692  -0.338  4.739   1.00 16.77 ? 5   GLU A N   1 
ATOM   42   C  CA  . GLU A 1 5   ? 11.683  -0.198  3.663   1.00 17.21 ? 5   GLU A CA  1 
ATOM   43   C  C   . GLU A 1 5   ? 11.050  -0.526  2.298   1.00 16.66 ? 5   GLU A C   1 
ATOM   44   O  O   . GLU A 1 5   ? 11.360  0.112   1.285   1.00 17.08 ? 5   GLU A O   1 
ATOM   45   C  CB  . GLU A 1 5   ? 12.871  -1.111  3.950   1.00 17.37 ? 5   GLU A CB  1 
ATOM   46   C  CG  . GLU A 1 5   ? 13.656  -0.704  5.180   1.00 19.95 ? 5   GLU A CG  1 
ATOM   47   C  CD  . GLU A 1 5   ? 14.915  -1.528  5.364   1.00 23.88 ? 5   GLU A CD  1 
ATOM   48   O  OE1 . GLU A 1 5   ? 15.221  -2.362  4.495   1.00 27.08 ? 5   GLU A OE1 1 
ATOM   49   O  OE2 . GLU A 1 5   ? 15.631  -1.311  6.358   1.00 24.46 ? 5   GLU A OE2 1 
ATOM   50   N  N   . MET A 1 6   ? 10.137  -1.499  2.302   1.00 16.78 ? 6   MET A N   1 
ATOM   51   C  CA  . MET A 1 6   ? 9.479   -1.970  1.080   1.00 16.11 ? 6   MET A CA  1 
ATOM   52   C  C   . MET A 1 6   ? 8.596   -0.874  0.523   1.00 16.10 ? 6   MET A C   1 
ATOM   53   O  O   . MET A 1 6   ? 8.731   -0.500  -0.646  1.00 16.06 ? 6   MET A O   1 
ATOM   54   C  CB  . MET A 1 6   ? 8.643   -3.213  1.398   1.00 17.13 ? 6   MET A CB  1 
ATOM   55   C  CG  . MET A 1 6   ? 8.041   -3.909  0.193   1.00 16.59 ? 6   MET A CG  1 
ATOM   56   S  SD  . MET A 1 6   ? 6.620   -4.864  0.712   1.00 16.66 ? 6   MET A SD  1 
ATOM   57   C  CE  . MET A 1 6   ? 6.414   -5.958  -0.703  1.00 17.15 ? 6   MET A CE  1 
ATOM   58   N  N   . LEU A 1 7   ? 7.719   -0.348  1.376   1.00 15.64 ? 7   LEU A N   1 
ATOM   59   C  CA  . LEU A 1 7   ? 6.826   0.739   0.942   1.00 15.96 ? 7   LEU A CA  1 
ATOM   60   C  C   . LEU A 1 7   ? 7.597   2.025   0.642   1.00 16.58 ? 7   LEU A C   1 
ATOM   61   O  O   . LEU A 1 7   ? 7.185   2.820   -0.222  1.00 17.41 ? 7   LEU A O   1 
ATOM   62   C  CB  . LEU A 1 7   ? 5.671   0.959   1.933   1.00 15.65 ? 7   LEU A CB  1 
ATOM   63   C  CG  . LEU A 1 7   ? 4.479   0.022   1.700   1.00 16.63 ? 7   LEU A CG  1 
ATOM   64   C  CD1 . LEU A 1 7   ? 3.583   0.006   2.927   1.00 18.13 ? 7   LEU A CD1 1 
ATOM   65   C  CD2 . LEU A 1 7   ? 3.683   0.399   0.452   1.00 17.67 ? 7   LEU A CD2 1 
ATOM   66   N  N   . ARG A 1 8   ? 8.708   2.259   1.335   1.00 17.07 ? 8   ARG A N   1 
ATOM   67   C  CA  . ARG A 1 8   ? 9.510   3.447   1.028   1.00 17.33 ? 8   ARG A CA  1 
ATOM   68   C  C   . ARG A 1 8   ? 10.052  3.376   -0.411  1.00 17.90 ? 8   ARG A C   1 
ATOM   69   O  O   . ARG A 1 8   ? 10.069  4.367   -1.127  1.00 18.78 ? 8   ARG A O   1 
ATOM   70   C  CB  . ARG A 1 8   ? 10.639  3.650   2.054   1.00 17.92 ? 8   ARG A CB  1 
ATOM   71   C  CG  . ARG A 1 8   ? 11.697  4.679   1.651   1.00 17.89 ? 8   ARG A CG  1 
ATOM   72   C  CD  . ARG A 1 8   ? 11.170  6.121   1.645   1.00 20.49 ? 8   ARG A CD  1 
ATOM   73   N  NE  . ARG A 1 8   ? 12.223  7.058   1.239   1.00 22.29 ? 8   ARG A NE  1 
ATOM   74   C  CZ  . ARG A 1 8   ? 12.636  7.233   -0.013  1.00 23.18 ? 8   ARG A CZ  1 
ATOM   75   N  NH1 . ARG A 1 8   ? 12.093  6.547   -1.012  1.00 23.80 ? 8   ARG A NH1 1 
ATOM   76   N  NH2 . ARG A 1 8   ? 13.605  8.095   -0.269  1.00 25.28 ? 8   ARG A NH2 1 
ATOM   77   N  N   . ILE A 1 9   ? 10.472  2.188   -0.835  1.00 17.37 ? 9   ILE A N   1 
ATOM   78   C  CA  . ILE A 1 9   ? 10.900  1.980   -2.226  1.00 17.53 ? 9   ILE A CA  1 
ATOM   79   C  C   . ILE A 1 9   ? 9.740   2.203   -3.207  1.00 17.52 ? 9   ILE A C   1 
ATOM   80   O  O   . ILE A 1 9   ? 9.871   2.923   -4.215  1.00 17.80 ? 9   ILE A O   1 
ATOM   81   C  CB  . ILE A 1 9   ? 11.508  0.552   -2.388  1.00 16.90 ? 9   ILE A CB  1 
ATOM   82   C  CG1 . ILE A 1 9   ? 12.919  0.509   -1.793  1.00 16.94 ? 9   ILE A CG1 1 
ATOM   83   C  CG2 . ILE A 1 9   ? 11.540  0.113   -3.874  1.00 18.77 ? 9   ILE A CG2 1 
ATOM   84   C  CD1 . ILE A 1 9   ? 13.398  -0.902  -1.475  1.00 20.66 ? 9   ILE A CD1 1 
ATOM   85   N  N   . ASP A 1 10  ? 8.589   1.628   -2.894  1.00 16.53 ? 10  ASP A N   1 
ATOM   86   C  CA  . ASP A 1 10  ? 7.497   1.619   -3.848  1.00 16.58 ? 10  ASP A CA  1 
ATOM   87   C  C   . ASP A 1 10  ? 6.811   2.963   -3.943  1.00 16.79 ? 10  ASP A C   1 
ATOM   88   O  O   . ASP A 1 10  ? 6.282   3.310   -5.002  1.00 18.79 ? 10  ASP A O   1 
ATOM   89   C  CB  . ASP A 1 10  ? 6.482   0.543   -3.515  1.00 16.13 ? 10  ASP A CB  1 
ATOM   90   C  CG  . ASP A 1 10  ? 6.970   -0.866  -3.902  1.00 16.12 ? 10  ASP A CG  1 
ATOM   91   O  OD1 . ASP A 1 10  ? 7.849   -0.989  -4.792  1.00 16.29 ? 10  ASP A OD1 1 
ATOM   92   O  OD2 . ASP A 1 10  ? 6.475   -1.832  -3.300  1.00 17.78 ? 10  ASP A OD2 1 
ATOM   93   N  N   . GLU A 1 11  ? 6.811   3.711   -2.838  1.00 16.17 ? 11  GLU A N   1 
ATOM   94   C  CA  . GLU A 1 11  ? 6.039   4.979   -2.786  1.00 17.09 ? 11  GLU A CA  1 
ATOM   95   C  C   . GLU A 1 11  ? 6.895   6.225   -2.961  1.00 17.16 ? 11  GLU A C   1 
ATOM   96   O  O   . GLU A 1 11  ? 6.366   7.298   -3.313  1.00 18.94 ? 11  GLU A O   1 
ATOM   97   C  CB  . GLU A 1 11  ? 5.263   5.087   -1.468  1.00 17.07 ? 11  GLU A CB  1 
ATOM   98   C  CG  . GLU A 1 11  ? 4.175   4.050   -1.289  1.00 18.19 ? 11  GLU A CG  1 
ATOM   99   C  CD  . GLU A 1 11  ? 3.006   4.201   -2.260  1.00 19.92 ? 11  GLU A CD  1 
ATOM   100  O  OE1 . GLU A 1 11  ? 2.919   5.225   -3.015  1.00 20.63 ? 11  GLU A OE1 1 
ATOM   101  O  OE2 . GLU A 1 11  ? 2.143   3.304   -2.254  1.00 18.82 ? 11  GLU A OE2 1 
ATOM   102  N  N   . GLY A 1 12  ? 8.196   6.109   -2.695  1.00 17.72 ? 12  GLY A N   1 
ATOM   103  C  CA  . GLY A 1 12  ? 9.116   7.259   -2.713  1.00 17.64 ? 12  GLY A CA  1 
ATOM   104  C  C   . GLY A 1 12  ? 8.929   8.171   -1.503  1.00 18.04 ? 12  GLY A C   1 
ATOM   105  O  O   . GLY A 1 12  ? 8.187   7.840   -0.569  1.00 17.92 ? 12  GLY A O   1 
ATOM   106  N  N   . LEU A 1 13  ? 9.636   9.301   -1.501  1.00 18.10 ? 13  LEU A N   1 
ATOM   107  C  CA  . LEU A 1 13  ? 9.492   10.298  -0.445  1.00 19.04 ? 13  LEU A CA  1 
ATOM   108  C  C   . LEU A 1 13  ? 9.526   11.663  -1.101  1.00 18.58 ? 13  LEU A C   1 
ATOM   109  O  O   . LEU A 1 13  ? 10.538  12.034  -1.700  1.00 18.67 ? 13  LEU A O   1 
ATOM   110  C  CB  . LEU A 1 13  ? 10.639  10.196  0.574   1.00 19.51 ? 13  LEU A CB  1 
ATOM   111  C  CG  . LEU A 1 13  ? 10.777  11.314  1.628   1.00 19.99 ? 13  LEU A CG  1 
ATOM   112  C  CD1 . LEU A 1 13  ? 9.523   11.430  2.488   1.00 21.76 ? 13  LEU A CD1 1 
ATOM   113  C  CD2 . LEU A 1 13  ? 12.010  11.054  2.522   1.00 21.47 ? 13  LEU A CD2 1 
ATOM   114  N  N   . ARG A 1 14  ? 8.427   12.400  -0.973  1.00 18.50 ? 14  ARG A N   1 
ATOM   115  C  CA  . ARG A 1 14  ? 8.351   13.767  -1.509  1.00 19.07 ? 14  ARG A CA  1 
ATOM   116  C  C   . ARG A 1 14  ? 7.751   14.683  -0.444  1.00 18.63 ? 14  ARG A C   1 
ATOM   117  O  O   . ARG A 1 14  ? 6.747   14.325  0.192   1.00 18.74 ? 14  ARG A O   1 
ATOM   118  C  CB  . ARG A 1 14  ? 7.547   13.795  -2.811  1.00 19.38 ? 14  ARG A CB  1 
ATOM   119  C  CG  . ARG A 1 14  ? 8.199   12.938  -3.923  1.00 20.44 ? 14  ARG A CG  1 
ATOM   120  C  CD  . ARG A 1 14  ? 7.500   13.039  -5.263  1.00 21.55 ? 14  ARG A CD  1 
ATOM   121  N  NE  . ARG A 1 14  ? 7.742   14.343  -5.871  1.00 24.18 ? 14  ARG A NE  1 
ATOM   122  C  CZ  . ARG A 1 14  ? 7.253   14.744  -7.043  1.00 26.76 ? 14  ARG A CZ  1 
ATOM   123  N  NH1 . ARG A 1 14  ? 6.470   13.948  -7.763  1.00 25.87 ? 14  ARG A NH1 1 
ATOM   124  N  NH2 . ARG A 1 14  ? 7.542   15.959  -7.483  1.00 26.56 ? 14  ARG A NH2 1 
ATOM   125  N  N   . LEU A 1 15  ? 8.376   15.843  -0.235  1.00 18.93 ? 15  LEU A N   1 
ATOM   126  C  CA  . LEU A 1 15  ? 8.023   16.727  0.888   1.00 18.21 ? 15  LEU A CA  1 
ATOM   127  C  C   . LEU A 1 15  ? 7.026   17.843  0.519   1.00 18.64 ? 15  LEU A C   1 
ATOM   128  O  O   . LEU A 1 15  ? 6.510   18.534  1.400   1.00 18.59 ? 15  LEU A O   1 
ATOM   129  C  CB  . LEU A 1 15  ? 9.306   17.301  1.512   1.00 18.44 ? 15  LEU A CB  1 
ATOM   130  C  CG  . LEU A 1 15  ? 10.265  16.261  2.093   1.00 18.53 ? 15  LEU A CG  1 
ATOM   131  C  CD1 . LEU A 1 15  ? 11.448  16.958  2.754   1.00 20.80 ? 15  LEU A CD1 1 
ATOM   132  C  CD2 . LEU A 1 15  ? 9.584   15.309  3.084   1.00 21.21 ? 15  LEU A CD2 1 
ATOM   133  N  N   . LYS A 1 16  ? 6.761   17.999  -0.777  1.00 18.73 ? 16  LYS A N   1 
ATOM   134  C  CA  . LYS A 1 16  ? 5.767   18.944  -1.266  1.00 18.67 ? 16  LYS A CA  1 
ATOM   135  C  C   . LYS A 1 16  ? 4.593   18.173  -1.867  1.00 18.00 ? 16  LYS A C   1 
ATOM   136  O  O   . LYS A 1 16  ? 4.778   17.069  -2.392  1.00 19.20 ? 16  LYS A O   1 
ATOM   137  C  CB  . LYS A 1 16  ? 6.380   19.847  -2.335  1.00 19.37 ? 16  LYS A CB  1 
ATOM   138  C  CG  . LYS A 1 16  ? 7.649   20.533  -1.871  1.00 21.98 ? 16  LYS A CG  1 
ATOM   139  C  CD  . LYS A 1 16  ? 8.236   21.432  -2.956  1.00 27.10 ? 16  LYS A CD  1 
ATOM   140  C  CE  . LYS A 1 16  ? 9.569   22.027  -2.499  1.00 29.53 ? 16  LYS A CE  1 
ATOM   141  N  NZ  . LYS A 1 16  ? 10.377  22.553  -3.644  0.50 29.83 ? 16  LYS A NZ  1 
ATOM   142  N  N   . ILE A 1 17  ? 3.392   18.743  -1.806  1.00 17.40 ? 17  ILE A N   1 
ATOM   143  C  CA  . ILE A 1 17  ? 2.223   18.099  -2.404  1.00 17.09 ? 17  ILE A CA  1 
ATOM   144  C  C   . ILE A 1 17  ? 2.494   17.758  -3.868  1.00 18.10 ? 17  ILE A C   1 
ATOM   145  O  O   . ILE A 1 17  ? 2.970   18.602  -4.639  1.00 18.36 ? 17  ILE A O   1 
ATOM   146  C  CB  . ILE A 1 17  ? 0.945   18.970  -2.279  1.00 17.00 ? 17  ILE A CB  1 
ATOM   147  C  CG1 . ILE A 1 17  ? 0.533   19.089  -0.790  1.00 16.35 ? 17  ILE A CG1 1 
ATOM   148  C  CG2 . ILE A 1 17  ? -0.211  18.386  -3.118  1.00 16.93 ? 17  ILE A CG2 1 
ATOM   149  C  CD1 . ILE A 1 17  ? -0.607  20.111  -0.593  1.00 18.21 ? 17  ILE A CD1 1 
ATOM   150  N  N   . TYR A 1 18  ? 2.198   16.516  -4.242  1.00 18.73 ? 18  TYR A N   1 
ATOM   151  C  CA  . TYR A 1 18  ? 2.362   16.055  -5.632  1.00 18.70 ? 18  TYR A CA  1 
ATOM   152  C  C   . TYR A 1 18  ? 1.137   15.211  -5.993  1.00 17.77 ? 18  TYR A C   1 
ATOM   153  O  O   . TYR A 1 18  ? 0.354   14.840  -5.112  1.00 17.75 ? 18  TYR A O   1 
ATOM   154  C  CB  . TYR A 1 18  ? 3.644   15.224  -5.799  1.00 20.08 ? 18  TYR A CB  1 
ATOM   155  C  CG  . TYR A 1 18  ? 3.652   13.891  -5.053  1.00 20.91 ? 18  TYR A CG  1 
ATOM   156  C  CD1 . TYR A 1 18  ? 3.378   12.679  -5.718  1.00 21.58 ? 18  TYR A CD1 1 
ATOM   157  C  CD2 . TYR A 1 18  ? 3.946   13.829  -3.685  1.00 20.60 ? 18  TYR A CD2 1 
ATOM   158  C  CE1 . TYR A 1 18  ? 3.391   11.447  -5.023  1.00 22.48 ? 18  TYR A CE1 1 
ATOM   159  C  CE2 . TYR A 1 18  ? 3.969   12.597  -2.993  1.00 20.36 ? 18  TYR A CE2 1 
ATOM   160  C  CZ  . TYR A 1 18  ? 3.682   11.420  -3.667  1.00 22.77 ? 18  TYR A CZ  1 
ATOM   161  O  OH  . TYR A 1 18  ? 3.705   10.224  -2.944  1.00 24.19 ? 18  TYR A OH  1 
ATOM   162  N  N   . LYS A 1 19  ? 1.016   14.857  -7.266  1.00 16.97 ? 19  LYS A N   1 
ATOM   163  C  CA  . LYS A 1 19  ? -0.057  13.978  -7.709  1.00 17.27 ? 19  LYS A CA  1 
ATOM   164  C  C   . LYS A 1 19  ? 0.482   12.551  -7.848  1.00 17.12 ? 19  LYS A C   1 
ATOM   165  O  O   . LYS A 1 19  ? 1.550   12.328  -8.404  1.00 16.66 ? 19  LYS A O   1 
ATOM   166  C  CB  . LYS A 1 19  ? -0.689  14.456  -9.016  1.00 17.55 ? 19  LYS A CB  1 
ATOM   167  C  CG  . LYS A 1 19  ? -1.457  15.761  -8.881  1.00 19.08 ? 19  LYS A CG  1 
ATOM   168  C  CD  . LYS A 1 19  ? -2.045  16.158  -10.216 1.00 19.97 ? 19  LYS A CD  1 
ATOM   169  C  CE  . LYS A 1 19  ? -2.953  17.363  -10.119 1.00 21.23 ? 19  LYS A CE  1 
ATOM   170  N  NZ  . LYS A 1 19  ? -3.422  17.727  -11.499 1.00 21.27 ? 19  LYS A NZ  1 
ATOM   171  N  N   . ASP A 1 20  ? -0.239  11.604  -7.270  1.00 16.48 ? 20  ASP A N   1 
ATOM   172  C  CA  . ASP A 1 20  ? 0.159   10.197  -7.347  1.00 16.78 ? 20  ASP A CA  1 
ATOM   173  C  C   . ASP A 1 20  ? -0.091  9.634   -8.754  1.00 17.25 ? 20  ASP A C   1 
ATOM   174  O  O   . ASP A 1 20  ? -0.395  10.393  -9.687  1.00 16.66 ? 20  ASP A O   1 
ATOM   175  C  CB  . ASP A 1 20  ? -0.547  9.398   -6.228  1.00 17.03 ? 20  ASP A CB  1 
ATOM   176  C  CG  . ASP A 1 20  ? -2.034  9.146   -6.496  1.00 18.15 ? 20  ASP A CG  1 
ATOM   177  O  OD1 . ASP A 1 20  ? -2.575  9.488   -7.558  1.00 17.69 ? 20  ASP A OD1 1 
ATOM   178  O  OD2 . ASP A 1 20  ? -2.692  8.580   -5.588  1.00 20.89 ? 20  ASP A OD2 1 
ATOM   179  N  N   . THR A 1 21  ? 0.087   8.328   -8.913  1.00 17.64 ? 21  THR A N   1 
ATOM   180  C  CA  . THR A 1 21  ? -0.018  7.690   -10.230 1.00 16.95 ? 21  THR A CA  1 
ATOM   181  C  C   . THR A 1 21  ? -1.435  7.810   -10.808 1.00 17.61 ? 21  THR A C   1 
ATOM   182  O  O   . THR A 1 21  ? -1.616  7.668   -12.022 1.00 17.11 ? 21  THR A O   1 
ATOM   183  C  CB  . THR A 1 21  ? 0.373   6.188   -10.179 1.00 17.58 ? 21  THR A CB  1 
ATOM   184  O  OG1 . THR A 1 21  ? -0.568  5.462   -9.371  1.00 19.33 ? 21  THR A OG1 1 
ATOM   185  C  CG2 . THR A 1 21  ? 1.786   6.006   -9.639  1.00 18.56 ? 21  THR A CG2 1 
ATOM   186  N  N   . GLU A 1 22  ? -2.427  8.046   -9.946  1.00 16.84 ? 22  GLU A N   1 
ATOM   187  C  CA  . GLU A 1 22  ? -3.833  8.163   -10.379 1.00 17.38 ? 22  GLU A CA  1 
ATOM   188  C  C   . GLU A 1 22  ? -4.256  9.623   -10.525 1.00 17.53 ? 22  GLU A C   1 
ATOM   189  O  O   . GLU A 1 22  ? -5.406  9.918   -10.860 1.00 18.99 ? 22  GLU A O   1 
ATOM   190  C  CB  . GLU A 1 22  ? -4.776  7.453   -9.396  1.00 17.40 ? 22  GLU A CB  1 
ATOM   191  C  CG  . GLU A 1 22  ? -4.586  5.925   -9.356  1.00 19.82 ? 22  GLU A CG  1 
ATOM   192  C  CD  . GLU A 1 22  ? -5.029  5.220   -10.644 1.00 24.72 ? 22  GLU A CD  1 
ATOM   193  O  OE1 . GLU A 1 22  ? -5.879  5.750   -11.394 1.00 28.02 ? 22  GLU A OE1 1 
ATOM   194  O  OE2 . GLU A 1 22  ? -4.521  4.114   -10.910 1.00 26.91 ? 22  GLU A OE2 1 
ATOM   195  N  N   . GLY A 1 23  ? -3.319  10.532  -10.293 1.00 17.81 ? 23  GLY A N   1 
ATOM   196  C  CA  . GLY A 1 23  ? -3.594  11.970  -10.420 1.00 18.19 ? 23  GLY A CA  1 
ATOM   197  C  C   . GLY A 1 23  ? -4.099  12.639  -9.153  1.00 18.70 ? 23  GLY A C   1 
ATOM   198  O  O   . GLY A 1 23  ? -4.571  13.792  -9.184  1.00 19.36 ? 23  GLY A O   1 
ATOM   199  N  N   . TYR A 1 24  ? -3.995  11.930  -8.034  1.00 18.69 ? 24  TYR A N   1 
ATOM   200  C  CA  . TYR A 1 24  ? -4.525  12.415  -6.766  1.00 19.50 ? 24  TYR A CA  1 
ATOM   201  C  C   . TYR A 1 24  ? -3.476  13.071  -5.882  1.00 18.37 ? 24  TYR A C   1 
ATOM   202  O  O   . TYR A 1 24  ? -2.392  12.530  -5.702  1.00 18.10 ? 24  TYR A O   1 
ATOM   203  C  CB  . TYR A 1 24  ? -5.174  11.274  -5.975  1.00 21.30 ? 24  TYR A CB  1 
ATOM   204  C  CG  . TYR A 1 24  ? -6.331  10.596  -6.672  1.00 23.45 ? 24  TYR A CG  1 
ATOM   205  C  CD1 . TYR A 1 24  ? -6.454  9.214   -6.641  1.00 25.33 ? 24  TYR A CD1 1 
ATOM   206  C  CD2 . TYR A 1 24  ? -7.277  11.336  -7.379  1.00 26.23 ? 24  TYR A CD2 1 
ATOM   207  C  CE1 . TYR A 1 24  ? -7.500  8.568   -7.284  1.00 26.42 ? 24  TYR A CE1 1 
ATOM   208  C  CE2 . TYR A 1 24  ? -8.340  10.697  -8.038  1.00 28.52 ? 24  TYR A CE2 1 
ATOM   209  C  CZ  . TYR A 1 24  ? -8.436  9.311   -7.974  1.00 26.85 ? 24  TYR A CZ  1 
ATOM   210  O  OH  . TYR A 1 24  ? -9.475  8.638   -8.599  1.00 28.97 ? 24  TYR A OH  1 
ATOM   211  N  N   . TYR A 1 25  ? -3.842  14.202  -5.275  1.00 17.09 ? 25  TYR A N   1 
ATOM   212  C  CA  . TYR A 1 25  ? -2.926  14.904  -4.371  1.00 16.98 ? 25  TYR A CA  1 
ATOM   213  C  C   . TYR A 1 25  ? -2.474  14.066  -3.171  1.00 16.30 ? 25  TYR A C   1 
ATOM   214  O  O   . TYR A 1 25  ? -3.291  13.477  -2.454  1.00 16.64 ? 25  TYR A O   1 
ATOM   215  C  CB  . TYR A 1 25  ? -3.530  16.225  -3.899  1.00 18.40 ? 25  TYR A CB  1 
ATOM   216  C  CG  . TYR A 1 25  ? -3.734  17.239  -4.998  1.00 17.79 ? 25  TYR A CG  1 
ATOM   217  C  CD1 . TYR A 1 25  ? -5.011  17.706  -5.299  1.00 20.75 ? 25  TYR A CD1 1 
ATOM   218  C  CD2 . TYR A 1 25  ? -2.651  17.735  -5.729  1.00 19.92 ? 25  TYR A CD2 1 
ATOM   219  C  CE1 . TYR A 1 25  ? -5.208  18.664  -6.313  1.00 21.15 ? 25  TYR A CE1 1 
ATOM   220  C  CE2 . TYR A 1 25  ? -2.838  18.702  -6.731  1.00 20.35 ? 25  TYR A CE2 1 
ATOM   221  C  CZ  . TYR A 1 25  ? -4.117  19.149  -7.011  1.00 22.04 ? 25  TYR A CZ  1 
ATOM   222  O  OH  . TYR A 1 25  ? -4.295  20.085  -8.013  1.00 23.88 ? 25  TYR A OH  1 
ATOM   223  N  N   . THR A 1 26  ? -1.167  14.073  -2.963  1.00 16.19 ? 26  THR A N   1 
ATOM   224  C  CA  . THR A 1 26  ? -0.490  13.133  -2.077  1.00 15.77 ? 26  THR A CA  1 
ATOM   225  C  C   . THR A 1 26  ? 0.724   13.854  -1.512  1.00 15.67 ? 26  THR A C   1 
ATOM   226  O  O   . THR A 1 26  ? 1.168   14.858  -2.078  1.00 15.62 ? 26  THR A O   1 
ATOM   227  C  CB  . THR A 1 26  ? -0.078  11.883  -2.911  1.00 15.76 ? 26  THR A CB  1 
ATOM   228  O  OG1 . THR A 1 26  ? -1.262  11.260  -3.418  1.00 15.33 ? 26  THR A OG1 1 
ATOM   229  C  CG2 . THR A 1 26  ? 0.723   10.854  -2.096  1.00 16.54 ? 26  THR A CG2 1 
ATOM   230  N  N   . ILE A 1 27  ? 1.275   13.363  -0.407  1.00 15.36 ? 27  ILE A N   1 
ATOM   231  C  CA  . ILE A 1 27  ? 2.529   13.915  0.103   1.00 15.44 ? 27  ILE A CA  1 
ATOM   232  C  C   . ILE A 1 27  ? 3.276   12.839  0.867   1.00 15.44 ? 27  ILE A C   1 
ATOM   233  O  O   . ILE A 1 27  ? 2.691   11.833  1.225   1.00 15.55 ? 27  ILE A O   1 
ATOM   234  C  CB  . ILE A 1 27  ? 2.255   15.164  1.006   1.00 15.96 ? 27  ILE A CB  1 
ATOM   235  C  CG1 . ILE A 1 27  ? 3.509   16.042  1.163   1.00 16.95 ? 27  ILE A CG1 1 
ATOM   236  C  CG2 . ILE A 1 27  ? 1.660   14.737  2.354   1.00 15.93 ? 27  ILE A CG2 1 
ATOM   237  C  CD1 . ILE A 1 27  ? 3.225   17.481  1.662   1.00 16.66 ? 27  ILE A CD1 1 
ATOM   238  N  N   . GLY A 1 28  ? 4.550   13.073  1.137   1.00 15.51 ? 28  GLY A N   1 
ATOM   239  C  CA  . GLY A 1 28  ? 5.300   12.175  2.026   1.00 17.08 ? 28  GLY A CA  1 
ATOM   240  C  C   . GLY A 1 28  ? 5.636   10.869  1.341   1.00 17.13 ? 28  GLY A C   1 
ATOM   241  O  O   . GLY A 1 28  ? 6.155   10.865  0.217   1.00 17.84 ? 28  GLY A O   1 
ATOM   242  N  N   . ILE A 1 29  ? 5.359   9.773   2.048   1.00 16.68 ? 29  ILE A N   1 
ATOM   243  C  CA  . ILE A 1 29  ? 5.562   8.411   1.543   1.00 17.03 ? 29  ILE A CA  1 
ATOM   244  C  C   . ILE A 1 29  ? 4.167   7.842   1.224   1.00 16.74 ? 29  ILE A C   1 
ATOM   245  O  O   . ILE A 1 29  ? 3.596   7.072   1.993   1.00 16.74 ? 29  ILE A O   1 
ATOM   246  C  CB  . ILE A 1 29  ? 6.329   7.568   2.574   1.00 16.92 ? 29  ILE A CB  1 
ATOM   247  C  CG1 . ILE A 1 29  ? 7.624   8.292   2.990   1.00 17.91 ? 29  ILE A CG1 1 
ATOM   248  C  CG2 . ILE A 1 29  ? 6.644   6.178   2.016   1.00 16.04 ? 29  ILE A CG2 1 
ATOM   249  C  CD1 . ILE A 1 29  ? 8.302   7.747   4.246   1.00 18.57 ? 29  ILE A CD1 1 
ATOM   250  N  N   . GLY A 1 30  ? 3.602   8.317   0.117   1.00 17.00 ? 30  GLY A N   1 
ATOM   251  C  CA  . GLY A 1 30  ? 2.303   7.857   -0.368  1.00 16.78 ? 30  GLY A CA  1 
ATOM   252  C  C   . GLY A 1 30  ? 1.135   8.135   0.563   1.00 17.59 ? 30  GLY A C   1 
ATOM   253  O  O   . GLY A 1 30  ? 0.179   7.345   0.634   1.00 17.82 ? 30  GLY A O   1 
ATOM   254  N  N   . HIS A 1 31  ? 1.194   9.274   1.258   1.00 16.85 ? 31  HIS A N   1 
ATOM   255  C  CA  . HIS A 1 31  ? 0.049   9.690   2.060   1.00 17.13 ? 31  HIS A CA  1 
ATOM   256  C  C   . HIS A 1 31  ? -0.975  10.412  1.173   1.00 16.91 ? 31  HIS A C   1 
ATOM   257  O  O   . HIS A 1 31  ? -0.790  11.589  0.838   1.00 17.65 ? 31  HIS A O   1 
ATOM   258  C  CB  . HIS A 1 31  ? 0.453   10.609  3.210   1.00 16.79 ? 31  HIS A CB  1 
ATOM   259  C  CG  . HIS A 1 31  ? -0.720  11.003  4.043   1.00 16.12 ? 31  HIS A CG  1 
ATOM   260  N  ND1 . HIS A 1 31  ? -1.277  10.156  4.975   1.00 16.80 ? 31  HIS A ND1 1 
ATOM   261  C  CD2 . HIS A 1 31  ? -1.506  12.107  4.019   1.00 16.37 ? 31  HIS A CD2 1 
ATOM   262  C  CE1 . HIS A 1 31  ? -2.333  10.735  5.518   1.00 20.46 ? 31  HIS A CE1 1 
ATOM   263  N  NE2 . HIS A 1 31  ? -2.496  11.919  4.954   1.00 18.22 ? 31  HIS A NE2 1 
ATOM   264  N  N   . LEU A 1 32  ? -2.053  9.709   0.815   1.00 17.84 ? 32  LEU A N   1 
ATOM   265  C  CA  . LEU A 1 32  ? -3.129  10.309  0.025   1.00 18.77 ? 32  LEU A CA  1 
ATOM   266  C  C   . LEU A 1 32  ? -3.808  11.426  0.808   1.00 18.60 ? 32  LEU A C   1 
ATOM   267  O  O   . LEU A 1 32  ? -4.212  11.217  1.951   1.00 18.43 ? 32  LEU A O   1 
ATOM   268  C  CB  . LEU A 1 32  ? -4.154  9.231   -0.355  1.00 19.23 ? 32  LEU A CB  1 
ATOM   269  C  CG  . LEU A 1 32  ? -5.371  9.766   -1.106  1.00 21.17 ? 32  LEU A CG  1 
ATOM   270  C  CD1 . LEU A 1 32  ? -4.942  10.202  -2.516  1.00 21.81 ? 32  LEU A CD1 1 
ATOM   271  C  CD2 . LEU A 1 32  ? -6.528  8.758   -1.161  1.00 21.64 ? 32  LEU A CD2 1 
ATOM   272  N  N   . LEU A 1 33  ? -3.950  12.600  0.204   1.00 18.31 ? 33  LEU A N   1 
ATOM   273  C  CA  . LEU A 1 33  ? -4.586  13.730  0.895   1.00 19.08 ? 33  LEU A CA  1 
ATOM   274  C  C   . LEU A 1 33  ? -6.066  13.787  0.543   1.00 20.34 ? 33  LEU A C   1 
ATOM   275  O  O   . LEU A 1 33  ? -6.922  13.877  1.427   1.00 21.39 ? 33  LEU A O   1 
ATOM   276  C  CB  . LEU A 1 33  ? -3.905  15.046  0.533   1.00 18.84 ? 33  LEU A CB  1 
ATOM   277  C  CG  . LEU A 1 33  ? -2.530  15.211  1.178   1.00 17.05 ? 33  LEU A CG  1 
ATOM   278  C  CD1 . LEU A 1 33  ? -1.788  16.324  0.467   1.00 18.47 ? 33  LEU A CD1 1 
ATOM   279  C  CD2 . LEU A 1 33  ? -2.630  15.494  2.678   1.00 16.69 ? 33  LEU A CD2 1 
ATOM   280  N  N   . THR A 1 34  ? -6.354  13.708  -0.752  1.00 21.34 ? 34  THR A N   1 
ATOM   281  C  CA  . THR A 1 34  ? -7.734  13.739  -1.247  1.00 22.60 ? 34  THR A CA  1 
ATOM   282  C  C   . THR A 1 34  ? -7.811  13.286  -2.698  1.00 23.69 ? 34  THR A C   1 
ATOM   283  O  O   . THR A 1 34  ? -6.847  13.429  -3.451  1.00 22.96 ? 34  THR A O   1 
ATOM   284  C  CB  . THR A 1 34  ? -8.343  15.166  -1.140  1.00 22.77 ? 34  THR A CB  1 
ATOM   285  O  OG1 . THR A 1 34  ? -9.701  15.142  -1.600  1.00 23.72 ? 34  THR A OG1 1 
ATOM   286  C  CG2 . THR A 1 34  ? -7.557  16.173  -1.969  1.00 22.35 ? 34  THR A CG2 1 
ATOM   287  N  N   . LYS A 1 35  ? -8.979  12.780  -3.098  1.00 25.08 ? 35  LYS A N   1 
ATOM   288  C  CA  . LYS A 1 35  ? -9.234  12.501  -4.506  1.00 27.55 ? 35  LYS A CA  1 
ATOM   289  C  C   . LYS A 1 35  ? -9.812  13.716  -5.254  1.00 28.07 ? 35  LYS A C   1 
ATOM   290  O  O   . LYS A 1 35  ? -9.962  13.674  -6.481  1.00 28.61 ? 35  LYS A O   1 
ATOM   291  C  CB  . LYS A 1 35  ? -10.100 11.241  -4.675  1.00 27.76 ? 35  LYS A CB  1 
ATOM   292  C  CG  . LYS A 1 35  ? -9.393  9.972   -4.173  1.00 28.40 ? 35  LYS A CG  1 
ATOM   293  C  CD  . LYS A 1 35  ? -10.137 8.693   -4.512  1.00 29.25 ? 35  LYS A CD  1 
ATOM   294  C  CE  . LYS A 1 35  ? -9.375  7.501   -3.957  1.00 31.13 ? 35  LYS A CE  1 
ATOM   295  N  NZ  . LYS A 1 35  ? -10.055 6.210   -4.248  1.00 33.25 ? 35  LYS A NZ  1 
ATOM   296  N  N   . SER A 1 36  ? -10.099 14.794  -4.517  1.00 28.36 ? 36  SER A N   1 
ATOM   297  C  CA  . SER A 1 36  ? -10.569 16.068  -5.082  1.00 29.23 ? 36  SER A CA  1 
ATOM   298  C  C   . SER A 1 36  ? -9.530  16.740  -5.978  1.00 28.90 ? 36  SER A C   1 
ATOM   299  O  O   . SER A 1 36  ? -8.351  16.800  -5.614  1.00 28.26 ? 36  SER A O   1 
ATOM   300  C  CB  . SER A 1 36  ? -10.939 17.047  -3.959  1.00 29.39 ? 36  SER A CB  1 
ATOM   301  O  OG  . SER A 1 36  ? -11.209 18.345  -4.476  1.00 31.41 ? 36  SER A OG  1 
ATOM   302  N  N   . PRO A 1 37  ? -9.966  17.270  -7.140  1.00 29.58 ? 37  PRO A N   1 
ATOM   303  C  CA  . PRO A 1 37  ? -9.086  18.061  -8.016  1.00 29.72 ? 37  PRO A CA  1 
ATOM   304  C  C   . PRO A 1 37  ? -8.743  19.451  -7.459  1.00 29.53 ? 37  PRO A C   1 
ATOM   305  O  O   . PRO A 1 37  ? -7.952  20.186  -8.057  1.00 29.80 ? 37  PRO A O   1 
ATOM   306  C  CB  . PRO A 1 37  ? -9.911  18.202  -9.306  1.00 30.39 ? 37  PRO A CB  1 
ATOM   307  C  CG  . PRO A 1 37  ? -11.343 18.143  -8.826  1.00 30.09 ? 37  PRO A CG  1 
ATOM   308  C  CD  . PRO A 1 37  ? -11.327 17.135  -7.703  1.00 29.87 ? 37  PRO A CD  1 
ATOM   309  N  N   . ASP A 1 38  ? -9.321  19.797  -6.309  1.00 29.64 ? 38  ASP A N   1 
ATOM   310  C  CA  . ASP A 1 38  ? -9.120  21.099  -5.687  1.00 29.14 ? 38  ASP A CA  1 
ATOM   311  C  C   . ASP A 1 38  ? -7.872  21.073  -4.808  1.00 28.15 ? 38  ASP A C   1 
ATOM   312  O  O   . ASP A 1 38  ? -7.864  20.435  -3.752  1.00 28.08 ? 38  ASP A O   1 
ATOM   313  C  CB  . ASP A 1 38  ? -10.363 21.453  -4.858  1.00 29.91 ? 38  ASP A CB  1 
ATOM   314  C  CG  . ASP A 1 38  ? -10.332 22.865  -4.287  1.00 32.31 ? 38  ASP A CG  1 
ATOM   315  O  OD1 . ASP A 1 38  ? -9.306  23.578  -4.386  1.00 34.19 ? 38  ASP A OD1 1 
ATOM   316  O  OD2 . ASP A 1 38  ? -11.378 23.265  -3.722  1.00 37.77 ? 38  ASP A OD2 1 
ATOM   317  N  N   . LEU A 1 39  ? -6.825  21.774  -5.241  1.00 26.87 ? 39  LEU A N   1 
ATOM   318  C  CA  . LEU A 1 39  ? -5.572  21.847  -4.482  1.00 25.67 ? 39  LEU A CA  1 
ATOM   319  C  C   . LEU A 1 39  ? -5.758  22.466  -3.098  1.00 25.27 ? 39  LEU A C   1 
ATOM   320  O  O   . LEU A 1 39  ? -5.068  22.107  -2.135  1.00 24.20 ? 39  LEU A O   1 
ATOM   321  C  CB  . LEU A 1 39  ? -4.495  22.597  -5.261  1.00 25.53 ? 39  LEU A CB  1 
ATOM   322  C  CG  . LEU A 1 39  ? -3.151  22.821  -4.558  1.00 24.84 ? 39  LEU A CG  1 
ATOM   323  C  CD1 . LEU A 1 39  ? -2.399  21.502  -4.269  1.00 24.95 ? 39  LEU A CD1 1 
ATOM   324  C  CD2 . LEU A 1 39  ? -2.296  23.772  -5.371  1.00 25.76 ? 39  LEU A CD2 1 
ATOM   325  N  N   . ASN A 1 40  ? -6.692  23.405  -2.996  1.00 24.80 ? 40  ASN A N   1 
ATOM   326  C  CA  . ASN A 1 40  ? -7.006  23.980  -1.698  1.00 24.63 ? 40  ASN A CA  1 
ATOM   327  C  C   . ASN A 1 40  ? -7.564  22.946  -0.723  1.00 23.84 ? 40  ASN A C   1 
ATOM   328  O  O   . ASN A 1 40  ? -7.270  23.009  0.464   1.00 24.02 ? 40  ASN A O   1 
ATOM   329  C  CB  . ASN A 1 40  ? -7.988  25.141  -1.847  1.00 25.42 ? 40  ASN A CB  1 
ATOM   330  C  CG  . ASN A 1 40  ? -7.341  26.370  -2.445  1.00 27.89 ? 40  ASN A CG  1 
ATOM   331  O  OD1 . ASN A 1 40  ? -6.173  26.669  -2.176  1.00 30.62 ? 40  ASN A OD1 1 
ATOM   332  N  ND2 . ASN A 1 40  ? -8.105  27.108  -3.248  1.00 31.42 ? 40  ASN A ND2 1 
ATOM   333  N  N   . ALA A 1 41  ? -8.385  22.017  -1.221  1.00 23.13 ? 41  ALA A N   1 
ATOM   334  C  CA  . ALA A 1 41  ? -8.940  20.963  -0.367  1.00 22.01 ? 41  ALA A CA  1 
ATOM   335  C  C   . ALA A 1 41  ? -7.804  20.082  0.120   1.00 21.46 ? 41  ALA A C   1 
ATOM   336  O  O   . ALA A 1 41  ? -7.794  19.652  1.282   1.00 20.68 ? 41  ALA A O   1 
ATOM   337  C  CB  . ALA A 1 41  ? -9.980  20.146  -1.108  1.00 22.47 ? 41  ALA A CB  1 
ATOM   338  N  N   . ALA A 1 42  ? -6.837  19.842  -0.762  1.00 20.48 ? 42  ALA A N   1 
ATOM   339  C  CA  . ALA A 1 42  ? -5.672  19.014  -0.431  1.00 19.94 ? 42  ALA A CA  1 
ATOM   340  C  C   . ALA A 1 42  ? -4.819  19.681  0.642   1.00 19.93 ? 42  ALA A C   1 
ATOM   341  O  O   . ALA A 1 42  ? -4.371  19.020  1.593   1.00 19.70 ? 42  ALA A O   1 
ATOM   342  C  CB  . ALA A 1 42  ? -4.834  18.734  -1.694  1.00 20.74 ? 42  ALA A CB  1 
ATOM   343  N  N   . LYS A 1 43  ? -4.615  20.992  0.518   1.00 19.41 ? 43  LYS A N   1 
ATOM   344  C  CA  . LYS A 1 43  ? -3.822  21.741  1.508   1.00 19.97 ? 43  LYS A CA  1 
ATOM   345  C  C   . LYS A 1 43  ? -4.526  21.727  2.873   1.00 19.19 ? 43  LYS A C   1 
ATOM   346  O  O   . LYS A 1 43  ? -3.865  21.616  3.911   1.00 19.53 ? 43  LYS A O   1 
ATOM   347  C  CB  . LYS A 1 43  ? -3.579  23.174  1.038   1.00 20.37 ? 43  LYS A CB  1 
ATOM   348  C  CG  . LYS A 1 43  ? -2.601  23.266  -0.137  1.00 21.85 ? 43  LYS A CG  1 
ATOM   349  C  CD  . LYS A 1 43  ? -2.731  24.609  -0.840  1.00 25.80 ? 43  LYS A CD  1 
ATOM   350  C  CE  . LYS A 1 43  ? -1.394  25.070  -1.402  1.00 28.48 ? 43  LYS A CE  1 
ATOM   351  N  NZ  . LYS A 1 43  ? -0.672  25.931  -0.419  0.50 30.84 ? 43  LYS A NZ  1 
ATOM   352  N  N   . SER A 1 44  ? -5.857  21.803  2.861   1.00 19.49 ? 44  SER A N   1 
ATOM   353  C  CA  . SER A 1 44  ? -6.637  21.756  4.101   1.00 19.67 ? 44  SER A CA  1 
ATOM   354  C  C   . SER A 1 44  ? -6.482  20.387  4.762   1.00 19.07 ? 44  SER A C   1 
ATOM   355  O  O   . SER A 1 44  ? -6.264  20.301  5.974   1.00 19.21 ? 44  SER A O   1 
ATOM   356  C  CB  . SER A 1 44  ? -8.116  22.058  3.831   1.00 20.15 ? 44  SER A CB  1 
ATOM   357  O  OG  . SER A 1 44  ? -8.832  22.194  5.044   1.00 23.20 ? 44  SER A OG  1 
ATOM   358  N  N   . GLU A 1 45  ? -6.589  19.323  3.965   1.00 18.09 ? 45  GLU A N   1 
ATOM   359  C  CA  . GLU A 1 45  ? -6.362  17.966  4.492   1.00 17.34 ? 45  GLU A CA  1 
ATOM   360  C  C   . GLU A 1 45  ? -4.962  17.821  5.085   1.00 17.55 ? 45  GLU A C   1 
ATOM   361  O  O   . GLU A 1 45  ? -4.797  17.175  6.133   1.00 18.10 ? 45  GLU A O   1 
ATOM   362  C  CB  . GLU A 1 45  ? -6.611  16.904  3.420   1.00 17.68 ? 45  GLU A CB  1 
ATOM   363  C  CG  . GLU A 1 45  ? -8.092  16.751  3.043   1.00 17.99 ? 45  GLU A CG  1 
ATOM   364  C  CD  . GLU A 1 45  ? -8.976  16.338  4.221   1.00 20.52 ? 45  GLU A CD  1 
ATOM   365  O  OE1 . GLU A 1 45  ? -8.664  15.343  4.909   1.00 19.18 ? 45  GLU A OE1 1 
ATOM   366  O  OE2 . GLU A 1 45  ? -10.001 17.010  4.453   1.00 23.14 ? 45  GLU A OE2 1 
ATOM   367  N  N   . LEU A 1 46  ? -3.963  18.408  4.426   1.00 17.23 ? 46  LEU A N   1 
ATOM   368  C  CA  . LEU A 1 46  ? -2.592  18.349  4.923   1.00 16.53 ? 46  LEU A CA  1 
ATOM   369  C  C   . LEU A 1 46  ? -2.460  19.027  6.276   1.00 17.69 ? 46  LEU A C   1 
ATOM   370  O  O   . LEU A 1 46  ? -1.905  18.460  7.207   1.00 18.95 ? 46  LEU A O   1 
ATOM   371  C  CB  . LEU A 1 46  ? -1.629  18.995  3.921   1.00 16.43 ? 46  LEU A CB  1 
ATOM   372  C  CG  . LEU A 1 46  ? -0.172  18.993  4.349   1.00 15.28 ? 46  LEU A CG  1 
ATOM   373  C  CD1 . LEU A 1 46  ? 0.311   17.538  4.545   1.00 16.13 ? 46  LEU A CD1 1 
ATOM   374  C  CD2 . LEU A 1 46  ? 0.690   19.683  3.312   1.00 17.46 ? 46  LEU A CD2 1 
ATOM   375  N  N   . ASP A 1 47  ? -2.977  20.248  6.378   1.00 17.77 ? 47  ASP A N   1 
ATOM   376  C  CA  . ASP A 1 47  ? -2.936  20.977  7.634   1.00 18.03 ? 47  ASP A CA  1 
ATOM   377  C  C   . ASP A 1 47  ? -3.637  20.210  8.759   1.00 17.50 ? 47  ASP A C   1 
ATOM   378  O  O   . ASP A 1 47  ? -3.173  20.213  9.901   1.00 19.44 ? 47  ASP A O   1 
ATOM   379  C  CB  . ASP A 1 47  ? -3.569  22.353  7.437   1.00 18.25 ? 47  ASP A CB  1 
ATOM   380  C  CG  . ASP A 1 47  ? -2.774  23.222  6.479   1.00 19.56 ? 47  ASP A CG  1 
ATOM   381  O  OD1 . ASP A 1 47  ? -1.625  22.867  6.121   1.00 21.18 ? 47  ASP A OD1 1 
ATOM   382  O  OD2 . ASP A 1 47  ? -3.310  24.297  6.111   1.00 23.25 ? 47  ASP A OD2 1 
ATOM   383  N  N   . LYS A 1 48  ? -4.736  19.553  8.417   1.00 17.80 ? 48  LYS A N   1 
ATOM   384  C  CA  . LYS A 1 48  ? -5.517  18.783  9.386   1.00 17.00 ? 48  LYS A CA  1 
ATOM   385  C  C   . LYS A 1 48  ? -4.680  17.597  9.863   1.00 16.90 ? 48  LYS A C   1 
ATOM   386  O  O   . LYS A 1 48  ? -4.648  17.292  11.053  1.00 18.00 ? 48  LYS A O   1 
ATOM   387  C  CB  . LYS A 1 48  ? -6.808  18.293  8.741   1.00 18.13 ? 48  LYS A CB  1 
ATOM   388  C  CG  . LYS A 1 48  ? -7.739  17.498  9.647   1.00 17.11 ? 48  LYS A CG  1 
ATOM   389  C  CD  . LYS A 1 48  ? -9.202  17.560  9.151   1.00 19.91 ? 48  LYS A CD  1 
ATOM   390  C  CE  . LYS A 1 48  ? -9.372  17.069  7.719   1.00 20.33 ? 48  LYS A CE  1 
ATOM   391  N  NZ  . LYS A 1 48  ? -9.282  15.598  7.590   1.00 19.46 ? 48  LYS A NZ  1 
ATOM   392  N  N   . ALA A 1 49  ? -4.011  16.937  8.923   1.00 16.89 ? 49  ALA A N   1 
ATOM   393  C  CA  . ALA A 1 49  ? -3.226  15.741  9.255   1.00 17.92 ? 49  ALA A CA  1 
ATOM   394  C  C   . ALA A 1 49  ? -1.971  16.044  10.086  1.00 18.31 ? 49  ALA A C   1 
ATOM   395  O  O   . ALA A 1 49  ? -1.563  15.240  10.936  1.00 18.42 ? 49  ALA A O   1 
ATOM   396  C  CB  . ALA A 1 49  ? -2.842  15.015  7.968   1.00 17.53 ? 49  ALA A CB  1 
ATOM   397  N  N   . ILE A 1 50  ? -1.348  17.188  9.836   1.00 18.79 ? 50  ILE A N   1 
ATOM   398  C  CA  . ILE A 1 50  ? -0.092  17.548  10.519  1.00 19.23 ? 50  ILE A CA  1 
ATOM   399  C  C   . ILE A 1 50  ? -0.328  18.372  11.793  1.00 20.02 ? 50  ILE A C   1 
ATOM   400  O  O   . ILE A 1 50  ? 0.483   18.344  12.738  1.00 20.70 ? 50  ILE A O   1 
ATOM   401  C  CB  . ILE A 1 50  ? 0.832   18.312  9.555   1.00 19.09 ? 50  ILE A CB  1 
ATOM   402  C  CG1 . ILE A 1 50  ? 1.136   17.450  8.328   1.00 20.48 ? 50  ILE A CG1 1 
ATOM   403  C  CG2 . ILE A 1 50  ? 2.124   18.762  10.235  1.00 18.35 ? 50  ILE A CG2 1 
ATOM   404  C  CD1 . ILE A 1 50  ? 1.954   16.198  8.636   1.00 20.05 ? 50  ILE A CD1 1 
ATOM   405  N  N   . GLY A 1 51  ? -1.433  19.113  11.792  1.00 20.73 ? 51  GLY A N   1 
ATOM   406  C  CA  . GLY A 1 51  ? -1.817  19.938  12.938  1.00 22.49 ? 51  GLY A CA  1 
ATOM   407  C  C   . GLY A 1 51  ? -1.229  21.341  12.940  1.00 23.40 ? 51  GLY A C   1 
ATOM   408  O  O   . GLY A 1 51  ? -1.163  21.991  13.992  1.00 25.32 ? 51  GLY A O   1 
ATOM   409  N  N   . ARG A 1 52  ? -0.800  21.822  11.774  1.00 22.96 ? 52  ARG A N   1 
ATOM   410  C  CA  . ARG A 1 52  ? -0.269  23.181  11.652  1.00 23.35 ? 52  ARG A CA  1 
ATOM   411  C  C   . ARG A 1 52  ? -0.548  23.652  10.238  1.00 22.88 ? 52  ARG A C   1 
ATOM   412  O  O   . ARG A 1 52  ? -0.977  22.848  9.396   1.00 22.49 ? 52  ARG A O   1 
ATOM   413  C  CB  . ARG A 1 52  ? 1.243   23.231  11.965  1.00 23.66 ? 52  ARG A CB  1 
ATOM   414  C  CG  . ARG A 1 52  ? 2.129   22.420  11.005  1.00 24.15 ? 52  ARG A CG  1 
ATOM   415  C  CD  . ARG A 1 52  ? 3.634   22.552  11.305  1.00 24.91 ? 52  ARG A CD  1 
ATOM   416  N  NE  . ARG A 1 52  ? 4.384   21.816  10.291  1.00 26.35 ? 52  ARG A NE  1 
ATOM   417  C  CZ  . ARG A 1 52  ? 4.796   22.340  9.137   1.00 25.96 ? 52  ARG A CZ  1 
ATOM   418  N  NH1 . ARG A 1 52  ? 4.573   23.623  8.858   1.00 27.32 ? 52  ARG A NH1 1 
ATOM   419  N  NH2 . ARG A 1 52  ? 5.435   21.584  8.258   1.00 24.78 ? 52  ARG A NH2 1 
ATOM   420  N  N   . ASN A 1 53  ? -0.333  24.945  9.983   1.00 23.12 ? 53  ASN A N   1 
ATOM   421  C  CA  . ASN A 1 53  ? -0.423  25.487  8.630   1.00 23.09 ? 53  ASN A CA  1 
ATOM   422  C  C   . ASN A 1 53  ? 0.852   25.182  7.856   1.00 22.60 ? 53  ASN A C   1 
ATOM   423  O  O   . ASN A 1 53  ? 1.911   25.763  8.120   1.00 22.88 ? 53  ASN A O   1 
ATOM   424  C  CB  . ASN A 1 53  ? -0.671  27.011  8.666   1.00 23.29 ? 53  ASN A CB  1 
ATOM   425  C  CG  . ASN A 1 53  ? -2.144  27.365  8.723   0.50 24.57 ? 53  ASN A CG  1 
ATOM   426  O  OD1 . ASN A 1 53  ? -2.930  26.725  9.422   0.50 26.28 ? 53  ASN A OD1 1 
ATOM   427  N  ND2 . ASN A 1 53  ? -2.528  28.395  7.973   0.50 27.14 ? 53  ASN A ND2 1 
ATOM   428  N  N   . CYS A 1 54  ? 0.754   24.252  6.907   1.00 22.20 ? 54  CYS A N   1 
ATOM   429  C  CA  . CYS A 1 54  ? 1.931   23.738  6.223   1.00 22.30 ? 54  CYS A CA  1 
ATOM   430  C  C   . CYS A 1 54  ? 2.189   24.429  4.898   1.00 22.16 ? 54  CYS A C   1 
ATOM   431  O  O   . CYS A 1 54  ? 3.303   24.359  4.382   1.00 22.54 ? 54  CYS A O   1 
ATOM   432  C  CB  . CYS A 1 54  ? 1.815   22.227  5.977   1.00 22.31 ? 54  CYS A CB  1 
ATOM   433  S  SG  . CYS A 1 54  ? 1.716   21.205  7.471   1.00 21.89 ? 54  CYS A SG  1 
ATOM   434  N  N   . ASN A 1 55  ? 1.161   25.077  4.346   1.00 22.23 ? 55  ASN A N   1 
ATOM   435  C  CA  . ASN A 1 55  ? 1.246   25.661  2.998   1.00 22.94 ? 55  ASN A CA  1 
ATOM   436  C  C   . ASN A 1 55  ? 1.896   24.679  2.002   1.00 22.41 ? 55  ASN A C   1 
ATOM   437  O  O   . ASN A 1 55  ? 2.842   25.018  1.256   1.00 23.58 ? 55  ASN A O   1 
ATOM   438  C  CB  . ASN A 1 55  ? 1.961   27.019  3.043   1.00 23.60 ? 55  ASN A CB  1 
ATOM   439  C  CG  . ASN A 1 55  ? 1.181   28.051  3.851   0.50 23.18 ? 55  ASN A CG  1 
ATOM   440  O  OD1 . ASN A 1 55  ? 1.514   28.340  4.998   0.50 25.08 ? 55  ASN A OD1 1 
ATOM   441  N  ND2 . ASN A 1 55  ? 0.113   28.577  3.263   0.50 24.16 ? 55  ASN A ND2 1 
ATOM   442  N  N   . GLY A 1 56  ? 1.413   23.436  2.048   1.00 21.79 ? 56  GLY A N   1 
ATOM   443  C  CA  . GLY A 1 56  ? 1.792   22.393  1.079   1.00 20.61 ? 56  GLY A CA  1 
ATOM   444  C  C   . GLY A 1 56  ? 3.170   21.749  1.200   1.00 20.30 ? 56  GLY A C   1 
ATOM   445  O  O   . GLY A 1 56  ? 3.598   21.036  0.290   1.00 19.52 ? 56  GLY A O   1 
ATOM   446  N  N   . VAL A 1 57  ? 3.881   22.019  2.292   1.00 20.09 ? 57  VAL A N   1 
ATOM   447  C  CA  . VAL A 1 57  ? 5.220   21.461  2.519   1.00 20.47 ? 57  VAL A CA  1 
ATOM   448  C  C   . VAL A 1 57  ? 5.336   20.878  3.924   1.00 20.21 ? 57  VAL A C   1 
ATOM   449  O  O   . VAL A 1 57  ? 4.874   21.463  4.890   1.00 20.15 ? 57  VAL A O   1 
ATOM   450  C  CB  . VAL A 1 57  ? 6.336   22.530  2.296   1.00 21.26 ? 57  VAL A CB  1 
ATOM   451  C  CG1 . VAL A 1 57  ? 7.732   21.921  2.500   1.00 22.58 ? 57  VAL A CG1 1 
ATOM   452  C  CG2 . VAL A 1 57  ? 6.215   23.139  0.909   1.00 22.65 ? 57  VAL A CG2 1 
ATOM   453  N  N   . ILE A 1 58  ? 5.952   19.707  4.020   1.00 19.48 ? 58  ILE A N   1 
ATOM   454  C  CA  . ILE A 1 58  ? 6.225   19.066  5.307   1.00 20.04 ? 58  ILE A CA  1 
ATOM   455  C  C   . ILE A 1 58  ? 7.705   18.667  5.412   1.00 20.04 ? 58  ILE A C   1 
ATOM   456  O  O   . ILE A 1 58  ? 8.457   18.735  4.438   1.00 19.86 ? 58  ILE A O   1 
ATOM   457  C  CB  . ILE A 1 58  ? 5.303   17.842  5.561   1.00 19.74 ? 58  ILE A CB  1 
ATOM   458  C  CG1 . ILE A 1 58  ? 5.531   16.735  4.511   1.00 19.47 ? 58  ILE A CG1 1 
ATOM   459  C  CG2 . ILE A 1 58  ? 3.831   18.282  5.633   1.00 20.44 ? 58  ILE A CG2 1 
ATOM   460  C  CD1 . ILE A 1 58  ? 4.818   15.407  4.852   1.00 19.58 ? 58  ILE A CD1 1 
ATOM   461  N  N   . THR A 1 59  ? 8.123   18.260  6.603   1.00 20.33 ? 59  THR A N   1 
ATOM   462  C  CA  . THR A 1 59  ? 9.493   17.810  6.822   1.00 20.23 ? 59  THR A CA  1 
ATOM   463  C  C   . THR A 1 59  ? 9.547   16.281  6.722   1.00 20.26 ? 59  THR A C   1 
ATOM   464  O  O   . THR A 1 59  ? 8.497   15.612  6.713   1.00 19.93 ? 59  THR A O   1 
ATOM   465  C  CB  . THR A 1 59  ? 9.957   18.215  8.213   1.00 20.58 ? 59  THR A CB  1 
ATOM   466  O  OG1 . THR A 1 59  ? 9.165   17.500  9.177   1.00 21.41 ? 59  THR A OG1 1 
ATOM   467  C  CG2 . THR A 1 59  ? 9.798   19.735  8.414   1.00 21.72 ? 59  THR A CG2 1 
ATOM   468  N  N   . LYS A 1 60  ? 10.759  15.732  6.676   1.00 20.40 ? 60  LYS A N   1 
ATOM   469  C  CA  . LYS A 1 60  ? 10.952  14.288  6.593   1.00 20.12 ? 60  LYS A CA  1 
ATOM   470  C  C   . LYS A 1 60  ? 10.368  13.597  7.822   1.00 19.73 ? 60  LYS A C   1 
ATOM   471  O  O   . LYS A 1 60  ? 9.691   12.573  7.698   1.00 19.40 ? 60  LYS A O   1 
ATOM   472  C  CB  . LYS A 1 60  ? 12.439  13.958  6.426   1.00 20.12 ? 60  LYS A CB  1 
ATOM   473  C  CG  . LYS A 1 60  ? 12.710  12.476  6.209   1.00 21.91 ? 60  LYS A CG  1 
ATOM   474  C  CD  . LYS A 1 60  ? 14.181  12.212  5.954   1.00 24.52 ? 60  LYS A CD  1 
ATOM   475  C  CE  . LYS A 1 60  ? 14.423  10.741  5.666   1.00 27.69 ? 60  LYS A CE  1 
ATOM   476  N  NZ  . LYS A 1 60  ? 15.835  10.350  5.949   0.50 29.60 ? 60  LYS A NZ  1 
ATOM   477  N  N   . ASP A 1 61  ? 10.617  14.166  9.004   1.00 19.54 ? 61  ASP A N   1 
ATOM   478  C  CA  . ASP A 1 61  ? 10.073  13.598  10.239  1.00 19.74 ? 61  ASP A CA  1 
ATOM   479  C  C   . ASP A 1 61  ? 8.556   13.536  10.149  1.00 18.62 ? 61  ASP A C   1 
ATOM   480  O  O   . ASP A 1 61  ? 7.945   12.540  10.551  1.00 18.99 ? 61  ASP A O   1 
ATOM   481  C  CB  . ASP A 1 61  ? 10.482  14.419  11.465  1.00 20.69 ? 61  ASP A CB  1 
ATOM   482  C  CG  . ASP A 1 61  ? 11.954  14.263  11.819  1.00 24.45 ? 61  ASP A CG  1 
ATOM   483  O  OD1 . ASP A 1 61  ? 12.386  14.897  12.809  1.00 29.16 ? 61  ASP A OD1 1 
ATOM   484  O  OD2 . ASP A 1 61  ? 12.676  13.506  11.131  1.00 26.87 ? 61  ASP A OD2 1 
ATOM   485  N  N   . GLU A 1 62  ? 7.940   14.617  9.655   1.00 17.25 ? 62  GLU A N   1 
ATOM   486  C  CA  . GLU A 1 62  ? 6.483   14.640  9.537   1.00 16.96 ? 62  GLU A CA  1 
ATOM   487  C  C   . GLU A 1 62  ? 5.990   13.605  8.538   1.00 16.41 ? 62  GLU A C   1 
ATOM   488  O  O   . GLU A 1 62  ? 4.956   12.985  8.752   1.00 16.66 ? 62  GLU A O   1 
ATOM   489  C  CB  . GLU A 1 62  ? 6.006   16.036  9.134   1.00 16.19 ? 62  GLU A CB  1 
ATOM   490  C  CG  . GLU A 1 62  ? 6.126   17.044  10.285  1.00 17.49 ? 62  GLU A CG  1 
ATOM   491  C  CD  . GLU A 1 62  ? 5.852   18.488  9.878   1.00 19.04 ? 62  GLU A CD  1 
ATOM   492  O  OE1 . GLU A 1 62  ? 6.004   18.851  8.688   1.00 21.83 ? 62  GLU A OE1 1 
ATOM   493  O  OE2 . GLU A 1 62  ? 5.512   19.281  10.788  1.00 21.58 ? 62  GLU A OE2 1 
ATOM   494  N  N   . ALA A 1 63  ? 6.697   13.459  7.420   1.00 16.90 ? 63  ALA A N   1 
ATOM   495  C  CA  . ALA A 1 63  ? 6.361   12.428  6.427   1.00 16.36 ? 63  ALA A CA  1 
ATOM   496  C  C   . ALA A 1 63  ? 6.401   11.022  7.042   1.00 16.80 ? 63  ALA A C   1 
ATOM   497  O  O   . ALA A 1 63  ? 5.489   10.199  6.829   1.00 16.98 ? 63  ALA A O   1 
ATOM   498  C  CB  . ALA A 1 63  ? 7.299   12.522  5.241   1.00 16.98 ? 63  ALA A CB  1 
ATOM   499  N  N   . GLU A 1 64  ? 7.437   10.771  7.836   1.00 16.84 ? 64  GLU A N   1 
ATOM   500  C  CA  . GLU A 1 64  ? 7.622   9.448   8.432   1.00 17.44 ? 64  GLU A CA  1 
ATOM   501  C  C   . GLU A 1 64  ? 6.566   9.206   9.510   1.00 17.10 ? 64  GLU A C   1 
ATOM   502  O  O   . GLU A 1 64  ? 6.137   8.074   9.734   1.00 17.48 ? 64  GLU A O   1 
ATOM   503  C  CB  . GLU A 1 64  ? 9.043   9.291   8.973   1.00 17.33 ? 64  GLU A CB  1 
ATOM   504  C  CG  . GLU A 1 64  ? 10.092  9.224   7.851   1.00 17.08 ? 64  GLU A CG  1 
ATOM   505  C  CD  . GLU A 1 64  ? 11.520  9.305   8.352   1.00 19.94 ? 64  GLU A CD  1 
ATOM   506  O  OE1 . GLU A 1 64  ? 11.754  9.776   9.487   1.00 21.33 ? 64  GLU A OE1 1 
ATOM   507  O  OE2 . GLU A 1 64  ? 12.417  8.906   7.584   1.00 23.19 ? 64  GLU A OE2 1 
ATOM   508  N  N   . LYS A 1 65  ? 6.118   10.283  10.156  1.00 16.43 ? 65  LYS A N   1 
ATOM   509  C  CA  . LYS A 1 65  ? 5.068   10.146  11.164  1.00 16.96 ? 65  LYS A CA  1 
ATOM   510  C  C   . LYS A 1 65  ? 3.745   9.722   10.515  1.00 16.24 ? 65  LYS A C   1 
ATOM   511  O  O   . LYS A 1 65  ? 3.084   8.793   10.980  1.00 16.25 ? 65  LYS A O   1 
ATOM   512  C  CB  . LYS A 1 65  ? 4.897   11.435  11.978  1.00 17.39 ? 65  LYS A CB  1 
ATOM   513  C  CG  . LYS A 1 65  ? 3.906   11.273  13.106  1.00 19.67 ? 65  LYS A CG  1 
ATOM   514  C  CD  . LYS A 1 65  ? 3.791   12.504  13.980  1.00 21.63 ? 65  LYS A CD  1 
ATOM   515  C  CE  . LYS A 1 65  ? 2.905   12.160  15.181  1.00 26.42 ? 65  LYS A CE  1 
ATOM   516  N  NZ  . LYS A 1 65  ? 2.989   13.154  16.246  1.00 29.43 ? 65  LYS A NZ  1 
ATOM   517  N  N   . LEU A 1 66  ? 3.360   10.397  9.423   1.00 16.29 ? 66  LEU A N   1 
ATOM   518  C  CA  . LEU A 1 66  ? 2.169   9.990   8.655   1.00 16.67 ? 66  LEU A CA  1 
ATOM   519  C  C   . LEU A 1 66  ? 2.313   8.566   8.137   1.00 16.47 ? 66  LEU A C   1 
ATOM   520  O  O   . LEU A 1 66  ? 1.351   7.799   8.161   1.00 16.32 ? 66  LEU A O   1 
ATOM   521  C  CB  . LEU A 1 66  ? 1.928   10.953  7.478   1.00 17.55 ? 66  LEU A CB  1 
ATOM   522  C  CG  . LEU A 1 66  ? 1.584   12.419  7.829   1.00 18.74 ? 66  LEU A CG  1 
ATOM   523  C  CD1 . LEU A 1 66  ? 1.367   13.234  6.542   1.00 23.12 ? 66  LEU A CD1 1 
ATOM   524  C  CD2 . LEU A 1 66  ? 0.380   12.528  8.772   1.00 22.05 ? 66  LEU A CD2 1 
ATOM   525  N  N   . PHE A 1 67  ? 3.516   8.225   7.671   1.00 16.63 ? 67  PHE A N   1 
ATOM   526  C  CA  . PHE A 1 67  ? 3.815   6.882   7.141   1.00 17.23 ? 67  PHE A CA  1 
ATOM   527  C  C   . PHE A 1 67  ? 3.556   5.811   8.214   1.00 17.43 ? 67  PHE A C   1 
ATOM   528  O  O   . PHE A 1 67  ? 2.864   4.839   7.951   1.00 17.56 ? 67  PHE A O   1 
ATOM   529  C  CB  . PHE A 1 67  ? 5.251   6.852   6.601   1.00 17.56 ? 67  PHE A CB  1 
ATOM   530  C  CG  . PHE A 1 67  ? 5.634   5.570   5.897   1.00 19.23 ? 67  PHE A CG  1 
ATOM   531  C  CD1 . PHE A 1 67  ? 4.730   4.912   5.057   1.00 17.31 ? 67  PHE A CD1 1 
ATOM   532  C  CD2 . PHE A 1 67  ? 6.934   5.071   6.027   1.00 19.80 ? 67  PHE A CD2 1 
ATOM   533  C  CE1 . PHE A 1 67  ? 5.106   3.737   4.381   1.00 20.27 ? 67  PHE A CE1 1 
ATOM   534  C  CE2 . PHE A 1 67  ? 7.334   3.912   5.352   1.00 19.84 ? 67  PHE A CE2 1 
ATOM   535  C  CZ  . PHE A 1 67  ? 6.410   3.237   4.537   1.00 19.09 ? 67  PHE A CZ  1 
ATOM   536  N  N   . ASN A 1 68  ? 4.073   6.019   9.427   1.00 17.03 ? 68  ASN A N   1 
ATOM   537  C  CA  A ASN A 1 68  ? 3.846   5.066   10.511  0.50 16.88 ? 68  ASN A CA  1 
ATOM   538  C  CA  B ASN A 1 68  ? 3.855   5.100   10.547  0.50 17.51 ? 68  ASN A CA  1 
ATOM   539  C  C   . ASN A 1 68  ? 2.361   4.934   10.827  1.00 17.06 ? 68  ASN A C   1 
ATOM   540  O  O   . ASN A 1 68  ? 1.843   3.828   10.998  1.00 17.18 ? 68  ASN A O   1 
ATOM   541  C  CB  A ASN A 1 68  ? 4.619   5.482   11.755  0.50 16.80 ? 68  ASN A CB  1 
ATOM   542  C  CB  B ASN A 1 68  ? 4.561   5.627   11.805  0.50 17.86 ? 68  ASN A CB  1 
ATOM   543  C  CG  A ASN A 1 68  ? 4.763   4.351   12.773  0.50 15.64 ? 68  ASN A CG  1 
ATOM   544  C  CG  B ASN A 1 68  ? 6.077   5.409   11.787  0.50 19.68 ? 68  ASN A CG  1 
ATOM   545  O  OD1 A ASN A 1 68  ? 3.924   3.441   12.867  0.50 18.55 ? 68  ASN A OD1 1 
ATOM   546  O  OD1 B ASN A 1 68  ? 6.845   6.264   12.234  0.50 22.76 ? 68  ASN A OD1 1 
ATOM   547  N  ND2 A ASN A 1 68  ? 5.836   4.416   13.548  0.50 15.21 ? 68  ASN A ND2 1 
ATOM   548  N  ND2 B ASN A 1 68  ? 6.512   4.253   11.297  0.50 20.09 ? 68  ASN A ND2 1 
ATOM   549  N  N   . GLN A 1 69  ? 1.656   6.062   10.894  1.00 16.08 ? 69  GLN A N   1 
ATOM   550  C  CA  . GLN A 1 69  ? 0.220   6.008   11.100  1.00 16.32 ? 69  GLN A CA  1 
ATOM   551  C  C   . GLN A 1 69  ? -0.482  5.205   9.991   1.00 16.51 ? 69  GLN A C   1 
ATOM   552  O  O   . GLN A 1 69  ? -1.368  4.405   10.265  1.00 17.51 ? 69  GLN A O   1 
ATOM   553  C  CB  . GLN A 1 69  ? -0.364  7.430   11.177  1.00 15.69 ? 69  GLN A CB  1 
ATOM   554  C  CG  . GLN A 1 69  ? 0.077   8.163   12.438  1.00 16.08 ? 69  GLN A CG  1 
ATOM   555  C  CD  . GLN A 1 69  ? -0.404  9.586   12.583  1.00 17.50 ? 69  GLN A CD  1 
ATOM   556  O  OE1 . GLN A 1 69  ? -0.255  10.167  13.668  1.00 18.40 ? 69  GLN A OE1 1 
ATOM   557  N  NE2 . GLN A 1 69  ? -0.964  10.169  11.504  1.00 19.51 ? 69  GLN A NE2 1 
ATOM   558  N  N   . ASP A 1 70  ? -0.083  5.452   8.745   1.00 16.65 ? 70  ASP A N   1 
ATOM   559  C  CA  . ASP A 1 70  ? -0.747  4.874   7.575   1.00 17.42 ? 70  ASP A CA  1 
ATOM   560  C  C   . ASP A 1 70  ? -0.512  3.362   7.483   1.00 17.37 ? 70  ASP A C   1 
ATOM   561  O  O   . ASP A 1 70  ? -1.463  2.621   7.210   1.00 18.81 ? 70  ASP A O   1 
ATOM   562  C  CB  . ASP A 1 70  ? -0.257  5.556   6.295   1.00 16.58 ? 70  ASP A CB  1 
ATOM   563  C  CG  . ASP A 1 70  ? -0.793  6.983   6.136   1.00 16.20 ? 70  ASP A CG  1 
ATOM   564  O  OD1 . ASP A 1 70  ? -1.699  7.382   6.879   1.00 17.32 ? 70  ASP A OD1 1 
ATOM   565  O  OD2 . ASP A 1 70  ? -0.293  7.703   5.243   1.00 17.11 ? 70  ASP A OD2 1 
ATOM   566  N  N   . VAL A 1 71  ? 0.725   2.927   7.733   1.00 17.87 ? 71  VAL A N   1 
ATOM   567  C  CA  . VAL A 1 71  ? 1.073   1.481   7.737   1.00 18.43 ? 71  VAL A CA  1 
ATOM   568  C  C   . VAL A 1 71  ? 0.297   0.751   8.849   1.00 18.08 ? 71  VAL A C   1 
ATOM   569  O  O   . VAL A 1 71  ? -0.357  -0.265  8.608   1.00 18.72 ? 71  VAL A O   1 
ATOM   570  C  CB  . VAL A 1 71  ? 2.587   1.252   7.921   1.00 18.07 ? 71  VAL A CB  1 
ATOM   571  C  CG1 . VAL A 1 71  ? 2.896   -0.259  8.073   1.00 20.03 ? 71  VAL A CG1 1 
ATOM   572  C  CG2 . VAL A 1 71  ? 3.389   1.844   6.760   1.00 20.30 ? 71  VAL A CG2 1 
ATOM   573  N  N   . ASP A 1 72  ? 0.337   1.306   10.056  1.00 18.63 ? 72  ASP A N   1 
ATOM   574  C  CA  A ASP A 1 72  ? -0.411  0.751   11.176  0.50 19.26 ? 72  ASP A CA  1 
ATOM   575  C  CA  B ASP A 1 72  ? -0.409  0.734   11.174  0.50 19.05 ? 72  ASP A CA  1 
ATOM   576  C  C   . ASP A 1 72  ? -1.906  0.622   10.882  1.00 19.52 ? 72  ASP A C   1 
ATOM   577  O  O   . ASP A 1 72  ? -2.520  -0.415  11.118  1.00 19.83 ? 72  ASP A O   1 
ATOM   578  C  CB  A ASP A 1 72  ? -0.199  1.620   12.407  0.50 19.54 ? 72  ASP A CB  1 
ATOM   579  C  CB  B ASP A 1 72  ? -0.157  1.542   12.447  0.50 19.15 ? 72  ASP A CB  1 
ATOM   580  C  CG  A ASP A 1 72  ? -0.716  0.973   13.665  0.50 21.86 ? 72  ASP A CG  1 
ATOM   581  C  CG  B ASP A 1 72  ? 1.189   1.216   13.096  0.50 20.55 ? 72  ASP A CG  1 
ATOM   582  O  OD1 A ASP A 1 72  ? -0.551  -0.256  13.824  0.50 24.76 ? 72  ASP A OD1 1 
ATOM   583  O  OD1 B ASP A 1 72  ? 2.130   0.793   12.391  0.50 22.13 ? 72  ASP A OD1 1 
ATOM   584  O  OD2 A ASP A 1 72  ? -1.289  1.693   14.494  0.50 26.05 ? 72  ASP A OD2 1 
ATOM   585  O  OD2 B ASP A 1 72  ? 1.307   1.392   14.327  0.50 23.31 ? 72  ASP A OD2 1 
ATOM   586  N  N   . ALA A 1 73  ? -2.507  1.691   10.376  1.00 19.35 ? 73  ALA A N   1 
ATOM   587  C  CA  . ALA A 1 73  ? -3.938  1.646   10.119  1.00 20.08 ? 73  ALA A CA  1 
ATOM   588  C  C   . ALA A 1 73  ? -4.277  0.612   9.040   1.00 20.30 ? 73  ALA A C   1 
ATOM   589  O  O   . ALA A 1 73  ? -5.356  0.006   9.080   1.00 20.72 ? 73  ALA A O   1 
ATOM   590  C  CB  . ALA A 1 73  ? -4.465  3.020   9.724   1.00 20.66 ? 73  ALA A CB  1 
ATOM   591  N  N   . ALA A 1 74  ? -3.381  0.439   8.066   1.00 19.77 ? 74  ALA A N   1 
ATOM   592  C  CA  . ALA A 1 74  ? -3.577  -0.569  7.015   1.00 20.33 ? 74  ALA A CA  1 
ATOM   593  C  C   . ALA A 1 74  ? -3.649  -1.970  7.627   1.00 20.30 ? 74  ALA A C   1 
ATOM   594  O  O   . ALA A 1 74  ? -4.544  -2.753  7.289   1.00 20.68 ? 74  ALA A O   1 
ATOM   595  C  CB  . ALA A 1 74  ? -2.466  -0.515  5.982   1.00 20.01 ? 74  ALA A CB  1 
ATOM   596  N  N   . VAL A 1 75  ? -2.694  -2.274  8.506   1.00 20.45 ? 75  VAL A N   1 
ATOM   597  C  CA  . VAL A 1 75  ? -2.679  -3.581  9.166   1.00 19.95 ? 75  VAL A CA  1 
ATOM   598  C  C   . VAL A 1 75  ? -3.947  -3.761  10.002  1.00 20.04 ? 75  VAL A C   1 
ATOM   599  O  O   . VAL A 1 75  ? -4.610  -4.793  9.919   1.00 21.01 ? 75  VAL A O   1 
ATOM   600  C  CB  . VAL A 1 75  ? -1.441  -3.772  10.055  1.00 20.02 ? 75  VAL A CB  1 
ATOM   601  C  CG1 . VAL A 1 75  ? -1.523  -5.122  10.800  1.00 21.05 ? 75  VAL A CG1 1 
ATOM   602  C  CG2 . VAL A 1 75  ? -0.167  -3.695  9.222   1.00 18.32 ? 75  VAL A CG2 1 
ATOM   603  N  N   . ARG A 1 76  ? -4.287  -2.754  10.806  1.00 20.20 ? 76  ARG A N   1 
ATOM   604  C  CA  . ARG A 1 76  ? -5.451  -2.868  11.680  1.00 20.03 ? 76  ARG A CA  1 
ATOM   605  C  C   . ARG A 1 76  ? -6.738  -3.042  10.875  1.00 20.06 ? 76  ARG A C   1 
ATOM   606  O  O   . ARG A 1 76  ? -7.637  -3.745  11.302  1.00 19.64 ? 76  ARG A O   1 
ATOM   607  C  CB  . ARG A 1 76  ? -5.543  -1.689  12.652  1.00 20.43 ? 76  ARG A CB  1 
ATOM   608  C  CG  . ARG A 1 76  ? -4.385  -1.619  13.647  1.00 20.44 ? 76  ARG A CG  1 
ATOM   609  C  CD  . ARG A 1 76  ? -4.332  -2.847  14.592  1.00 19.45 ? 76  ARG A CD  1 
ATOM   610  N  NE  . ARG A 1 76  ? -5.469  -2.966  15.526  1.00 21.75 ? 76  ARG A NE  1 
ATOM   611  C  CZ  . ARG A 1 76  ? -5.590  -2.300  16.682  1.00 20.37 ? 76  ARG A CZ  1 
ATOM   612  N  NH1 . ARG A 1 76  ? -4.648  -1.446  17.079  1.00 22.34 ? 76  ARG A NH1 1 
ATOM   613  N  NH2 . ARG A 1 76  ? -6.652  -2.508  17.455  1.00 22.20 ? 76  ARG A NH2 1 
ATOM   614  N  N   . GLY A 1 77  ? -6.817  -2.400  9.709   1.00 19.26 ? 77  GLY A N   1 
ATOM   615  C  CA  . GLY A 1 77  ? -7.947  -2.589  8.797   1.00 20.19 ? 77  GLY A CA  1 
ATOM   616  C  C   . GLY A 1 77  ? -8.066  -4.016  8.279   1.00 20.72 ? 77  GLY A C   1 
ATOM   617  O  O   . GLY A 1 77  ? -9.170  -4.593  8.261   1.00 20.75 ? 77  GLY A O   1 
ATOM   618  N  N   . ILE A 1 78  ? -6.928  -4.595  7.895   1.00 19.89 ? 78  ILE A N   1 
ATOM   619  C  CA  . ILE A 1 78  ? -6.880  -5.995  7.450   1.00 20.06 ? 78  ILE A CA  1 
ATOM   620  C  C   . ILE A 1 78  ? -7.460  -6.877  8.562   1.00 20.71 ? 78  ILE A C   1 
ATOM   621  O  O   . ILE A 1 78  ? -8.360  -7.688  8.314   1.00 20.18 ? 78  ILE A O   1 
ATOM   622  C  CB  . ILE A 1 78  ? -5.443  -6.426  7.089   1.00 20.13 ? 78  ILE A CB  1 
ATOM   623  C  CG1 . ILE A 1 78  ? -5.029  -5.793  5.755   1.00 19.39 ? 78  ILE A CG1 1 
ATOM   624  C  CG2 . ILE A 1 78  ? -5.320  -7.969  6.999   1.00 19.05 ? 78  ILE A CG2 1 
ATOM   625  C  CD1 . ILE A 1 78  ? -3.511  -5.813  5.504   1.00 20.37 ? 78  ILE A CD1 1 
ATOM   626  N  N   . LEU A 1 79  ? -6.981  -6.679  9.787   1.00 21.57 ? 79  LEU A N   1 
ATOM   627  C  CA  . LEU A 1 79  ? -7.410  -7.512  10.927  1.00 22.70 ? 79  LEU A CA  1 
ATOM   628  C  C   . LEU A 1 79  ? -8.903  -7.397  11.265  1.00 24.16 ? 79  LEU A C   1 
ATOM   629  O  O   . LEU A 1 79  ? -9.470  -8.326  11.846  1.00 25.18 ? 79  LEU A O   1 
ATOM   630  C  CB  . LEU A 1 79  ? -6.538  -7.259  12.161  1.00 22.25 ? 79  LEU A CB  1 
ATOM   631  C  CG  . LEU A 1 79  ? -5.036  -7.534  11.998  1.00 22.92 ? 79  LEU A CG  1 
ATOM   632  C  CD1 . LEU A 1 79  ? -4.260  -7.239  13.281  1.00 23.03 ? 79  LEU A CD1 1 
ATOM   633  C  CD2 . LEU A 1 79  ? -4.761  -8.969  11.522  1.00 22.69 ? 79  LEU A CD2 1 
ATOM   634  N  N   . ARG A 1 80  ? -9.525  -6.269  10.894  1.00 25.00 ? 80  ARG A N   1 
ATOM   635  C  CA  A ARG A 1 80  ? -10.968 -6.041  11.095  0.50 25.52 ? 80  ARG A CA  1 
ATOM   636  C  CA  B ARG A 1 80  ? -10.961 -6.049  11.108  0.50 25.78 ? 80  ARG A CA  1 
ATOM   637  C  C   . ARG A 1 80  ? -11.815 -6.547  9.939   1.00 25.76 ? 80  ARG A C   1 
ATOM   638  O  O   . ARG A 1 80  ? -13.044 -6.616  10.036  1.00 26.28 ? 80  ARG A O   1 
ATOM   639  C  CB  A ARG A 1 80  ? -11.263 -4.550  11.276  0.50 25.75 ? 80  ARG A CB  1 
ATOM   640  C  CB  B ARG A 1 80  ? -11.231 -4.560  11.338  0.50 25.92 ? 80  ARG A CB  1 
ATOM   641  C  CG  A ARG A 1 80  ? -11.453 -4.131  12.705  0.50 26.77 ? 80  ARG A CG  1 
ATOM   642  C  CG  B ARG A 1 80  ? -10.899 -4.076  12.740  0.50 27.16 ? 80  ARG A CG  1 
ATOM   643  C  CD  A ARG A 1 80  ? -11.570 -2.616  12.820  0.50 26.60 ? 80  ARG A CD  1 
ATOM   644  C  CD  B ARG A 1 80  ? -10.921 -2.546  12.856  0.50 26.77 ? 80  ARG A CD  1 
ATOM   645  N  NE  A ARG A 1 80  ? -10.627 -2.127  13.823  0.50 28.02 ? 80  ARG A NE  1 
ATOM   646  N  NE  B ARG A 1 80  ? -11.447 -1.887  11.660  0.50 28.97 ? 80  ARG A NE  1 
ATOM   647  C  CZ  A ARG A 1 80  ? -9.628  -1.282  13.586  0.50 27.47 ? 80  ARG A CZ  1 
ATOM   648  C  CZ  B ARG A 1 80  ? -10.813 -0.930  10.984  0.50 29.13 ? 80  ARG A CZ  1 
ATOM   649  N  NH1 A ARG A 1 80  ? -9.435  -0.771  12.375  0.50 27.73 ? 80  ARG A NH1 1 
ATOM   650  N  NH1 B ARG A 1 80  ? -9.632  -0.484  11.394  0.50 28.41 ? 80  ARG A NH1 1 
ATOM   651  N  NH2 A ARG A 1 80  ? -8.830  -0.934  14.578  0.50 27.63 ? 80  ARG A NH2 1 
ATOM   652  N  NH2 B ARG A 1 80  ? -11.370 -0.401  9.903   0.50 29.98 ? 80  ARG A NH2 1 
ATOM   653  N  N   . ASN A 1 81  ? -11.162 -6.890  8.834   1.00 25.63 ? 81  ASN A N   1 
ATOM   654  C  CA  . ASN A 1 81  ? -11.882 -7.287  7.647   1.00 25.22 ? 81  ASN A CA  1 
ATOM   655  C  C   . ASN A 1 81  ? -12.079 -8.801  7.577   1.00 24.98 ? 81  ASN A C   1 
ATOM   656  O  O   . ASN A 1 81  ? -11.113 -9.568  7.496   1.00 24.23 ? 81  ASN A O   1 
ATOM   657  C  CB  . ASN A 1 81  ? -11.183 -6.741  6.401   1.00 25.46 ? 81  ASN A CB  1 
ATOM   658  C  CG  . ASN A 1 81  ? -12.014 -6.920  5.151   1.00 26.42 ? 81  ASN A CG  1 
ATOM   659  O  OD1 . ASN A 1 81  ? -12.413 -8.032  4.813   1.00 27.67 ? 81  ASN A OD1 1 
ATOM   660  N  ND2 . ASN A 1 81  ? -12.273 -5.825  4.453   1.00 26.25 ? 81  ASN A ND2 1 
ATOM   661  N  N   . ALA A 1 82  ? -13.342 -9.231  7.619   1.00 25.14 ? 82  ALA A N   1 
ATOM   662  C  CA  . ALA A 1 82  ? -13.664 -10.661 7.677   1.00 25.58 ? 82  ALA A CA  1 
ATOM   663  C  C   . ALA A 1 82  ? -13.192 -11.452 6.456   1.00 25.71 ? 82  ALA A C   1 
ATOM   664  O  O   . ALA A 1 82  ? -12.912 -12.637 6.575   1.00 26.38 ? 82  ALA A O   1 
ATOM   665  C  CB  . ALA A 1 82  ? -15.168 -10.873 7.911   1.00 25.96 ? 82  ALA A CB  1 
ATOM   666  N  N   . LYS A 1 83  ? -13.108 -10.795 5.295   1.00 25.79 ? 83  LYS A N   1 
ATOM   667  C  CA  . LYS A 1 83  ? -12.611 -11.421 4.065   1.00 26.18 ? 83  LYS A CA  1 
ATOM   668  C  C   . LYS A 1 83  ? -11.082 -11.484 4.011   1.00 25.41 ? 83  LYS A C   1 
ATOM   669  O  O   . LYS A 1 83  ? -10.516 -12.426 3.460   1.00 26.21 ? 83  LYS A O   1 
ATOM   670  C  CB  . LYS A 1 83  ? -13.138 -10.676 2.835   1.00 27.07 ? 83  LYS A CB  1 
ATOM   671  C  CG  . LYS A 1 83  ? -14.578 -11.007 2.486   1.00 28.95 ? 83  LYS A CG  1 
ATOM   672  C  CD  . LYS A 1 83  ? -15.202 -9.937  1.623   0.50 30.18 ? 83  LYS A CD  1 
ATOM   673  C  CE  . LYS A 1 83  ? -16.701 -10.167 1.506   0.50 30.97 ? 83  LYS A CE  1 
ATOM   674  N  NZ  . LYS A 1 83  ? -17.394 -9.007  0.892   0.50 31.53 ? 83  LYS A NZ  1 
ATOM   675  N  N   . LEU A 1 84  ? -10.420 -10.493 4.595   1.00 24.05 ? 84  LEU A N   1 
ATOM   676  C  CA  . LEU A 1 84  ? -8.954  -10.406 4.544   1.00 22.65 ? 84  LEU A CA  1 
ATOM   677  C  C   . LEU A 1 84  ? -8.204  -11.107 5.681   1.00 21.77 ? 84  LEU A C   1 
ATOM   678  O  O   . LEU A 1 84  ? -7.168  -11.730 5.448   1.00 20.76 ? 84  LEU A O   1 
ATOM   679  C  CB  . LEU A 1 84  ? -8.501  -8.939  4.437   1.00 23.23 ? 84  LEU A CB  1 
ATOM   680  C  CG  . LEU A 1 84  ? -9.056  -8.150  3.245   1.00 24.29 ? 84  LEU A CG  1 
ATOM   681  C  CD1 . LEU A 1 84  ? -8.689  -6.665  3.336   1.00 24.17 ? 84  LEU A CD1 1 
ATOM   682  C  CD2 . LEU A 1 84  ? -8.573  -8.744  1.925   1.00 24.05 ? 84  LEU A CD2 1 
ATOM   683  N  N   . LYS A 1 85  ? -8.714  -10.996 6.906   1.00 20.36 ? 85  LYS A N   1 
ATOM   684  C  CA  . LYS A 1 85  ? -8.012  -11.545 8.067   1.00 20.14 ? 85  LYS A CA  1 
ATOM   685  C  C   . LYS A 1 85  ? -7.600  -13.029 7.934   1.00 19.80 ? 85  LYS A C   1 
ATOM   686  O  O   . LYS A 1 85  ? -6.438  -13.344 8.173   1.00 19.18 ? 85  LYS A O   1 
ATOM   687  C  CB  . LYS A 1 85  ? -8.786  -11.290 9.375   1.00 19.55 ? 85  LYS A CB  1 
ATOM   688  C  CG  . LYS A 1 85  ? -8.004  -11.700 10.613  1.00 20.91 ? 85  LYS A CG  1 
ATOM   689  C  CD  . LYS A 1 85  ? -8.778  -11.481 11.882  1.00 23.97 ? 85  LYS A CD  1 
ATOM   690  C  CE  . LYS A 1 85  ? -7.874  -11.713 13.073  1.00 24.81 ? 85  LYS A CE  1 
ATOM   691  N  NZ  . LYS A 1 85  ? -7.573  -13.159 13.249  1.00 31.23 ? 85  LYS A NZ  1 
ATOM   692  N  N   . PRO A 1 86  ? -8.537  -13.934 7.580   1.00 20.24 ? 86  PRO A N   1 
ATOM   693  C  CA  . PRO A 1 86  ? -8.111  -15.361 7.477   1.00 20.09 ? 86  PRO A CA  1 
ATOM   694  C  C   . PRO A 1 86  ? -6.968  -15.616 6.484   1.00 19.63 ? 86  PRO A C   1 
ATOM   695  O  O   . PRO A 1 86  ? -6.087  -16.453 6.752   1.00 19.52 ? 86  PRO A O   1 
ATOM   696  C  CB  . PRO A 1 86  ? -9.384  -16.103 7.045   1.00 20.79 ? 86  PRO A CB  1 
ATOM   697  C  CG  . PRO A 1 86  ? -10.345 -15.047 6.620   1.00 21.68 ? 86  PRO A CG  1 
ATOM   698  C  CD  . PRO A 1 86  ? -9.976  -13.775 7.310   1.00 20.70 ? 86  PRO A CD  1 
ATOM   699  N  N   . VAL A 1 87  ? -6.973  -14.898 5.359   1.00 18.82 ? 87  VAL A N   1 
ATOM   700  C  CA  . VAL A 1 87  ? -5.907  -15.014 4.357   1.00 18.08 ? 87  VAL A CA  1 
ATOM   701  C  C   . VAL A 1 87  ? -4.602  -14.448 4.927   1.00 17.23 ? 87  VAL A C   1 
ATOM   702  O  O   . VAL A 1 87  ? -3.555  -15.100 4.929   1.00 17.49 ? 87  VAL A O   1 
ATOM   703  C  CB  . VAL A 1 87  ? -6.294  -14.328 3.026   1.00 18.45 ? 87  VAL A CB  1 
ATOM   704  C  CG1 . VAL A 1 87  ? -5.209  -14.572 1.999   1.00 18.54 ? 87  VAL A CG1 1 
ATOM   705  C  CG2 . VAL A 1 87  ? -7.643  -14.881 2.529   1.00 19.21 ? 87  VAL A CG2 1 
ATOM   706  N  N   . TYR A 1 88  ? -4.690  -13.252 5.492   1.00 16.76 ? 88  TYR A N   1 
ATOM   707  C  CA  . TYR A 1 88  ? -3.534  -12.606 6.082   1.00 16.90 ? 88  TYR A CA  1 
ATOM   708  C  C   . TYR A 1 88  ? -2.914  -13.515 7.134   1.00 17.04 ? 88  TYR A C   1 
ATOM   709  O  O   . TYR A 1 88  ? -1.714  -13.784 7.113   1.00 17.63 ? 88  TYR A O   1 
ATOM   710  C  CB  . TYR A 1 88  ? -3.976  -11.285 6.702   1.00 18.04 ? 88  TYR A CB  1 
ATOM   711  C  CG  . TYR A 1 88  ? -2.865  -10.460 7.286   1.00 17.87 ? 88  TYR A CG  1 
ATOM   712  C  CD1 . TYR A 1 88  ? -2.035  -9.686  6.459   1.00 17.12 ? 88  TYR A CD1 1 
ATOM   713  C  CD2 . TYR A 1 88  ? -2.657  -10.413 8.658   1.00 19.50 ? 88  TYR A CD2 1 
ATOM   714  C  CE1 . TYR A 1 88  ? -1.026  -8.904  6.985   1.00 20.39 ? 88  TYR A CE1 1 
ATOM   715  C  CE2 . TYR A 1 88  ? -1.624  -9.630  9.198   1.00 20.07 ? 88  TYR A CE2 1 
ATOM   716  C  CZ  . TYR A 1 88  ? -0.819  -8.879  8.345   1.00 21.60 ? 88  TYR A CZ  1 
ATOM   717  O  OH  . TYR A 1 88  ? 0.195   -8.094  8.871   1.00 22.30 ? 88  TYR A OH  1 
ATOM   718  N  N   . ASP A 1 89  ? -3.742  -14.008 8.053   1.00 17.03 ? 89  ASP A N   1 
ATOM   719  C  CA  . ASP A 1 89  ? -3.205  -14.842 9.141   1.00 17.73 ? 89  ASP A CA  1 
ATOM   720  C  C   . ASP A 1 89  ? -2.668  -16.192 8.678   1.00 18.10 ? 89  ASP A C   1 
ATOM   721  O  O   . ASP A 1 89  ? -1.888  -16.822 9.408   1.00 18.31 ? 89  ASP A O   1 
ATOM   722  C  CB  . ASP A 1 89  ? -4.232  -14.988 10.264  1.00 17.96 ? 89  ASP A CB  1 
ATOM   723  C  CG  . ASP A 1 89  ? -4.258  -13.770 11.184  1.00 20.95 ? 89  ASP A CG  1 
ATOM   724  O  OD1 . ASP A 1 89  ? -3.446  -12.848 10.995  1.00 22.03 ? 89  ASP A OD1 1 
ATOM   725  O  OD2 . ASP A 1 89  ? -5.067  -13.762 12.122  1.00 22.37 ? 89  ASP A OD2 1 
ATOM   726  N  N   . SER A 1 90  ? -3.048  -16.612 7.463   1.00 17.57 ? 90  SER A N   1 
ATOM   727  C  CA  . SER A 1 90  ? -2.525  -17.861 6.878   1.00 17.31 ? 90  SER A CA  1 
ATOM   728  C  C   . SER A 1 90  ? -1.085  -17.734 6.333   1.00 17.88 ? 90  SER A C   1 
ATOM   729  O  O   . SER A 1 90  ? -0.395  -18.735 6.129   1.00 17.23 ? 90  SER A O   1 
ATOM   730  C  CB  . SER A 1 90  ? -3.450  -18.397 5.772   1.00 17.60 ? 90  SER A CB  1 
ATOM   731  O  OG  . SER A 1 90  ? -3.265  -17.718 4.532   1.00 17.19 ? 90  SER A OG  1 
ATOM   732  N  N   . LEU A 1 91  ? -0.659  -16.498 6.074   1.00 17.43 ? 91  LEU A N   1 
ATOM   733  C  CA  . LEU A 1 91  ? 0.604   -16.229 5.415   1.00 17.14 ? 91  LEU A CA  1 
ATOM   734  C  C   . LEU A 1 91  ? 1.769   -16.137 6.373   1.00 17.12 ? 91  LEU A C   1 
ATOM   735  O  O   . LEU A 1 91  ? 1.600   -15.759 7.549   1.00 17.81 ? 91  LEU A O   1 
ATOM   736  C  CB  . LEU A 1 91  ? 0.537   -14.897 4.660   1.00 17.55 ? 91  LEU A CB  1 
ATOM   737  C  CG  . LEU A 1 91  ? -0.550  -14.816 3.590   1.00 18.40 ? 91  LEU A CG  1 
ATOM   738  C  CD1 . LEU A 1 91  ? -0.747  -13.366 3.136   1.00 18.64 ? 91  LEU A CD1 1 
ATOM   739  C  CD2 . LEU A 1 91  ? -0.208  -15.733 2.434   1.00 17.91 ? 91  LEU A CD2 1 
ATOM   740  N  N   . ASP A 1 92  ? 2.951   -16.434 5.844   1.00 17.15 ? 92  ASP A N   1 
ATOM   741  C  CA  . ASP A 1 92  ? 4.222   -16.128 6.510   1.00 17.44 ? 92  ASP A CA  1 
ATOM   742  C  C   . ASP A 1 92  ? 4.470   -14.597 6.528   1.00 17.27 ? 92  ASP A C   1 
ATOM   743  O  O   . ASP A 1 92  ? 3.816   -13.854 5.805   1.00 17.82 ? 92  ASP A O   1 
ATOM   744  C  CB  . ASP A 1 92  ? 5.347   -16.825 5.763   1.00 17.05 ? 92  ASP A CB  1 
ATOM   745  C  CG  . ASP A 1 92  ? 5.399   -16.384 4.329   1.00 18.13 ? 92  ASP A CG  1 
ATOM   746  O  OD1 . ASP A 1 92  ? 6.118   -15.398 4.069   1.00 19.05 ? 92  ASP A OD1 1 
ATOM   747  O  OD2 . ASP A 1 92  ? 4.635   -16.956 3.513   1.00 16.37 ? 92  ASP A OD2 1 
ATOM   748  N  N   . ALA A 1 93  ? 5.438   -14.134 7.321   1.00 17.76 ? 93  ALA A N   1 
ATOM   749  C  CA  . ALA A 1 93  ? 5.628   -12.698 7.546   1.00 16.99 ? 93  ALA A CA  1 
ATOM   750  C  C   . ALA A 1 93  ? 6.044   -11.934 6.274   1.00 17.48 ? 93  ALA A C   1 
ATOM   751  O  O   . ALA A 1 93  ? 5.647   -10.770 6.088   1.00 19.28 ? 93  ALA A O   1 
ATOM   752  C  CB  . ALA A 1 93  ? 6.650   -12.458 8.655   1.00 18.34 ? 93  ALA A CB  1 
ATOM   753  N  N   . VAL A 1 94  ? 6.805   -12.583 5.404   1.00 16.39 ? 94  VAL A N   1 
ATOM   754  C  CA  . VAL A 1 94  ? 7.245   -11.896 4.164   1.00 17.19 ? 94  VAL A CA  1 
ATOM   755  C  C   . VAL A 1 94  ? 6.040   -11.644 3.255   1.00 16.77 ? 94  VAL A C   1 
ATOM   756  O  O   . VAL A 1 94  ? 5.831   -10.506 2.770   1.00 15.23 ? 94  VAL A O   1 
ATOM   757  C  CB  . VAL A 1 94  ? 8.354   -12.637 3.405   1.00 17.18 ? 94  VAL A CB  1 
ATOM   758  C  CG1 . VAL A 1 94  ? 8.714   -11.869 2.119   1.00 17.16 ? 94  VAL A CG1 1 
ATOM   759  C  CG2 . VAL A 1 94  ? 9.610   -12.806 4.288   1.00 17.91 ? 94  VAL A CG2 1 
ATOM   760  N  N   . ARG A 1 95  ? 5.243   -12.691 3.025   1.00 16.31 ? 95  ARG A N   1 
ATOM   761  C  CA  . ARG A 1 95  ? 4.018   -12.543 2.248   1.00 16.65 ? 95  ARG A CA  1 
ATOM   762  C  C   . ARG A 1 95  ? 3.020   -11.581 2.891   1.00 16.75 ? 95  ARG A C   1 
ATOM   763  O  O   . ARG A 1 95  ? 2.342   -10.827 2.175   1.00 16.85 ? 95  ARG A O   1 
ATOM   764  C  CB  . ARG A 1 95  ? 3.393   -13.906 1.901   1.00 17.01 ? 95  ARG A CB  1 
ATOM   765  C  CG  . ARG A 1 95  ? 4.268   -14.705 0.979   1.00 17.64 ? 95  ARG A CG  1 
ATOM   766  C  CD  . ARG A 1 95  ? 3.606   -16.022 0.639   1.00 16.93 ? 95  ARG A CD  1 
ATOM   767  N  NE  . ARG A 1 95  ? 4.327   -16.766 -0.395  1.00 16.64 ? 95  ARG A NE  1 
ATOM   768  C  CZ  . ARG A 1 95  ? 5.232   -17.722 -0.143  1.00 16.85 ? 95  ARG A CZ  1 
ATOM   769  N  NH1 . ARG A 1 95  ? 5.541   -18.035 1.117   1.00 17.47 ? 95  ARG A NH1 1 
ATOM   770  N  NH2 . ARG A 1 95  ? 5.832   -18.372 -1.148  1.00 16.44 ? 95  ARG A NH2 1 
ATOM   771  N  N   . ARG A 1 96  ? 2.909   -11.572 4.232   1.00 16.35 ? 96  ARG A N   1 
ATOM   772  C  CA  A ARG A 1 96  ? 2.083   -10.561 4.905   0.50 16.56 ? 96  ARG A CA  1 
ATOM   773  C  CA  B ARG A 1 96  ? 2.061   -10.568 4.894   0.50 16.93 ? 96  ARG A CA  1 
ATOM   774  C  C   . ARG A 1 96  ? 2.479   -9.137  4.498   1.00 16.57 ? 96  ARG A C   1 
ATOM   775  O  O   . ARG A 1 96  ? 1.631   -8.248  4.385   1.00 16.71 ? 96  ARG A O   1 
ATOM   776  C  CB  A ARG A 1 96  ? 2.147   -10.727 6.429   0.50 16.86 ? 96  ARG A CB  1 
ATOM   777  C  CB  B ARG A 1 96  ? 2.008   -10.771 6.431   0.50 16.93 ? 96  ARG A CB  1 
ATOM   778  C  CG  A ARG A 1 96  ? 1.633   -12.064 6.930   0.50 17.76 ? 96  ARG A CG  1 
ATOM   779  C  CG  B ARG A 1 96  ? 1.079   -11.913 6.906   0.50 17.98 ? 96  ARG A CG  1 
ATOM   780  C  CD  A ARG A 1 96  ? 1.192   -12.001 8.385   0.50 18.77 ? 96  ARG A CD  1 
ATOM   781  C  CD  B ARG A 1 96  ? 1.012   -12.082 8.466   0.50 18.63 ? 96  ARG A CD  1 
ATOM   782  N  NE  A ARG A 1 96  ? 2.268   -11.678 9.313   0.50 17.61 ? 96  ARG A NE  1 
ATOM   783  N  NE  B ARG A 1 96  ? 0.890   -13.496 8.854   0.50 20.50 ? 96  ARG A NE  1 
ATOM   784  C  CZ  A ARG A 1 96  ? 3.059   -12.577 9.900   0.50 18.30 ? 96  ARG A CZ  1 
ATOM   785  C  CZ  B ARG A 1 96  ? 0.356   -13.983 9.986   0.50 23.00 ? 96  ARG A CZ  1 
ATOM   786  N  NH1 A ARG A 1 96  ? 4.011   -12.181 10.746  0.50 19.01 ? 96  ARG A NH1 1 
ATOM   787  N  NH1 B ARG A 1 96  ? 0.334   -15.298 10.181  0.50 22.36 ? 96  ARG A NH1 1 
ATOM   788  N  NH2 A ARG A 1 96  ? 2.926   -13.869 9.628   0.50 18.91 ? 96  ARG A NH2 1 
ATOM   789  N  NH2 B ARG A 1 96  ? -0.165  -13.192 10.922  0.50 23.02 ? 96  ARG A NH2 1 
ATOM   790  N  N   . CYS A 1 97  ? 3.778   -8.916  4.262   1.00 16.06 ? 97  CYS A N   1 
ATOM   791  C  CA  . CYS A 1 97  ? 4.257   -7.602  3.777   1.00 17.34 ? 97  CYS A CA  1 
ATOM   792  C  C   . CYS A 1 97  ? 3.724   -7.257  2.402   1.00 17.34 ? 97  CYS A C   1 
ATOM   793  O  O   . CYS A 1 97  ? 3.321   -6.113  2.140   1.00 16.17 ? 97  CYS A O   1 
ATOM   794  C  CB  . CYS A 1 97  ? 5.770   -7.538  3.763   1.00 17.38 ? 97  CYS A CB  1 
ATOM   795  S  SG  . CYS A 1 97  ? 6.512   -7.455  5.435   1.00 19.44 ? 97  CYS A SG  1 
ATOM   796  N  N   . ALA A 1 98  ? 3.692   -8.250  1.520   1.00 16.15 ? 98  ALA A N   1 
ATOM   797  C  CA  . ALA A 1 98  ? 3.108   -8.034  0.202   1.00 16.10 ? 98  ALA A CA  1 
ATOM   798  C  C   . ALA A 1 98  ? 1.623   -7.639  0.321   1.00 15.64 ? 98  ALA A C   1 
ATOM   799  O  O   . ALA A 1 98  ? 1.139   -6.733  -0.385  1.00 16.76 ? 98  ALA A O   1 
ATOM   800  C  CB  . ALA A 1 98  ? 3.277   -9.290  -0.649  1.00 15.31 ? 98  ALA A CB  1 
ATOM   801  N  N   . ALA A 1 99  ? 0.922   -8.278  1.263   1.00 15.71 ? 99  ALA A N   1 
ATOM   802  C  CA  . ALA A 1 99  ? -0.490  -7.989  1.531   1.00 16.02 ? 99  ALA A CA  1 
ATOM   803  C  C   . ALA A 1 99  ? -0.678  -6.544  2.017   1.00 15.96 ? 99  ALA A C   1 
ATOM   804  O  O   . ALA A 1 99  ? -1.578  -5.812  1.549   1.00 16.06 ? 99  ALA A O   1 
ATOM   805  C  CB  . ALA A 1 99  ? -1.069  -8.996  2.558   1.00 15.72 ? 99  ALA A CB  1 
ATOM   806  N  N   . ILE A 1 100 ? 0.187   -6.114  2.945   1.00 15.88 ? 100 ILE A N   1 
ATOM   807  C  CA  . ILE A 1 100 ? 0.083   -4.753  3.483   1.00 16.16 ? 100 ILE A CA  1 
ATOM   808  C  C   . ILE A 1 100 ? 0.358   -3.743  2.370   1.00 15.97 ? 100 ILE A C   1 
ATOM   809  O  O   . ILE A 1 100 ? -0.337  -2.709  2.255   1.00 16.86 ? 100 ILE A O   1 
ATOM   810  C  CB  . ILE A 1 100 ? 1.047   -4.526  4.681   1.00 16.52 ? 100 ILE A CB  1 
ATOM   811  C  CG1 . ILE A 1 100 ? 0.647   -5.438  5.856   1.00 16.06 ? 100 ILE A CG1 1 
ATOM   812  C  CG2 . ILE A 1 100 ? 1.018   -3.046  5.113   1.00 16.02 ? 100 ILE A CG2 1 
ATOM   813  C  CD1 . ILE A 1 100 ? 1.739   -5.616  6.915   1.00 17.67 ? 100 ILE A CD1 1 
ATOM   814  N  N   . ASN A 1 101 ? 1.355   -4.060  1.547   1.00 16.09 ? 101 ASN A N   1 
ATOM   815  C  CA  . ASN A 1 101 ? 1.754   -3.191  0.434   1.00 15.48 ? 101 ASN A CA  1 
ATOM   816  C  C   . ASN A 1 101 ? 0.565   -2.983  -0.507  1.00 15.98 ? 101 ASN A C   1 
ATOM   817  O  O   . ASN A 1 101 ? 0.181   -1.841  -0.810  1.00 15.42 ? 101 ASN A O   1 
ATOM   818  C  CB  . ASN A 1 101 ? 2.973   -3.812  -0.281  1.00 15.65 ? 101 ASN A CB  1 
ATOM   819  C  CG  . ASN A 1 101 ? 3.595   -2.881  -1.304  1.00 14.72 ? 101 ASN A CG  1 
ATOM   820  O  OD1 . ASN A 1 101 ? 2.897   -2.303  -2.130  1.00 15.98 ? 101 ASN A OD1 1 
ATOM   821  N  ND2 . ASN A 1 101 ? 4.908   -2.685  -1.209  1.00 13.49 ? 101 ASN A ND2 1 
ATOM   822  N  N   . GLN A 1 102 ? -0.033  -4.081  -0.958  1.00 16.37 ? 102 GLN A N   1 
ATOM   823  C  CA  . GLN A 1 102 ? -1.175  -3.980  -1.873  1.00 17.59 ? 102 GLN A CA  1 
ATOM   824  C  C   . GLN A 1 102 ? -2.352  -3.186  -1.267  1.00 17.55 ? 102 GLN A C   1 
ATOM   825  O  O   . GLN A 1 102 ? -2.935  -2.310  -1.922  1.00 16.90 ? 102 GLN A O   1 
ATOM   826  C  CB  . GLN A 1 102 ? -1.598  -5.358  -2.401  1.00 18.20 ? 102 GLN A CB  1 
ATOM   827  C  CG  . GLN A 1 102 ? -2.623  -5.252  -3.523  1.00 19.30 ? 102 GLN A CG  1 
ATOM   828  C  CD  . GLN A 1 102 ? -3.073  -6.599  -4.070  1.00 21.18 ? 102 GLN A CD  1 
ATOM   829  O  OE1 . GLN A 1 102 ? -3.018  -7.605  -3.378  1.00 27.20 ? 102 GLN A OE1 1 
ATOM   830  N  NE2 . GLN A 1 102 ? -3.515  -6.618  -5.319  1.00 24.71 ? 102 GLN A NE2 1 
ATOM   831  N  N   . VAL A 1 103 ? -2.701  -3.464  -0.013  1.00 16.74 ? 103 VAL A N   1 
ATOM   832  C  CA  A VAL A 1 103 ? -3.767  -2.727  0.676   0.50 17.08 ? 103 VAL A CA  1 
ATOM   833  C  CA  B VAL A 1 103 ? -3.789  -2.716  0.628   0.50 17.70 ? 103 VAL A CA  1 
ATOM   834  C  C   . VAL A 1 103 ? -3.449  -1.229  0.825   1.00 17.23 ? 103 VAL A C   1 
ATOM   835  O  O   . VAL A 1 103 ? -4.312  -0.369  0.637   1.00 17.68 ? 103 VAL A O   1 
ATOM   836  C  CB  A VAL A 1 103 ? -4.064  -3.397  2.031   0.50 16.81 ? 103 VAL A CB  1 
ATOM   837  C  CB  B VAL A 1 103 ? -4.283  -3.391  1.932   0.50 17.72 ? 103 VAL A CB  1 
ATOM   838  C  CG1 A VAL A 1 103 ? -4.847  -2.481  2.970   0.50 16.46 ? 103 VAL A CG1 1 
ATOM   839  C  CG1 B VAL A 1 103 ? -3.351  -3.104  3.111   0.50 18.63 ? 103 VAL A CG1 1 
ATOM   840  C  CG2 A VAL A 1 103 ? -4.816  -4.707  1.789   0.50 15.73 ? 103 VAL A CG2 1 
ATOM   841  C  CG2 B VAL A 1 103 ? -5.725  -2.973  2.233   0.50 18.51 ? 103 VAL A CG2 1 
ATOM   842  N  N   . PHE A 1 104 ? -2.198  -0.923  1.164   1.00 16.86 ? 104 PHE A N   1 
ATOM   843  C  CA  . PHE A 1 104 ? -1.720  0.457   1.280   1.00 17.36 ? 104 PHE A CA  1 
ATOM   844  C  C   . PHE A 1 104 ? -1.942  1.202   -0.045  1.00 17.56 ? 104 PHE A C   1 
ATOM   845  O  O   . PHE A 1 104 ? -2.435  2.346   -0.061  1.00 17.91 ? 104 PHE A O   1 
ATOM   846  C  CB  . PHE A 1 104 ? -0.234  0.429   1.651   1.00 17.13 ? 104 PHE A CB  1 
ATOM   847  C  CG  . PHE A 1 104 ? 0.366   1.776   1.967   1.00 17.52 ? 104 PHE A CG  1 
ATOM   848  C  CD1 . PHE A 1 104 ? 0.573   2.165   3.288   1.00 19.79 ? 104 PHE A CD1 1 
ATOM   849  C  CD2 . PHE A 1 104 ? 0.787   2.628   0.948   1.00 18.15 ? 104 PHE A CD2 1 
ATOM   850  C  CE1 . PHE A 1 104 ? 1.163   3.395   3.589   1.00 19.02 ? 104 PHE A CE1 1 
ATOM   851  C  CE2 . PHE A 1 104 ? 1.375   3.865   1.242   1.00 18.95 ? 104 PHE A CE2 1 
ATOM   852  C  CZ  . PHE A 1 104 ? 1.548   4.253   2.560   1.00 18.35 ? 104 PHE A CZ  1 
ATOM   853  N  N   . GLN A 1 105 ? -1.661  0.527   -1.159  1.00 17.92 ? 105 GLN A N   1 
ATOM   854  C  CA  . GLN A 1 105 ? -1.802  1.171   -2.471  1.00 18.40 ? 105 GLN A CA  1 
ATOM   855  C  C   . GLN A 1 105 ? -3.254  1.336   -2.924  1.00 19.84 ? 105 GLN A C   1 
ATOM   856  O  O   . GLN A 1 105 ? -3.652  2.432   -3.386  1.00 20.23 ? 105 GLN A O   1 
ATOM   857  C  CB  . GLN A 1 105 ? -1.024  0.400   -3.544  1.00 17.86 ? 105 GLN A CB  1 
ATOM   858  C  CG  . GLN A 1 105 ? -1.083  1.061   -4.933  1.00 17.89 ? 105 GLN A CG  1 
ATOM   859  C  CD  . GLN A 1 105 ? -0.363  0.255   -5.998  1.00 18.77 ? 105 GLN A CD  1 
ATOM   860  O  OE1 . GLN A 1 105 ? 0.196   -0.794  -5.721  1.00 16.87 ? 105 GLN A OE1 1 
ATOM   861  N  NE2 . GLN A 1 105 ? -0.392  0.735   -7.231  1.00 19.39 ? 105 GLN A NE2 1 
ATOM   862  N  N   . MET A 1 106 ? -4.046  0.271   -2.791  1.00 20.89 ? 106 MET A N   1 
ATOM   863  C  CA  A MET A 1 106 ? -5.353  0.269   -3.441  0.50 21.64 ? 106 MET A CA  1 
ATOM   864  C  CA  B MET A 1 106 ? -5.361  0.132   -3.433  0.50 21.47 ? 106 MET A CA  1 
ATOM   865  C  C   . MET A 1 106 ? -6.536  0.344   -2.487  1.00 22.34 ? 106 MET A C   1 
ATOM   866  O  O   . MET A 1 106 ? -7.689  0.533   -2.936  1.00 22.42 ? 106 MET A O   1 
ATOM   867  C  CB  A MET A 1 106 ? -5.493  -0.922  -4.399  0.50 21.81 ? 106 MET A CB  1 
ATOM   868  C  CB  B MET A 1 106 ? -5.517  -1.279  -4.021  0.50 21.69 ? 106 MET A CB  1 
ATOM   869  C  CG  A MET A 1 106 ? -5.592  -2.271  -3.712  0.50 21.20 ? 106 MET A CG  1 
ATOM   870  C  CG  B MET A 1 106 ? -4.580  -1.643  -5.157  0.50 21.56 ? 106 MET A CG  1 
ATOM   871  S  SD  A MET A 1 106 ? -5.816  -3.618  -4.885  0.50 22.71 ? 106 MET A SD  1 
ATOM   872  S  SD  B MET A 1 106 ? -5.042  -3.221  -5.916  0.50 21.56 ? 106 MET A SD  1 
ATOM   873  C  CE  A MET A 1 106 ? -4.363  -3.409  -5.889  0.50 21.91 ? 106 MET A CE  1 
ATOM   874  C  CE  B MET A 1 106 ? -6.408  -2.699  -6.952  0.50 22.46 ? 106 MET A CE  1 
ATOM   875  N  N   . GLY A 1 107 ? -6.259  0.225   -1.191  1.00 22.66 ? 107 GLY A N   1 
ATOM   876  C  CA  . GLY A 1 107 ? -7.297  0.226   -0.161  1.00 23.82 ? 107 GLY A CA  1 
ATOM   877  C  C   . GLY A 1 107 ? -8.022  -1.108  -0.090  1.00 25.06 ? 107 GLY A C   1 
ATOM   878  O  O   . GLY A 1 107 ? -7.889  -1.944  -0.990  1.00 24.69 ? 107 GLY A O   1 
ATOM   879  N  N   . GLU A 1 108 ? -8.798  -1.320  0.973   1.00 26.27 ? 108 GLU A N   1 
ATOM   880  C  CA  . GLU A 1 108 ? -9.622  -2.537  1.084   1.00 27.51 ? 108 GLU A CA  1 
ATOM   881  C  C   . GLU A 1 108 ? -10.682 -2.684  -0.026  1.00 27.91 ? 108 GLU A C   1 
ATOM   882  O  O   . GLU A 1 108 ? -10.952 -3.805  -0.474  1.00 29.10 ? 108 GLU A O   1 
ATOM   883  C  CB  . GLU A 1 108 ? -10.269 -2.657  2.469   1.00 27.80 ? 108 GLU A CB  1 
ATOM   884  C  CG  . GLU A 1 108 ? -9.261  -2.863  3.592   1.00 27.23 ? 108 GLU A CG  1 
ATOM   885  C  CD  . GLU A 1 108 ? -9.878  -2.784  4.982   1.00 27.56 ? 108 GLU A CD  1 
ATOM   886  O  OE1 . GLU A 1 108 ? -9.194  -2.264  5.880   1.00 26.71 ? 108 GLU A OE1 1 
ATOM   887  O  OE2 . GLU A 1 108 ? -11.035 -3.229  5.180   1.00 27.12 ? 108 GLU A OE2 1 
ATOM   888  N  N   . THR A 1 109 ? -11.256 -1.571  -0.484  0.50 27.56 ? 109 THR A N   1 
ATOM   889  C  CA  . THR A 1 109 ? -12.198 -1.601  -1.614  0.50 27.53 ? 109 THR A CA  1 
ATOM   890  C  C   . THR A 1 109 ? -11.490 -2.080  -2.889  0.50 27.10 ? 109 THR A C   1 
ATOM   891  O  O   . THR A 1 109 ? -12.067 -2.816  -3.691  0.50 27.18 ? 109 THR A O   1 
ATOM   892  C  CB  . THR A 1 109 ? -12.872 -0.230  -1.843  0.50 27.59 ? 109 THR A CB  1 
ATOM   893  O  OG1 . THR A 1 109 ? -13.582 0.153   -0.656  0.50 27.59 ? 109 THR A OG1 1 
ATOM   894  C  CG2 . THR A 1 109 ? -13.862 -0.285  -3.010  0.50 27.96 ? 109 THR A CG2 1 
ATOM   895  N  N   . GLY A 1 110 ? -10.235 -1.674  -3.054  0.50 26.84 ? 110 GLY A N   1 
ATOM   896  C  CA  . GLY A 1 110 ? -9.416  -2.151  -4.167  0.50 26.51 ? 110 GLY A CA  1 
ATOM   897  C  C   . GLY A 1 110 ? -9.147  -3.645  -4.119  0.50 26.62 ? 110 GLY A C   1 
ATOM   898  O  O   . GLY A 1 110 ? -9.131  -4.312  -5.158  0.50 26.60 ? 110 GLY A O   1 
ATOM   899  N  N   . VAL A 1 111 ? -8.935  -4.172  -2.912  1.00 26.44 ? 111 VAL A N   1 
ATOM   900  C  CA  . VAL A 1 111 ? -8.563  -5.583  -2.727  1.00 26.34 ? 111 VAL A CA  1 
ATOM   901  C  C   . VAL A 1 111 ? -9.806  -6.493  -2.754  1.00 26.08 ? 111 VAL A C   1 
ATOM   902  O  O   . VAL A 1 111 ? -9.679  -7.718  -2.796  1.00 26.08 ? 111 VAL A O   1 
ATOM   903  C  CB  . VAL A 1 111 ? -7.682  -5.780  -1.453  1.00 26.71 ? 111 VAL A CB  1 
ATOM   904  C  CG1 . VAL A 1 111 ? -7.376  -7.263  -1.164  1.00 27.57 ? 111 VAL A CG1 1 
ATOM   905  C  CG2 . VAL A 1 111 ? -6.388  -5.019  -1.610  1.00 27.58 ? 111 VAL A CG2 1 
ATOM   906  N  N   . ALA A 1 112 ? -10.992 -5.875  -2.767  0.50 25.00 ? 112 ALA A N   1 
ATOM   907  C  CA  . ALA A 1 112 ? -12.267 -6.598  -2.861  0.50 24.00 ? 112 ALA A CA  1 
ATOM   908  C  C   . ALA A 1 112 ? -12.400 -7.306  -4.207  0.50 23.49 ? 112 ALA A C   1 
ATOM   909  O  O   . ALA A 1 112 ? -13.030 -8.356  -4.310  0.50 22.76 ? 112 ALA A O   1 
ATOM   910  C  CB  . ALA A 1 112 ? -13.434 -5.642  -2.651  0.50 24.07 ? 112 ALA A CB  1 
ATOM   911  N  N   . GLY A 1 113 ? -11.796 -6.722  -5.238  0.50 23.04 ? 113 GLY A N   1 
ATOM   912  C  CA  . GLY A 1 113 ? -11.774 -7.342  -6.552  0.50 22.97 ? 113 GLY A CA  1 
ATOM   913  C  C   . GLY A 1 113 ? -10.853 -8.555  -6.646  0.50 23.23 ? 113 GLY A C   1 
ATOM   914  O  O   . GLY A 1 113 ? -10.840 -9.243  -7.663  0.50 22.69 ? 113 GLY A O   1 
ATOM   915  N  N   . PHE A 1 114 ? -10.105 -8.836  -5.578  1.00 24.03 ? 114 PHE A N   1 
ATOM   916  C  CA  . PHE A 1 114 ? -9.088  -9.903  -5.609  1.00 23.59 ? 114 PHE A CA  1 
ATOM   917  C  C   . PHE A 1 114 ? -9.479  -11.237 -4.943  1.00 24.52 ? 114 PHE A C   1 
ATOM   918  O  O   . PHE A 1 114 ? -8.625  -12.072 -4.606  1.00 24.45 ? 114 PHE A O   1 
ATOM   919  C  CB  . PHE A 1 114 ? -7.759  -9.347  -5.096  1.00 23.71 ? 114 PHE A CB  1 
ATOM   920  C  CG  . PHE A 1 114 ? -7.081  -8.445  -6.083  1.00 23.03 ? 114 PHE A CG  1 
ATOM   921  C  CD1 . PHE A 1 114 ? -7.465  -7.109  -6.217  1.00 24.28 ? 114 PHE A CD1 1 
ATOM   922  C  CD2 . PHE A 1 114 ? -6.080  -8.940  -6.913  1.00 21.97 ? 114 PHE A CD2 1 
ATOM   923  C  CE1 . PHE A 1 114 ? -6.840  -6.296  -7.151  1.00 24.95 ? 114 PHE A CE1 1 
ATOM   924  C  CE2 . PHE A 1 114 ? -5.446  -8.129  -7.837  1.00 23.45 ? 114 PHE A CE2 1 
ATOM   925  C  CZ  . PHE A 1 114 ? -5.833  -6.800  -7.956  1.00 24.46 ? 114 PHE A CZ  1 
ATOM   926  N  N   . THR A 1 115 ? -10.778 -11.469 -4.828  1.00 25.00 ? 115 THR A N   1 
ATOM   927  C  CA  . THR A 1 115 ? -11.315 -12.678 -4.194  1.00 25.72 ? 115 THR A CA  1 
ATOM   928  C  C   . THR A 1 115 ? -10.688 -14.005 -4.666  1.00 25.21 ? 115 THR A C   1 
ATOM   929  O  O   . THR A 1 115 ? -10.320 -14.865 -3.841  1.00 24.69 ? 115 THR A O   1 
ATOM   930  C  CB  . THR A 1 115 ? -12.844 -12.716 -4.350  1.00 26.53 ? 115 THR A CB  1 
ATOM   931  O  OG1 . THR A 1 115 ? -13.375 -11.447 -3.939  1.00 28.34 ? 115 THR A OG1 1 
ATOM   932  C  CG2 . THR A 1 115 ? -13.461 -13.803 -3.479  1.00 28.26 ? 115 THR A CG2 1 
ATOM   933  N  N   . ASN A 1 116 ? -10.539 -14.171 -5.985  1.00 23.63 ? 116 ASN A N   1 
ATOM   934  C  CA  . ASN A 1 116 ? -9.948  -15.396 -6.511  1.00 23.10 ? 116 ASN A CA  1 
ATOM   935  C  C   . ASN A 1 116 ? -8.461  -15.510 -6.164  1.00 21.32 ? 116 ASN A C   1 
ATOM   936  O  O   . ASN A 1 116 ? -7.988  -16.601 -5.851  1.00 21.10 ? 116 ASN A O   1 
ATOM   937  C  CB  . ASN A 1 116 ? -10.200 -15.521 -8.026  1.00 23.53 ? 116 ASN A CB  1 
ATOM   938  C  CG  . ASN A 1 116 ? -11.697 -15.516 -8.365  1.00 25.79 ? 116 ASN A CG  1 
ATOM   939  O  OD1 . ASN A 1 116 ? -12.528 -15.913 -7.545  1.00 28.75 ? 116 ASN A OD1 1 
ATOM   940  N  ND2 . ASN A 1 116 ? -12.043 -15.065 -9.571  1.00 24.07 ? 116 ASN A ND2 1 
ATOM   941  N  N   . SER A 1 117 ? -7.734  -14.393 -6.197  1.00 21.36 ? 117 SER A N   1 
ATOM   942  C  CA  . SER A 1 117 ? -6.318  -14.389 -5.763  1.00 20.59 ? 117 SER A CA  1 
ATOM   943  C  C   . SER A 1 117 ? -6.222  -14.743 -4.277  1.00 21.02 ? 117 SER A C   1 
ATOM   944  O  O   . SER A 1 117 ? -5.343  -15.511 -3.862  1.00 20.49 ? 117 SER A O   1 
ATOM   945  C  CB  . SER A 1 117 ? -5.661  -13.020 -5.954  1.00 21.32 ? 117 SER A CB  1 
ATOM   946  O  OG  . SER A 1 117 ? -5.667  -12.588 -7.297  1.00 23.23 ? 117 SER A OG  1 
ATOM   947  N  N   . LEU A 1 118 ? -7.108  -14.153 -3.482  1.00 21.37 ? 118 LEU A N   1 
ATOM   948  C  CA  . LEU A 1 118 ? -7.138  -14.420 -2.036  1.00 22.17 ? 118 LEU A CA  1 
ATOM   949  C  C   . LEU A 1 118 ? -7.254  -15.908 -1.762  1.00 21.47 ? 118 LEU A C   1 
ATOM   950  O  O   . LEU A 1 118 ? -6.498  -16.465 -0.954  1.00 20.98 ? 118 LEU A O   1 
ATOM   951  C  CB  . LEU A 1 118 ? -8.317  -13.722 -1.370  1.00 23.20 ? 118 LEU A CB  1 
ATOM   952  C  CG  . LEU A 1 118 ? -8.345  -12.204 -1.281  1.00 26.09 ? 118 LEU A CG  1 
ATOM   953  C  CD1 . LEU A 1 118 ? -9.656  -11.791 -0.623  1.00 28.02 ? 118 LEU A CD1 1 
ATOM   954  C  CD2 . LEU A 1 118 ? -7.175  -11.672 -0.499  1.00 27.65 ? 118 LEU A CD2 1 
ATOM   955  N  N   . ARG A 1 119 ? -8.215  -16.548 -2.431  1.00 20.99 ? 119 ARG A N   1 
ATOM   956  C  CA  . ARG A 1 119 ? -8.410  -17.985 -2.258  1.00 20.81 ? 119 ARG A CA  1 
ATOM   957  C  C   . ARG A 1 119 ? -7.153  -18.779 -2.616  1.00 19.90 ? 119 ARG A C   1 
ATOM   958  O  O   . ARG A 1 119 ? -6.735  -19.655 -1.870  1.00 19.25 ? 119 ARG A O   1 
ATOM   959  C  CB  . ARG A 1 119 ? -9.599  -18.476 -3.075  1.00 20.92 ? 119 ARG A CB  1 
ATOM   960  C  CG  . ARG A 1 119 ? -9.945  -19.926 -2.821  1.00 22.29 ? 119 ARG A CG  1 
ATOM   961  C  CD  . ARG A 1 119 ? -11.168 -20.391 -3.607  1.00 24.30 ? 119 ARG A CD  1 
ATOM   962  N  NE  . ARG A 1 119 ? -11.996 -19.266 -4.051  0.50 27.89 ? 119 ARG A NE  1 
ATOM   963  C  CZ  . ARG A 1 119 ? -12.128 -18.884 -5.319  0.50 29.02 ? 119 ARG A CZ  1 
ATOM   964  N  NH1 . ARG A 1 119 ? -12.884 -17.841 -5.617  0.50 30.43 ? 119 ARG A NH1 1 
ATOM   965  N  NH2 . ARG A 1 119 ? -11.505 -19.541 -6.287  0.50 29.49 ? 119 ARG A NH2 1 
ATOM   966  N  N   . MET A 1 120 ? -6.527  -18.465 -3.749  1.00 18.24 ? 120 MET A N   1 
ATOM   967  C  CA  . MET A 1 120 ? -5.315  -19.184 -4.126  1.00 18.15 ? 120 MET A CA  1 
ATOM   968  C  C   . MET A 1 120 ? -4.155  -18.970 -3.137  1.00 16.71 ? 120 MET A C   1 
ATOM   969  O  O   . MET A 1 120 ? -3.384  -19.891 -2.863  1.00 16.88 ? 120 MET A O   1 
ATOM   970  C  CB  . MET A 1 120 ? -4.887  -18.807 -5.552  1.00 17.52 ? 120 MET A CB  1 
ATOM   971  C  CG  . MET A 1 120 ? -5.958  -19.087 -6.613  1.00 17.04 ? 120 MET A CG  1 
ATOM   972  S  SD  . MET A 1 120 ? -5.413  -18.485 -8.229  1.00 20.94 ? 120 MET A SD  1 
ATOM   973  C  CE  . MET A 1 120 ? -6.918  -18.735 -9.150  1.00 20.19 ? 120 MET A CE  1 
ATOM   974  N  N   . LEU A 1 121 ? -4.053  -17.758 -2.600  1.00 16.54 ? 121 LEU A N   1 
ATOM   975  C  CA  . LEU A 1 121 ? -3.028  -17.435 -1.616  1.00 16.32 ? 121 LEU A CA  1 
ATOM   976  C  C   . LEU A 1 121 ? -3.286  -18.218 -0.324  1.00 16.72 ? 121 LEU A C   1 
ATOM   977  O  O   . LEU A 1 121 ? -2.347  -18.788 0.225   1.00 17.13 ? 121 LEU A O   1 
ATOM   978  C  CB  . LEU A 1 121 ? -2.972  -15.928 -1.337  1.00 16.39 ? 121 LEU A CB  1 
ATOM   979  C  CG  . LEU A 1 121 ? -2.348  -15.075 -2.449  1.00 15.39 ? 121 LEU A CG  1 
ATOM   980  C  CD1 . LEU A 1 121 ? -2.575  -13.584 -2.108  1.00 17.77 ? 121 LEU A CD1 1 
ATOM   981  C  CD2 . LEU A 1 121 ? -0.856  -15.342 -2.619  1.00 16.83 ? 121 LEU A CD2 1 
ATOM   982  N  N   . GLN A 1 122 ? -4.550  -18.285 0.107   1.00 17.47 ? 122 GLN A N   1 
ATOM   983  C  CA  . GLN A 1 122 ? -4.886  -19.083 1.303   1.00 18.36 ? 122 GLN A CA  1 
ATOM   984  C  C   . GLN A 1 122 ? -4.551  -20.571 1.105   1.00 18.99 ? 122 GLN A C   1 
ATOM   985  O  O   . GLN A 1 122 ? -4.080  -21.247 2.044   1.00 20.24 ? 122 GLN A O   1 
ATOM   986  C  CB  . GLN A 1 122 ? -6.332  -18.886 1.746   1.00 18.93 ? 122 GLN A CB  1 
ATOM   987  C  CG  . GLN A 1 122 ? -6.539  -19.513 3.124   1.00 22.05 ? 122 GLN A CG  1 
ATOM   988  C  CD  . GLN A 1 122 ? -7.795  -19.104 3.870   1.00 27.59 ? 122 GLN A CD  1 
ATOM   989  O  OE1 . GLN A 1 122 ? -8.636  -18.375 3.366   1.00 29.72 ? 122 GLN A OE1 1 
ATOM   990  N  NE2 . GLN A 1 122 ? -7.928  -19.605 5.094   1.00 30.28 ? 122 GLN A NE2 1 
ATOM   991  N  N   . GLN A 1 123 ? -4.742  -21.054 -0.122  1.00 18.06 ? 123 GLN A N   1 
ATOM   992  C  CA  . GLN A 1 123 ? -4.415  -22.437 -0.491  1.00 19.53 ? 123 GLN A CA  1 
ATOM   993  C  C   . GLN A 1 123 ? -2.916  -22.668 -0.708  1.00 18.72 ? 123 GLN A C   1 
ATOM   994  O  O   . GLN A 1 123 ? -2.483  -23.821 -0.927  1.00 18.61 ? 123 GLN A O   1 
ATOM   995  C  CB  . GLN A 1 123 ? -5.159  -22.852 -1.758  1.00 19.87 ? 123 GLN A CB  1 
ATOM   996  C  CG  . GLN A 1 123 ? -6.668  -22.822 -1.696  1.00 21.54 ? 123 GLN A CG  1 
ATOM   997  C  CD  . GLN A 1 123 ? -7.287  -23.142 -3.046  1.00 22.08 ? 123 GLN A CD  1 
ATOM   998  O  OE1 . GLN A 1 123 ? -6.997  -22.489 -4.054  1.00 25.37 ? 123 GLN A OE1 1 
ATOM   999  N  NE2 . GLN A 1 123 ? -8.135  -24.163 -3.077  1.00 28.78 ? 123 GLN A NE2 1 
ATOM   1000 N  N   . LYS A 1 124 ? -2.133  -21.582 -0.693  1.00 17.10 ? 124 LYS A N   1 
ATOM   1001 C  CA  . LYS A 1 124 ? -0.689  -21.634 -0.925  1.00 16.72 ? 124 LYS A CA  1 
ATOM   1002 C  C   . LYS A 1 124 ? -0.362  -22.203 -2.311  1.00 16.22 ? 124 LYS A C   1 
ATOM   1003 O  O   . LYS A 1 124 ? 0.642   -22.893 -2.493  1.00 16.51 ? 124 LYS A O   1 
ATOM   1004 C  CB  . LYS A 1 124 ? 0.048   -22.408 0.199   1.00 16.79 ? 124 LYS A CB  1 
ATOM   1005 C  CG  . LYS A 1 124 ? -0.275  -21.858 1.611   1.00 16.57 ? 124 LYS A CG  1 
ATOM   1006 C  CD  . LYS A 1 124 ? 0.729   -22.359 2.677   1.00 17.12 ? 124 LYS A CD  1 
ATOM   1007 C  CE  . LYS A 1 124 ? 0.404   -21.759 4.045   1.00 18.30 ? 124 LYS A CE  1 
ATOM   1008 N  NZ  . LYS A 1 124 ? 0.656   -20.281 4.052   1.00 19.83 ? 124 LYS A NZ  1 
ATOM   1009 N  N   . ARG A 1 125 ? -1.225  -21.873 -3.274  1.00 16.43 ? 125 ARG A N   1 
ATOM   1010 C  CA  . ARG A 1 125 ? -0.994  -22.195 -4.681  1.00 15.96 ? 125 ARG A CA  1 
ATOM   1011 C  C   . ARG A 1 125 ? -0.273  -21.003 -5.296  1.00 16.34 ? 125 ARG A C   1 
ATOM   1012 O  O   . ARG A 1 125 ? -0.878  -20.173 -5.973  1.00 16.88 ? 125 ARG A O   1 
ATOM   1013 C  CB  . ARG A 1 125 ? -2.326  -22.493 -5.383  1.00 16.36 ? 125 ARG A CB  1 
ATOM   1014 C  CG  . ARG A 1 125 ? -2.979  -23.763 -4.817  1.00 17.84 ? 125 ARG A CG  1 
ATOM   1015 C  CD  . ARG A 1 125 ? -4.280  -24.106 -5.495  1.00 21.80 ? 125 ARG A CD  1 
ATOM   1016 N  NE  . ARG A 1 125 ? -4.805  -25.318 -4.877  1.00 25.74 ? 125 ARG A NE  1 
ATOM   1017 C  CZ  . ARG A 1 125 ? -5.815  -26.049 -5.343  1.00 28.25 ? 125 ARG A CZ  1 
ATOM   1018 N  NH1 . ARG A 1 125 ? -6.435  -25.700 -6.459  1.00 30.93 ? 125 ARG A NH1 1 
ATOM   1019 N  NH2 . ARG A 1 125 ? -6.199  -27.138 -4.677  1.00 29.63 ? 125 ARG A NH2 1 
ATOM   1020 N  N   . TRP A 1 126 ? 1.025   -20.900 -5.009  1.00 16.30 ? 126 TRP A N   1 
ATOM   1021 C  CA  . TRP A 1 126 ? 1.717   -19.629 -5.194  1.00 16.80 ? 126 TRP A CA  1 
ATOM   1022 C  C   . TRP A 1 126 ? 1.854   -19.196 -6.651  1.00 17.14 ? 126 TRP A C   1 
ATOM   1023 O  O   . TRP A 1 126 ? 1.666   -18.018 -6.968  1.00 17.90 ? 126 TRP A O   1 
ATOM   1024 C  CB  . TRP A 1 126 ? 3.094   -19.659 -4.539  1.00 16.75 ? 126 TRP A CB  1 
ATOM   1025 C  CG  . TRP A 1 126 ? 3.113   -20.032 -3.061  1.00 16.00 ? 126 TRP A CG  1 
ATOM   1026 C  CD1 . TRP A 1 126 ? 3.868   -21.035 -2.482  1.00 17.15 ? 126 TRP A CD1 1 
ATOM   1027 C  CD2 . TRP A 1 126 ? 2.410   -19.391 -1.983  1.00 16.57 ? 126 TRP A CD2 1 
ATOM   1028 N  NE1 . TRP A 1 126 ? 3.667   -21.052 -1.120  1.00 16.18 ? 126 TRP A NE1 1 
ATOM   1029 C  CE2 . TRP A 1 126 ? 2.782   -20.059 -0.786  1.00 17.69 ? 126 TRP A CE2 1 
ATOM   1030 C  CE3 . TRP A 1 126 ? 1.503   -18.324 -1.911  1.00 16.95 ? 126 TRP A CE3 1 
ATOM   1031 C  CZ2 . TRP A 1 126 ? 2.261   -19.701 0.469   1.00 17.29 ? 126 TRP A CZ2 1 
ATOM   1032 C  CZ3 . TRP A 1 126 ? 0.981   -17.972 -0.658  1.00 16.85 ? 126 TRP A CZ3 1 
ATOM   1033 C  CH2 . TRP A 1 126 ? 1.387   -18.644 0.514   1.00 17.47 ? 126 TRP A CH2 1 
ATOM   1034 N  N   . ASP A 1 127 ? 2.163   -20.127 -7.543  1.00 17.13 ? 127 ASP A N   1 
ATOM   1035 C  CA  . ASP A 1 127 ? 2.333   -19.745 -8.957  1.00 17.47 ? 127 ASP A CA  1 
ATOM   1036 C  C   . ASP A 1 127 ? 0.976   -19.389 -9.557  1.00 17.02 ? 127 ASP A C   1 
ATOM   1037 O  O   . ASP A 1 127 ? 0.853   -18.404 -10.309 1.00 17.12 ? 127 ASP A O   1 
ATOM   1038 C  CB  . ASP A 1 127 ? 3.002   -20.872 -9.742  1.00 17.39 ? 127 ASP A CB  1 
ATOM   1039 C  CG  . ASP A 1 127 ? 4.514   -20.898 -9.557  1.00 18.35 ? 127 ASP A CG  1 
ATOM   1040 O  OD1 . ASP A 1 127 ? 5.012   -20.373 -8.539  1.00 19.05 ? 127 ASP A OD1 1 
ATOM   1041 O  OD2 . ASP A 1 127 ? 5.220   -21.435 -10.460 1.00 21.12 ? 127 ASP A OD2 1 
ATOM   1042 N  N   . GLU A 1 128 ? -0.052  -20.160 -9.198  1.00 17.45 ? 128 GLU A N   1 
ATOM   1043 C  CA  . GLU A 1 128 ? -1.416  -19.875 -9.647  1.00 17.17 ? 128 GLU A CA  1 
ATOM   1044 C  C   . GLU A 1 128 ? -1.909  -18.499 -9.146  1.00 17.43 ? 128 GLU A C   1 
ATOM   1045 O  O   . GLU A 1 128 ? -2.507  -17.705 -9.916  1.00 16.97 ? 128 GLU A O   1 
ATOM   1046 C  CB  . GLU A 1 128 ? -2.382  -20.986 -9.222  1.00 18.36 ? 128 GLU A CB  1 
ATOM   1047 C  CG  . GLU A 1 128 ? -2.169  -22.285 -10.001 1.00 19.12 ? 128 GLU A CG  1 
ATOM   1048 C  CD  . GLU A 1 128 ? -2.820  -23.444 -9.328  1.00 24.15 ? 128 GLU A CD  1 
ATOM   1049 O  OE1 . GLU A 1 128 ? -4.016  -23.701 -9.600  1.00 28.04 ? 128 GLU A OE1 1 
ATOM   1050 O  OE2 . GLU A 1 128 ? -2.136  -24.094 -8.527  1.00 22.66 ? 128 GLU A OE2 1 
ATOM   1051 N  N   . ALA A 1 129 ? -1.667  -18.220 -7.856  1.00 16.11 ? 129 ALA A N   1 
ATOM   1052 C  CA  . ALA A 1 129 ? -2.001  -16.907 -7.282  1.00 16.22 ? 129 ALA A CA  1 
ATOM   1053 C  C   . ALA A 1 129 ? -1.321  -15.775 -8.035  1.00 16.53 ? 129 ALA A C   1 
ATOM   1054 O  O   . ALA A 1 129 ? -1.966  -14.763 -8.383  1.00 16.40 ? 129 ALA A O   1 
ATOM   1055 C  CB  . ALA A 1 129 ? -1.625  -16.870 -5.790  1.00 16.80 ? 129 ALA A CB  1 
ATOM   1056 N  N   . ALA A 1 130 ? -0.017  -15.930 -8.270  1.00 15.69 ? 130 ALA A N   1 
ATOM   1057 C  CA  . ALA A 1 130 ? 0.769   -14.904 -8.990  1.00 16.43 ? 130 ALA A CA  1 
ATOM   1058 C  C   . ALA A 1 130 ? 0.218   -14.637 -10.395 1.00 17.70 ? 130 ALA A C   1 
ATOM   1059 O  O   . ALA A 1 130 ? 0.062   -13.465 -10.801 1.00 17.25 ? 130 ALA A O   1 
ATOM   1060 C  CB  . ALA A 1 130 ? 2.231   -15.267 -9.036  1.00 16.47 ? 130 ALA A CB  1 
ATOM   1061 N  N   . VAL A 1 131 ? -0.129  -15.706 -11.125 1.00 17.19 ? 131 VAL A N   1 
ATOM   1062 C  CA  . VAL A 1 131 ? -0.779  -15.537 -12.433 1.00 17.62 ? 131 VAL A CA  1 
ATOM   1063 C  C   . VAL A 1 131 ? -2.091  -14.747 -12.308 1.00 16.64 ? 131 VAL A C   1 
ATOM   1064 O  O   . VAL A 1 131 ? -2.309  -13.786 -13.028 1.00 18.40 ? 131 VAL A O   1 
ATOM   1065 C  CB  . VAL A 1 131 ? -1.003  -16.902 -13.136 1.00 17.94 ? 131 VAL A CB  1 
ATOM   1066 C  CG1 . VAL A 1 131 ? -1.945  -16.771 -14.349 1.00 19.37 ? 131 VAL A CG1 1 
ATOM   1067 C  CG2 . VAL A 1 131 ? 0.330   -17.472 -13.511 1.00 19.03 ? 131 VAL A CG2 1 
ATOM   1068 N  N   . ASN A 1 132 ? -2.930  -15.111 -11.337 1.00 15.95 ? 132 ASN A N   1 
ATOM   1069 C  CA  . ASN A 1 132 ? -4.222  -14.454 -11.196 1.00 15.97 ? 132 ASN A CA  1 
ATOM   1070 C  C   . ASN A 1 132 ? -4.081  -12.974 -10.777 1.00 15.45 ? 132 ASN A C   1 
ATOM   1071 O  O   . ASN A 1 132 ? -4.811  -12.105 -11.261 1.00 16.86 ? 132 ASN A O   1 
ATOM   1072 C  CB  . ASN A 1 132 ? -5.058  -15.219 -10.168 1.00 16.28 ? 132 ASN A CB  1 
ATOM   1073 C  CG  . ASN A 1 132 ? -6.484  -14.728 -10.102 1.00 15.73 ? 132 ASN A CG  1 
ATOM   1074 O  OD1 . ASN A 1 132 ? -6.841  -13.947 -9.218  1.00 17.11 ? 132 ASN A OD1 1 
ATOM   1075 N  ND2 . ASN A 1 132 ? -7.317  -15.175 -11.052 1.00 17.35 ? 132 ASN A ND2 1 
ATOM   1076 N  N   . LEU A 1 133 ? -3.081  -12.677 -9.946  1.00 16.21 ? 133 LEU A N   1 
ATOM   1077 C  CA  . LEU A 1 133 ? -2.892  -11.311 -9.441  1.00 15.83 ? 133 LEU A CA  1 
ATOM   1078 C  C   . LEU A 1 133 ? -2.565  -10.334 -10.573 1.00 16.22 ? 133 LEU A C   1 
ATOM   1079 O  O   . LEU A 1 133 ? -2.937  -9.154  -10.504 1.00 17.25 ? 133 LEU A O   1 
ATOM   1080 C  CB  . LEU A 1 133 ? -1.741  -11.270 -8.432  1.00 15.85 ? 133 LEU A CB  1 
ATOM   1081 C  CG  . LEU A 1 133 ? -2.143  -11.775 -7.037  1.00 14.98 ? 133 LEU A CG  1 
ATOM   1082 C  CD1 . LEU A 1 133 ? -0.864  -12.109 -6.302  1.00 17.37 ? 133 LEU A CD1 1 
ATOM   1083 C  CD2 . LEU A 1 133 ? -2.940  -10.730 -6.281  1.00 17.39 ? 133 LEU A CD2 1 
ATOM   1084 N  N   . ALA A 1 134 ? -1.868  -10.832 -11.587 1.00 16.22 ? 134 ALA A N   1 
ATOM   1085 C  CA  . ALA A 1 134 ? -1.401  -9.995  -12.717 1.00 17.45 ? 134 ALA A CA  1 
ATOM   1086 C  C   . ALA A 1 134 ? -2.530  -9.690  -13.716 1.00 17.37 ? 134 ALA A C   1 
ATOM   1087 O  O   . ALA A 1 134 ? -2.399  -8.785  -14.570 1.00 18.58 ? 134 ALA A O   1 
ATOM   1088 C  CB  . ALA A 1 134 ? -0.241  -10.655 -13.401 1.00 17.77 ? 134 ALA A CB  1 
ATOM   1089 N  N   . LYS A 1 135 ? -3.621  -10.448 -13.626 1.00 17.80 ? 135 LYS A N   1 
ATOM   1090 C  CA  . LYS A 1 135 ? -4.801  -10.222 -14.466 1.00 17.80 ? 135 LYS A CA  1 
ATOM   1091 C  C   . LYS A 1 135 ? -5.681  -9.140  -13.841 1.00 17.20 ? 135 LYS A C   1 
ATOM   1092 O  O   . LYS A 1 135 ? -6.776  -9.412  -13.337 1.00 16.83 ? 135 LYS A O   1 
ATOM   1093 C  CB  . LYS A 1 135 ? -5.593  -11.520 -14.668 1.00 18.62 ? 135 LYS A CB  1 
ATOM   1094 C  CG  . LYS A 1 135 ? -4.879  -12.578 -15.480 1.00 20.64 ? 135 LYS A CG  1 
ATOM   1095 C  CD  . LYS A 1 135 ? -5.784  -13.795 -15.656 1.00 24.90 ? 135 LYS A CD  1 
ATOM   1096 C  CE  . LYS A 1 135 ? -5.021  -14.963 -16.253 1.00 28.46 ? 135 LYS A CE  1 
ATOM   1097 N  NZ  . LYS A 1 135 ? -5.819  -16.244 -16.202 1.00 30.12 ? 135 LYS A NZ  1 
ATOM   1098 N  N   . SER A 1 136 ? -5.178  -7.907  -13.835 1.00 15.81 ? 136 SER A N   1 
ATOM   1099 C  CA  . SER A 1 136 ? -5.796  -6.869  -13.028 1.00 15.79 ? 136 SER A CA  1 
ATOM   1100 C  C   . SER A 1 136 ? -5.480  -5.486  -13.564 1.00 15.87 ? 136 SER A C   1 
ATOM   1101 O  O   . SER A 1 136 ? -4.397  -5.258  -14.150 1.00 14.69 ? 136 SER A O   1 
ATOM   1102 C  CB  . SER A 1 136 ? -5.321  -6.993  -11.563 1.00 16.48 ? 136 SER A CB  1 
ATOM   1103 O  OG  . SER A 1 136 ? -3.915  -6.786  -11.458 1.00 15.83 ? 136 SER A OG  1 
ATOM   1104 N  N   . ARG A 1 137 ? -6.414  -4.560  -13.338 1.00 15.85 ? 137 ARG A N   1 
ATOM   1105 C  CA  . ARG A 1 137 ? -6.141  -3.155  -13.587 1.00 15.94 ? 137 ARG A CA  1 
ATOM   1106 C  C   . ARG A 1 137 ? -4.883  -2.739  -12.829 1.00 15.92 ? 137 ARG A C   1 
ATOM   1107 O  O   . ARG A 1 137 ? -4.013  -2.071  -13.378 1.00 15.99 ? 137 ARG A O   1 
ATOM   1108 C  CB  . ARG A 1 137 ? -7.307  -2.260  -13.159 1.00 16.40 ? 137 ARG A CB  1 
ATOM   1109 C  CG  . ARG A 1 137 ? -6.991  -0.801  -13.466 1.00 18.72 ? 137 ARG A CG  1 
ATOM   1110 C  CD  . ARG A 1 137 ? -8.008  0.177   -12.934 1.00 23.04 ? 137 ARG A CD  1 
ATOM   1111 N  NE  . ARG A 1 137 ? -7.685  1.532   -13.385 1.00 24.59 ? 137 ARG A NE  1 
ATOM   1112 C  CZ  . ARG A 1 137 ? -6.875  2.376   -12.746 1.00 27.04 ? 137 ARG A CZ  1 
ATOM   1113 N  NH1 . ARG A 1 137 ? -6.293  2.026   -11.604 1.00 26.90 ? 137 ARG A NH1 1 
ATOM   1114 N  NH2 . ARG A 1 137 ? -6.655  3.594   -13.254 1.00 25.35 ? 137 ARG A NH2 1 
ATOM   1115 N  N   . TRP A 1 138 ? -4.776  -3.177  -11.569 1.00 15.51 ? 138 TRP A N   1 
ATOM   1116 C  CA  . TRP A 1 138 ? -3.606  -2.880  -10.740 1.00 15.53 ? 138 TRP A CA  1 
ATOM   1117 C  C   . TRP A 1 138 ? -2.299  -3.156  -11.482 1.00 16.99 ? 138 TRP A C   1 
ATOM   1118 O  O   . TRP A 1 138 ? -1.410  -2.288  -11.583 1.00 17.11 ? 138 TRP A O   1 
ATOM   1119 C  CB  . TRP A 1 138 ? -3.699  -3.753  -9.479  1.00 15.45 ? 138 TRP A CB  1 
ATOM   1120 C  CG  . TRP A 1 138 ? -2.500  -3.705  -8.584  1.00 15.43 ? 138 TRP A CG  1 
ATOM   1121 C  CD1 . TRP A 1 138 ? -1.956  -2.606  -7.990  1.00 15.97 ? 138 TRP A CD1 1 
ATOM   1122 C  CD2 . TRP A 1 138 ? -1.763  -4.841  -8.094  1.00 15.11 ? 138 TRP A CD2 1 
ATOM   1123 N  NE1 . TRP A 1 138 ? -0.871  -2.973  -7.197  1.00 15.76 ? 138 TRP A NE1 1 
ATOM   1124 C  CE2 . TRP A 1 138 ? -0.735  -4.341  -7.248  1.00 15.37 ? 138 TRP A CE2 1 
ATOM   1125 C  CE3 . TRP A 1 138 ? -1.838  -6.221  -8.328  1.00 17.03 ? 138 TRP A CE3 1 
ATOM   1126 C  CZ2 . TRP A 1 138 ? 0.168   -5.181  -6.596  1.00 15.86 ? 138 TRP A CZ2 1 
ATOM   1127 C  CZ3 . TRP A 1 138 ? -0.937  -7.052  -7.689  1.00 16.43 ? 138 TRP A CZ3 1 
ATOM   1128 C  CH2 . TRP A 1 138 ? 0.071   -6.531  -6.844  1.00 16.18 ? 138 TRP A CH2 1 
ATOM   1129 N  N   . TYR A 1 139 ? -2.157  -4.389  -11.970 1.00 16.80 ? 139 TYR A N   1 
ATOM   1130 C  CA  . TYR A 1 139 ? -0.944  -4.774  -12.660 1.00 17.74 ? 139 TYR A CA  1 
ATOM   1131 C  C   . TYR A 1 139 ? -0.719  -3.911  -13.904 1.00 17.19 ? 139 TYR A C   1 
ATOM   1132 O  O   . TYR A 1 139 ? 0.381   -3.402  -14.141 1.00 17.63 ? 139 TYR A O   1 
ATOM   1133 C  CB  . TYR A 1 139 ? -0.978  -6.261  -13.048 1.00 19.05 ? 139 TYR A CB  1 
ATOM   1134 C  CG  . TYR A 1 139 ? 0.311   -6.659  -13.707 1.00 20.60 ? 139 TYR A CG  1 
ATOM   1135 C  CD1 . TYR A 1 139 ? 1.357   -7.185  -12.952 1.00 20.48 ? 139 TYR A CD1 1 
ATOM   1136 C  CD2 . TYR A 1 139 ? 0.516   -6.450  -15.074 1.00 22.72 ? 139 TYR A CD2 1 
ATOM   1137 C  CE1 . TYR A 1 139 ? 2.565   -7.527  -13.535 1.00 23.61 ? 139 TYR A CE1 1 
ATOM   1138 C  CE2 . TYR A 1 139 ? 1.738   -6.774  -15.667 1.00 25.60 ? 139 TYR A CE2 1 
ATOM   1139 C  CZ  . TYR A 1 139 ? 2.758   -7.317  -14.889 1.00 24.36 ? 139 TYR A CZ  1 
ATOM   1140 O  OH  . TYR A 1 139 ? 3.983   -7.638  -15.464 1.00 27.02 ? 139 TYR A OH  1 
ATOM   1141 N  N   . ASN A 1 140 ? -1.762  -3.748  -14.710 1.00 16.97 ? 140 ASN A N   1 
ATOM   1142 C  CA  . ASN A 1 140 ? -1.621  -3.001  -15.968 1.00 16.77 ? 140 ASN A CA  1 
ATOM   1143 C  C   . ASN A 1 140 ? -1.250  -1.524  -15.778 1.00 16.22 ? 140 ASN A C   1 
ATOM   1144 O  O   . ASN A 1 140 ? -0.495  -0.968  -16.593 1.00 16.82 ? 140 ASN A O   1 
ATOM   1145 C  CB  . ASN A 1 140 ? -2.891  -3.134  -16.798 1.00 16.99 ? 140 ASN A CB  1 
ATOM   1146 C  CG  . ASN A 1 140 ? -2.986  -4.489  -17.481 1.00 18.79 ? 140 ASN A CG  1 
ATOM   1147 O  OD1 . ASN A 1 140 ? -3.714  -5.388  -17.033 1.00 21.46 ? 140 ASN A OD1 1 
ATOM   1148 N  ND2 . ASN A 1 140 ? -2.246  -4.648  -18.568 1.00 20.44 ? 140 ASN A ND2 1 
ATOM   1149 N  N   . GLN A 1 141 ? -1.721  -0.910  -14.702 1.00 16.00 ? 141 GLN A N   1 
ATOM   1150 C  CA  . GLN A 1 141 ? -1.489  0.520   -14.476 1.00 15.93 ? 141 GLN A CA  1 
ATOM   1151 C  C   . GLN A 1 141 ? -0.160  0.782   -13.764 1.00 16.18 ? 141 GLN A C   1 
ATOM   1152 O  O   . GLN A 1 141 ? 0.504   1.784   -14.031 1.00 16.89 ? 141 GLN A O   1 
ATOM   1153 C  CB  . GLN A 1 141 ? -2.655  1.165   -13.715 1.00 16.69 ? 141 GLN A CB  1 
ATOM   1154 C  CG  . GLN A 1 141 ? -4.034  1.048   -14.414 1.00 16.70 ? 141 GLN A CG  1 
ATOM   1155 C  CD  . GLN A 1 141 ? -4.076  1.669   -15.827 1.00 18.59 ? 141 GLN A CD  1 
ATOM   1156 O  OE1 . GLN A 1 141 ? -4.561  1.041   -16.770 1.00 18.66 ? 141 GLN A OE1 1 
ATOM   1157 N  NE2 . GLN A 1 141 ? -3.571  2.898   -15.967 1.00 20.31 ? 141 GLN A NE2 1 
ATOM   1158 N  N   . THR A 1 142 ? 0.216   -0.126  -12.853 1.00 15.22 ? 142 THR A N   1 
ATOM   1159 C  CA  . THR A 1 142 ? 1.537   -0.028  -12.192 1.00 14.92 ? 142 THR A CA  1 
ATOM   1160 C  C   . THR A 1 142 ? 2.281   -1.351  -12.290 1.00 15.03 ? 142 THR A C   1 
ATOM   1161 O  O   . THR A 1 142 ? 2.460   -2.060  -11.279 1.00 15.20 ? 142 THR A O   1 
ATOM   1162 C  CB  . THR A 1 142 ? 1.434   0.440   -10.706 1.00 14.93 ? 142 THR A CB  1 
ATOM   1163 O  OG1 . THR A 1 142 ? 0.526   -0.409  -9.985  1.00 15.68 ? 142 THR A OG1 1 
ATOM   1164 C  CG2 . THR A 1 142 ? 0.912   1.885   -10.629 1.00 14.56 ? 142 THR A CG2 1 
ATOM   1165 N  N   . PRO A 1 143 ? 2.716   -1.712  -13.509 1.00 15.10 ? 143 PRO A N   1 
ATOM   1166 C  CA  . PRO A 1 143 ? 3.297   -3.053  -13.690 1.00 15.51 ? 143 PRO A CA  1 
ATOM   1167 C  C   . PRO A 1 143 ? 4.623   -3.284  -12.977 1.00 16.02 ? 143 PRO A C   1 
ATOM   1168 O  O   . PRO A 1 143 ? 4.889   -4.405  -12.531 1.00 16.64 ? 143 PRO A O   1 
ATOM   1169 C  CB  . PRO A 1 143 ? 3.498   -3.158  -15.213 1.00 15.68 ? 143 PRO A CB  1 
ATOM   1170 C  CG  . PRO A 1 143 ? 3.569   -1.734  -15.680 1.00 16.41 ? 143 PRO A CG  1 
ATOM   1171 C  CD  . PRO A 1 143 ? 2.663   -0.943  -14.776 1.00 16.02 ? 143 PRO A CD  1 
ATOM   1172 N  N   . ASP A 1 144 ? 5.485   -2.280  -12.905 1.00 16.01 ? 144 ASP A N   1 
ATOM   1173 C  CA  . ASP A 1 144 ? 6.774   -2.539  -12.300 1.00 16.68 ? 144 ASP A CA  1 
ATOM   1174 C  C   . ASP A 1 144 ? 6.640   -2.802  -10.794 1.00 16.06 ? 144 ASP A C   1 
ATOM   1175 O  O   . ASP A 1 144 ? 7.247   -3.732  -10.276 1.00 15.90 ? 144 ASP A O   1 
ATOM   1176 C  CB  . ASP A 1 144 ? 7.806   -1.476  -12.682 1.00 18.17 ? 144 ASP A CB  1 
ATOM   1177 C  CG  . ASP A 1 144 ? 8.219   -1.590  -14.160 1.00 19.62 ? 144 ASP A CG  1 
ATOM   1178 O  OD1 . ASP A 1 144 ? 8.222   -2.715  -14.709 1.00 25.76 ? 144 ASP A OD1 1 
ATOM   1179 O  OD2 . ASP A 1 144 ? 8.538   -0.566  -14.763 1.00 26.10 ? 144 ASP A OD2 1 
ATOM   1180 N  N   . ARG A 1 145 ? 5.812   -2.005  -10.128 1.00 16.18 ? 145 ARG A N   1 
ATOM   1181 C  CA  . ARG A 1 145 ? 5.560   -2.199  -8.713  1.00 16.56 ? 145 ARG A CA  1 
ATOM   1182 C  C   . ARG A 1 145 ? 4.786   -3.493  -8.510  1.00 16.86 ? 145 ARG A C   1 
ATOM   1183 O  O   . ARG A 1 145 ? 5.120   -4.285  -7.607  1.00 16.62 ? 145 ARG A O   1 
ATOM   1184 C  CB  . ARG A 1 145 ? 4.807   -1.026  -8.105  1.00 17.52 ? 145 ARG A CB  1 
ATOM   1185 C  CG  . ARG A 1 145 ? 4.407   -1.332  -6.654  1.00 18.55 ? 145 ARG A CG  1 
ATOM   1186 C  CD  . ARG A 1 145 ? 3.480   -0.314  -6.151  1.00 18.60 ? 145 ARG A CD  1 
ATOM   1187 N  NE  . ARG A 1 145 ? 3.275   -0.408  -4.704  1.00 15.32 ? 145 ARG A NE  1 
ATOM   1188 C  CZ  . ARG A 1 145 ? 2.833   0.620   -3.992  1.00 16.22 ? 145 ARG A CZ  1 
ATOM   1189 N  NH1 . ARG A 1 145 ? 2.587   1.781   -4.606  1.00 17.78 ? 145 ARG A NH1 1 
ATOM   1190 N  NH2 . ARG A 1 145 ? 2.655   0.511   -2.675  1.00 16.36 ? 145 ARG A NH2 1 
ATOM   1191 N  N   . ALA A 1 146 ? 3.771   -3.730  -9.339  1.00 16.71 ? 146 ALA A N   1 
ATOM   1192 C  CA  . ALA A 1 146 ? 2.968   -4.936  -9.144  1.00 17.27 ? 146 ALA A CA  1 
ATOM   1193 C  C   . ALA A 1 146 ? 3.844   -6.177  -9.342  1.00 17.05 ? 146 ALA A C   1 
ATOM   1194 O  O   . ALA A 1 146 ? 3.731   -7.138  -8.585  1.00 17.63 ? 146 ALA A O   1 
ATOM   1195 C  CB  . ALA A 1 146 ? 1.731   -4.951  -10.017 1.00 17.99 ? 146 ALA A CB  1 
ATOM   1196 N  N   . LYS A 1 147 ? 4.769   -6.149  -10.311 1.00 16.60 ? 147 LYS A N   1 
ATOM   1197 C  CA  . LYS A 1 147 ? 5.680   -7.307  -10.474 1.00 17.85 ? 147 LYS A CA  1 
ATOM   1198 C  C   . LYS A 1 147 ? 6.432   -7.593  -9.183  1.00 16.57 ? 147 LYS A C   1 
ATOM   1199 O  O   . LYS A 1 147 ? 6.650   -8.751  -8.834  1.00 16.55 ? 147 LYS A O   1 
ATOM   1200 C  CB  . LYS A 1 147 ? 6.693   -7.094  -11.616 1.00 17.61 ? 147 LYS A CB  1 
ATOM   1201 C  CG  . LYS A 1 147 ? 6.117   -7.286  -13.009 1.00 21.08 ? 147 LYS A CG  1 
ATOM   1202 C  CD  . LYS A 1 147 ? 7.189   -7.074  -14.087 1.00 21.67 ? 147 LYS A CD  1 
ATOM   1203 C  CE  . LYS A 1 147 ? 6.577   -6.474  -15.340 1.00 27.40 ? 147 LYS A CE  1 
ATOM   1204 N  NZ  . LYS A 1 147 ? 7.497   -6.478  -16.506 0.50 27.52 ? 147 LYS A NZ  1 
ATOM   1205 N  N   . ARG A 1 148 ? 6.860   -6.542  -8.486  1.00 16.34 ? 148 ARG A N   1 
ATOM   1206 C  CA  . ARG A 1 148 ? 7.673   -6.716  -7.271  1.00 15.45 ? 148 ARG A CA  1 
ATOM   1207 C  C   . ARG A 1 148 ? 6.804   -7.328  -6.190  1.00 15.34 ? 148 ARG A C   1 
ATOM   1208 O  O   . ARG A 1 148 ? 7.207   -8.282  -5.523  1.00 15.42 ? 148 ARG A O   1 
ATOM   1209 C  CB  . ARG A 1 148 ? 8.252   -5.389  -6.787  1.00 15.34 ? 148 ARG A CB  1 
ATOM   1210 C  CG  . ARG A 1 148 ? 9.384   -4.809  -7.622  1.00 15.65 ? 148 ARG A CG  1 
ATOM   1211 C  CD  . ARG A 1 148 ? 10.087  -3.716  -6.833  1.00 15.24 ? 148 ARG A CD  1 
ATOM   1212 N  NE  . ARG A 1 148 ? 9.308   -2.470  -6.735  1.00 15.49 ? 148 ARG A NE  1 
ATOM   1213 C  CZ  . ARG A 1 148 ? 9.249   -1.528  -7.676  1.00 18.27 ? 148 ARG A CZ  1 
ATOM   1214 N  NH1 . ARG A 1 148 ? 9.913   -1.659  -8.826  1.00 19.76 ? 148 ARG A NH1 1 
ATOM   1215 N  NH2 . ARG A 1 148 ? 8.519   -0.434  -7.463  1.00 18.50 ? 148 ARG A NH2 1 
ATOM   1216 N  N   . VAL A 1 149 ? 5.599   -6.790  -6.037  1.00 14.99 ? 149 VAL A N   1 
ATOM   1217 C  CA  . VAL A 1 149 ? 4.677   -7.266  -4.995  1.00 14.45 ? 149 VAL A CA  1 
ATOM   1218 C  C   . VAL A 1 149 ? 4.277   -8.722  -5.279  1.00 15.54 ? 149 VAL A C   1 
ATOM   1219 O  O   . VAL A 1 149 ? 4.305   -9.589  -4.373  1.00 15.26 ? 149 VAL A O   1 
ATOM   1220 C  CB  . VAL A 1 149 ? 3.439   -6.344  -4.869  1.00 14.37 ? 149 VAL A CB  1 
ATOM   1221 C  CG1 . VAL A 1 149 ? 2.441   -6.922  -3.851  1.00 15.40 ? 149 VAL A CG1 1 
ATOM   1222 C  CG2 . VAL A 1 149 ? 3.881   -4.973  -4.426  1.00 14.38 ? 149 VAL A CG2 1 
ATOM   1223 N  N   . ILE A 1 150 ? 3.949   -9.012  -6.534  1.00 15.49 ? 150 ILE A N   1 
ATOM   1224 C  CA  . ILE A 1 150 ? 3.604   -10.370 -6.940  1.00 16.41 ? 150 ILE A CA  1 
ATOM   1225 C  C   . ILE A 1 150 ? 4.751   -11.362 -6.724  1.00 16.72 ? 150 ILE A C   1 
ATOM   1226 O  O   . ILE A 1 150 ? 4.512   -12.461 -6.261  1.00 17.82 ? 150 ILE A O   1 
ATOM   1227 C  CB  . ILE A 1 150 ? 3.102   -10.425 -8.391  1.00 16.37 ? 150 ILE A CB  1 
ATOM   1228 C  CG1 . ILE A 1 150 ? 1.754   -9.699  -8.508  1.00 16.77 ? 150 ILE A CG1 1 
ATOM   1229 C  CG2 . ILE A 1 150 ? 3.041   -11.871 -8.873  1.00 15.58 ? 150 ILE A CG2 1 
ATOM   1230 C  CD1 . ILE A 1 150 ? 1.271   -9.517  -9.942  1.00 17.69 ? 150 ILE A CD1 1 
ATOM   1231 N  N   . THR A 1 151 ? 5.987   -10.983 -7.066  1.00 16.42 ? 151 THR A N   1 
ATOM   1232 C  CA  . THR A 1 151 ? 7.139   -11.865 -6.788  1.00 16.99 ? 151 THR A CA  1 
ATOM   1233 C  C   . THR A 1 151 ? 7.249   -12.178 -5.293  1.00 16.32 ? 151 THR A C   1 
ATOM   1234 O  O   . THR A 1 151 ? 7.603   -13.316 -4.896  1.00 16.54 ? 151 THR A O   1 
ATOM   1235 C  CB  . THR A 1 151 ? 8.411   -11.220 -7.276  1.00 17.13 ? 151 THR A CB  1 
ATOM   1236 O  OG1 . THR A 1 151 ? 8.408   -11.260 -8.704  1.00 18.84 ? 151 THR A OG1 1 
ATOM   1237 C  CG2 . THR A 1 151 ? 9.647   -11.954 -6.750  1.00 18.37 ? 151 THR A CG2 1 
ATOM   1238 N  N   . THR A 1 152 ? 6.957   -11.175 -4.471  1.00 15.50 ? 152 THR A N   1 
ATOM   1239 C  CA  . THR A 1 152 ? 6.976   -11.337 -3.010  1.00 16.55 ? 152 THR A CA  1 
ATOM   1240 C  C   . THR A 1 152 ? 5.898   -12.337 -2.578  1.00 17.10 ? 152 THR A C   1 
ATOM   1241 O  O   . THR A 1 152 ? 6.183   -13.268 -1.809  1.00 17.05 ? 152 THR A O   1 
ATOM   1242 C  CB  . THR A 1 152 ? 6.862   -9.966  -2.298  1.00 16.33 ? 152 THR A CB  1 
ATOM   1243 O  OG1 . THR A 1 152 ? 7.814   -9.060  -2.882  1.00 16.56 ? 152 THR A OG1 1 
ATOM   1244 C  CG2 . THR A 1 152 ? 7.186   -10.105 -0.823  1.00 17.73 ? 152 THR A CG2 1 
ATOM   1245 N  N   . PHE A 1 153 ? 4.682   -12.179 -3.102  1.00 16.75 ? 153 PHE A N   1 
ATOM   1246 C  CA  . PHE A 1 153 ? 3.621   -13.189 -2.885  1.00 17.06 ? 153 PHE A CA  1 
ATOM   1247 C  C   . PHE A 1 153 ? 4.008   -14.598 -3.391  1.00 17.50 ? 153 PHE A C   1 
ATOM   1248 O  O   . PHE A 1 153 ? 3.700   -15.602 -2.731  1.00 19.08 ? 153 PHE A O   1 
ATOM   1249 C  CB  . PHE A 1 153 ? 2.304   -12.788 -3.575  1.00 16.78 ? 153 PHE A CB  1 
ATOM   1250 C  CG  . PHE A 1 153 ? 1.437   -11.847 -2.781  1.00 15.60 ? 153 PHE A CG  1 
ATOM   1251 C  CD1 . PHE A 1 153 ? 1.013   -10.647 -3.349  1.00 16.59 ? 153 PHE A CD1 1 
ATOM   1252 C  CD2 . PHE A 1 153 ? 0.966   -12.194 -1.500  1.00 17.16 ? 153 PHE A CD2 1 
ATOM   1253 C  CE1 . PHE A 1 153 ? 0.184   -9.764  -2.653  1.00 17.43 ? 153 PHE A CE1 1 
ATOM   1254 C  CE2 . PHE A 1 153 ? 0.146   -11.326 -0.802  1.00 18.61 ? 153 PHE A CE2 1 
ATOM   1255 C  CZ  . PHE A 1 153 ? -0.263  -10.107 -1.376  1.00 17.42 ? 153 PHE A CZ  1 
ATOM   1256 N  N   . ARG A 1 154 ? 4.681   -14.673 -4.541  1.00 17.32 ? 154 ARG A N   1 
ATOM   1257 C  CA  A ARG A 1 154 ? 4.965   -15.970 -5.148  0.50 17.45 ? 154 ARG A CA  1 
ATOM   1258 C  CA  B ARG A 1 154 ? 5.002   -15.952 -5.185  0.50 17.38 ? 154 ARG A CA  1 
ATOM   1259 C  C   . ARG A 1 154 ? 6.061   -16.736 -4.409  1.00 17.47 ? 154 ARG A C   1 
ATOM   1260 O  O   . ARG A 1 154 ? 5.983   -17.974 -4.276  1.00 18.48 ? 154 ARG A O   1 
ATOM   1261 C  CB  A ARG A 1 154 ? 5.311   -15.815 -6.631  0.50 17.10 ? 154 ARG A CB  1 
ATOM   1262 C  CB  B ARG A 1 154 ? 5.465   -15.714 -6.635  0.50 16.93 ? 154 ARG A CB  1 
ATOM   1263 C  CG  A ARG A 1 154 ? 5.229   -17.132 -7.402  0.50 17.31 ? 154 ARG A CG  1 
ATOM   1264 C  CG  B ARG A 1 154 ? 5.717   -16.999 -7.449  0.50 17.58 ? 154 ARG A CG  1 
ATOM   1265 C  CD  A ARG A 1 154 ? 5.660   -16.976 -8.856  0.50 18.09 ? 154 ARG A CD  1 
ATOM   1266 C  CD  B ARG A 1 154 ? 6.139   -16.705 -8.898  0.50 17.76 ? 154 ARG A CD  1 
ATOM   1267 N  NE  A ARG A 1 154 ? 6.951   -16.312 -8.995  0.50 20.69 ? 154 ARG A NE  1 
ATOM   1268 N  NE  B ARG A 1 154 ? 7.408   -15.976 -9.000  0.50 21.37 ? 154 ARG A NE  1 
ATOM   1269 C  CZ  A ARG A 1 154 ? 8.134   -16.913 -8.881  0.50 20.61 ? 154 ARG A CZ  1 
ATOM   1270 C  CZ  B ARG A 1 154 ? 7.532   -14.693 -9.351  0.50 21.16 ? 154 ARG A CZ  1 
ATOM   1271 N  NH1 A ARG A 1 154 ? 8.209   -18.210 -8.631  0.50 22.07 ? 154 ARG A NH1 1 
ATOM   1272 N  NH1 B ARG A 1 154 ? 6.460   -13.960 -9.639  0.50 21.14 ? 154 ARG A NH1 1 
ATOM   1273 N  NH2 A ARG A 1 154 ? 9.248   -16.209 -9.030  0.50 22.52 ? 154 ARG A NH2 1 
ATOM   1274 N  NH2 B ARG A 1 154 ? 8.738   -14.134 -9.392  0.50 20.61 ? 154 ARG A NH2 1 
ATOM   1275 N  N   . THR A 1 155 ? 7.061   -16.013 -3.908  1.00 17.52 ? 155 THR A N   1 
ATOM   1276 C  CA  . THR A 1 155 ? 8.278   -16.660 -3.372  1.00 17.42 ? 155 THR A CA  1 
ATOM   1277 C  C   . THR A 1 155 ? 8.423   -16.631 -1.848  1.00 17.77 ? 155 THR A C   1 
ATOM   1278 O  O   . THR A 1 155 ? 9.160   -17.449 -1.279  1.00 17.02 ? 155 THR A O   1 
ATOM   1279 C  CB  . THR A 1 155 ? 9.548   -16.019 -3.943  1.00 17.70 ? 155 THR A CB  1 
ATOM   1280 O  OG1 . THR A 1 155 ? 9.603   -14.648 -3.527  1.00 17.89 ? 155 THR A OG1 1 
ATOM   1281 C  CG2 . THR A 1 155 ? 9.576   -16.100 -5.469  1.00 18.93 ? 155 THR A CG2 1 
ATOM   1282 N  N   . GLY A 1 156 ? 7.789   -15.671 -1.187  1.00 17.61 ? 156 GLY A N   1 
ATOM   1283 C  CA  . GLY A 1 156 ? 7.994   -15.465 0.239   1.00 17.76 ? 156 GLY A CA  1 
ATOM   1284 C  C   . GLY A 1 156 ? 9.399   -14.990 0.551   1.00 17.87 ? 156 GLY A C   1 
ATOM   1285 O  O   . GLY A 1 156 ? 9.869   -15.180 1.665   1.00 18.69 ? 156 GLY A O   1 
ATOM   1286 N  N   . THR A 1 157 ? 10.080  -14.432 -0.455  1.00 16.79 ? 157 THR A N   1 
ATOM   1287 C  CA  . THR A 1 157 ? 11.409  -13.841 -0.278  1.00 17.63 ? 157 THR A CA  1 
ATOM   1288 C  C   . THR A 1 157 ? 11.385  -12.360 -0.633  1.00 17.14 ? 157 THR A C   1 
ATOM   1289 O  O   . THR A 1 157 ? 10.419  -11.851 -1.197  1.00 17.97 ? 157 THR A O   1 
ATOM   1290 C  CB  . THR A 1 157 ? 12.470  -14.480 -1.201  1.00 18.38 ? 157 THR A CB  1 
ATOM   1291 O  OG1 . THR A 1 157 ? 12.263  -14.060 -2.558  1.00 19.07 ? 157 THR A OG1 1 
ATOM   1292 C  CG2 . THR A 1 157 ? 12.470  -16.009 -1.119  1.00 18.76 ? 157 THR A CG2 1 
ATOM   1293 N  N   . TRP A 1 158 ? 12.496  -11.695 -0.335  1.00 17.27 ? 158 TRP A N   1 
ATOM   1294 C  CA  . TRP A 1 158 ? 12.665  -10.275 -0.670  1.00 17.74 ? 158 TRP A CA  1 
ATOM   1295 C  C   . TRP A 1 158 ? 13.428  -10.048 -1.982  1.00 18.61 ? 158 TRP A C   1 
ATOM   1296 O  O   . TRP A 1 158 ? 13.925  -8.943  -2.224  1.00 19.44 ? 158 TRP A O   1 
ATOM   1297 C  CB  . TRP A 1 158 ? 13.378  -9.568  0.479   1.00 18.12 ? 158 TRP A CB  1 
ATOM   1298 C  CG  . TRP A 1 158 ? 12.537  -9.422  1.708   1.00 18.33 ? 158 TRP A CG  1 
ATOM   1299 C  CD1 . TRP A 1 158 ? 12.717  -10.059 2.901   1.00 17.59 ? 158 TRP A CD1 1 
ATOM   1300 C  CD2 . TRP A 1 158 ? 11.379  -8.591  1.862   1.00 18.20 ? 158 TRP A CD2 1 
ATOM   1301 N  NE1 . TRP A 1 158 ? 11.758  -9.672  3.796   1.00 17.92 ? 158 TRP A NE1 1 
ATOM   1302 C  CE2 . TRP A 1 158 ? 10.908  -8.777  3.188   1.00 17.67 ? 158 TRP A CE2 1 
ATOM   1303 C  CE3 . TRP A 1 158 ? 10.681  -7.708  1.009   1.00 18.35 ? 158 TRP A CE3 1 
ATOM   1304 C  CZ2 . TRP A 1 158 ? 9.791   -8.096  3.693   1.00 18.78 ? 158 TRP A CZ2 1 
ATOM   1305 C  CZ3 . TRP A 1 158 ? 9.562   -7.045  1.510   1.00 18.82 ? 158 TRP A CZ3 1 
ATOM   1306 C  CH2 . TRP A 1 158 ? 9.135   -7.235  2.843   1.00 19.31 ? 158 TRP A CH2 1 
ATOM   1307 N  N   . ASP A 1 159 ? 13.501  -11.077 -2.830  1.00 19.13 ? 159 ASP A N   1 
ATOM   1308 C  CA  . ASP A 1 159 ? 14.333  -10.998 -4.038  1.00 20.05 ? 159 ASP A CA  1 
ATOM   1309 C  C   . ASP A 1 159 ? 14.023  -9.783  -4.911  1.00 19.82 ? 159 ASP A C   1 
ATOM   1310 O  O   . ASP A 1 159 ? 14.929  -9.212  -5.538  1.00 19.39 ? 159 ASP A O   1 
ATOM   1311 C  CB  . ASP A 1 159 ? 14.225  -12.281 -4.869  1.00 20.76 ? 159 ASP A CB  1 
ATOM   1312 C  CG  . ASP A 1 159 ? 14.880  -13.485 -4.193  1.00 24.08 ? 159 ASP A CG  1 
ATOM   1313 O  OD1 . ASP A 1 159 ? 15.466  -13.331 -3.106  1.00 25.98 ? 159 ASP A OD1 1 
ATOM   1314 O  OD2 . ASP A 1 159 ? 14.802  -14.592 -4.769  1.00 29.77 ? 159 ASP A OD2 1 
ATOM   1315 N  N   . ALA A 1 160 ? 12.752  -9.395  -4.975  1.00 18.86 ? 160 ALA A N   1 
ATOM   1316 C  CA  . ALA A 1 160 ? 12.352  -8.281  -5.852  1.00 19.05 ? 160 ALA A CA  1 
ATOM   1317 C  C   . ALA A 1 160 ? 12.763  -6.903  -5.333  1.00 20.08 ? 160 ALA A C   1 
ATOM   1318 O  O   . ALA A 1 160 ? 12.665  -5.910  -6.079  1.00 19.84 ? 160 ALA A O   1 
ATOM   1319 C  CB  . ALA A 1 160 ? 10.860  -8.319  -6.127  1.00 18.35 ? 160 ALA A CB  1 
ATOM   1320 N  N   . TYR A 1 161 ? 13.239  -6.846  -4.084  1.00 20.35 ? 161 TYR A N   1 
ATOM   1321 C  CA  . TYR A 1 161 ? 13.595  -5.578  -3.455  1.00 21.57 ? 161 TYR A CA  1 
ATOM   1322 C  C   . TYR A 1 161 ? 15.097  -5.398  -3.135  1.00 24.25 ? 161 TYR A C   1 
ATOM   1323 O  O   . TYR A 1 161 ? 15.477  -4.381  -2.582  1.00 24.26 ? 161 TYR A O   1 
ATOM   1324 C  CB  . TYR A 1 161 ? 12.717  -5.335  -2.212  1.00 20.24 ? 161 TYR A CB  1 
ATOM   1325 C  CG  . TYR A 1 161 ? 11.271  -5.044  -2.577  1.00 18.81 ? 161 TYR A CG  1 
ATOM   1326 C  CD1 . TYR A 1 161 ? 10.354  -6.080  -2.724  1.00 19.10 ? 161 TYR A CD1 1 
ATOM   1327 C  CD2 . TYR A 1 161 ? 10.823  -3.727  -2.768  1.00 16.22 ? 161 TYR A CD2 1 
ATOM   1328 C  CE1 . TYR A 1 161 ? 9.038   -5.840  -3.059  1.00 17.87 ? 161 TYR A CE1 1 
ATOM   1329 C  CE2 . TYR A 1 161 ? 9.505   -3.469  -3.100  1.00 16.99 ? 161 TYR A CE2 1 
ATOM   1330 C  CZ  . TYR A 1 161 ? 8.611   -4.520  -3.250  1.00 17.15 ? 161 TYR A CZ  1 
ATOM   1331 O  OH  . TYR A 1 161 ? 7.310   -4.257  -3.589  1.00 18.15 ? 161 TYR A OH  1 
ATOM   1332 N  N   . LYS A 1 162 ? 15.930  -6.381  -3.485  1.00 28.07 ? 162 LYS A N   1 
ATOM   1333 C  CA  . LYS A 1 162 ? 17.408  -6.252  -3.365  1.00 30.96 ? 162 LYS A CA  1 
ATOM   1334 C  C   . LYS A 1 162 ? 17.811  -5.677  -1.996  1.00 31.76 ? 162 LYS A C   1 
ATOM   1335 O  O   . LYS A 1 162 ? 18.998  -5.522  -1.673  1.00 32.88 ? 162 LYS A O   1 
ATOM   1336 C  CB  . LYS A 1 162 ? 17.980  -5.412  -4.533  1.00 31.46 ? 162 LYS A CB  1 
ATOM   1337 C  CG  . LYS A 1 162 ? 18.312  -3.934  -4.213  1.00 33.31 ? 162 LYS A CG  1 
ATOM   1338 C  CD  . LYS A 1 162 ? 18.182  -2.995  -5.420  1.00 33.66 ? 162 LYS A CD  1 
ATOM   1339 C  CE  . LYS A 1 162 ? 17.071  -1.966  -5.214  1.00 37.30 ? 162 LYS A CE  1 
ATOM   1340 N  NZ  . LYS A 1 162 ? 15.734  -2.374  -5.749  1.00 39.48 ? 162 LYS A NZ  1 
HETATM 1341 P  P   . PO4 B 2 .   ? 3.008   14.847  -10.571 1.00 21.72 ? 165 PO4 A P   1 
HETATM 1342 O  O1  . PO4 B 2 .   ? 2.781   15.888  -9.480  1.00 22.20 ? 165 PO4 A O1  1 
HETATM 1343 O  O2  . PO4 B 2 .   ? 4.136   15.237  -11.500 1.00 20.11 ? 165 PO4 A O2  1 
HETATM 1344 O  O3  . PO4 B 2 .   ? 3.529   13.560  -9.907  1.00 21.75 ? 165 PO4 A O3  1 
HETATM 1345 O  O4  . PO4 B 2 .   ? 1.762   14.598  -11.365 1.00 20.74 ? 165 PO4 A O4  1 
HETATM 1346 P  P   . PO4 C 2 .   ? 9.900   16.979  -3.379  0.75 37.57 ? 166 PO4 A P   1 
HETATM 1347 O  O1  . PO4 C 2 .   ? 10.612  18.192  -3.935  0.75 38.30 ? 166 PO4 A O1  1 
HETATM 1348 O  O2  . PO4 C 2 .   ? 10.493  16.654  -2.011  0.75 34.72 ? 166 PO4 A O2  1 
HETATM 1349 O  O3  . PO4 C 2 .   ? 8.425   17.282  -3.277  0.75 35.23 ? 166 PO4 A O3  1 
HETATM 1350 O  O4  . PO4 C 2 .   ? 10.100  15.816  -4.338  0.75 36.84 ? 166 PO4 A O4  1 
HETATM 1351 CL CL  . JZ2 D 3 .   ? -4.766  -9.344  3.529   1.00 26.57 ? 167 JZ2 A CL  1 
HETATM 1352 C  C14 . JZ2 D 3 .   ? -4.480  -9.540  1.863   1.00 26.77 ? 167 JZ2 A C14 1 
HETATM 1353 C  C5  . JZ2 D 3 .   ? -4.360  -8.403  1.086   1.00 27.79 ? 167 JZ2 A C5  1 
HETATM 1354 C  C6  . JZ2 D 3 .   ? -4.119  -8.545  -0.263  1.00 26.92 ? 167 JZ2 A C6  1 
HETATM 1355 C  C11 . JZ2 D 3 .   ? -4.002  -9.821  -0.822  1.00 27.16 ? 167 JZ2 A C11 1 
HETATM 1356 C  C7  . JZ2 D 3 .   ? -3.757  -10.027 -2.328  1.00 27.86 ? 167 JZ2 A C7  1 
HETATM 1357 C  C12 . JZ2 D 3 .   ? -4.129  -10.955 -0.019  1.00 28.52 ? 167 JZ2 A C12 1 
HETATM 1358 C  C13 . JZ2 D 3 .   ? -4.361  -10.815 1.343   1.00 28.38 ? 167 JZ2 A C13 1 
HETATM 1359 O  OAB . JZ2 D 3 .   ? -4.016  -7.402  -1.007  1.00 30.62 ? 167 JZ2 A OAB 1 
HETATM 1360 O  O   . HOH E 4 .   ? 3.835   7.675   -4.527  1.00 18.77 ? 168 HOH A O   1 
HETATM 1361 O  O   . HOH E 4 .   ? -6.218  17.984  -10.241 1.00 33.49 ? 169 HOH A O   1 
HETATM 1362 O  O   . HOH E 4 .   ? 4.824   0.649   -11.497 1.00 14.69 ? 170 HOH A O   1 
HETATM 1363 O  O   . HOH E 4 .   ? 10.629  0.339   -11.273 1.00 43.09 ? 171 HOH A O   1 
HETATM 1364 O  O   . HOH E 4 .   ? -2.200  3.369   -10.524 1.00 26.37 ? 172 HOH A O   1 
HETATM 1365 O  O   . HOH E 4 .   ? -7.010  7.982   -12.177 1.00 38.38 ? 173 HOH A O   1 
HETATM 1366 O  O   . HOH E 4 .   ? 5.709   11.088  -7.613  1.00 27.74 ? 174 HOH A O   1 
HETATM 1367 O  O   . HOH E 4 .   ? -3.401  -0.324  -19.187 1.00 29.57 ? 175 HOH A O   1 
HETATM 1368 O  O   . HOH E 4 .   ? -11.155 -17.916 4.500   1.00 49.45 ? 176 HOH A O   1 
HETATM 1369 O  O   . HOH E 4 .   ? 2.085   16.277  13.477  1.00 32.09 ? 177 HOH A O   1 
HETATM 1370 O  O   . HOH E 4 .   ? -4.183  6.298   7.094   1.00 37.67 ? 178 HOH A O   1 
HETATM 1371 O  O   . HOH E 4 .   ? -6.138  10.829  3.460   1.00 40.61 ? 179 HOH A O   1 
HETATM 1372 O  O   . HOH E 4 .   ? -1.216  -13.442 -15.617 1.00 21.31 ? 180 HOH A O   1 
HETATM 1373 O  O   . HOH E 4 .   ? -13.482 -2.136  4.113   1.00 38.67 ? 181 HOH A O   1 
HETATM 1374 O  O   . HOH E 4 .   ? -11.300 -14.663 2.492   1.00 37.29 ? 182 HOH A O   1 
HETATM 1375 O  O   . HOH E 4 .   ? 9.662   1.363   -13.517 1.00 43.12 ? 183 HOH A O   1 
HETATM 1376 O  O   . HOH E 4 .   ? -5.058  15.198  -11.873 1.00 32.92 ? 184 HOH A O   1 
HETATM 1377 O  O   . HOH E 4 .   ? -6.161  14.872  6.746   1.00 33.54 ? 185 HOH A O   1 
HETATM 1378 O  O   . HOH E 4 .   ? -1.492  -25.817 1.149   1.00 33.94 ? 186 HOH A O   1 
HETATM 1379 O  O   . HOH E 4 .   ? 13.305  7.498   -3.712  1.00 46.17 ? 187 HOH A O   1 
HETATM 1380 O  O   . HOH E 4 .   ? 17.193  -10.371 -6.520  1.00 38.92 ? 188 HOH A O   1 
HETATM 1381 O  O   . HOH E 4 .   ? -8.014  1.581   8.058   1.00 40.24 ? 189 HOH A O   1 
HETATM 1382 O  O   . HOH E 4 .   ? -5.082  6.826   -13.901 1.00 32.45 ? 190 HOH A O   1 
HETATM 1383 O  O   . HOH E 4 .   ? -3.653  -24.262 2.728   1.00 35.83 ? 191 HOH A O   1 
HETATM 1384 O  O   . HOH E 4 .   ? 13.823  7.703   3.512   1.00 39.01 ? 192 HOH A O   1 
HETATM 1385 O  O   . HOH E 4 .   ? 12.723  -1.831  -11.638 1.00 41.51 ? 193 HOH A O   1 
HETATM 1386 O  O   . HOH E 4 .   ? 2.289   7.737   4.416   1.00 15.88 ? 194 HOH A O   1 
HETATM 1387 O  O   . HOH E 4 .   ? -4.560  -0.151  -8.641  1.00 36.66 ? 195 HOH A O   1 
HETATM 1388 O  O   . HOH E 4 .   ? 3.869   8.114   13.710  0.50 15.25 ? 196 HOH A O   1 
HETATM 1389 O  O   . HOH E 4 .   ? 1.314   6.937   -6.560  1.00 32.61 ? 197 HOH A O   1 
HETATM 1390 O  O   . HOH E 4 .   ? -15.524 -7.205  7.418   1.00 43.11 ? 198 HOH A O   1 
HETATM 1391 O  O   . HOH E 4 .   ? 12.369  -3.495  -14.018 1.00 35.59 ? 199 HOH A O   1 
HETATM 1392 O  O   . HOH E 4 .   ? 13.841  11.387  9.816   1.00 40.54 ? 200 HOH A O   1 
HETATM 1393 O  O   . HOH E 4 .   ? -6.026  15.912  -8.417  1.00 29.86 ? 201 HOH A O   1 
HETATM 1394 O  O   . HOH E 4 .   ? -1.699  20.839  16.342  1.00 39.99 ? 202 HOH A O   1 
HETATM 1395 O  O   . HOH E 4 .   ? 5.039   26.558  0.804   1.00 45.89 ? 203 HOH A O   1 
HETATM 1396 O  O   . HOH E 4 .   ? 9.514   -4.885  -11.359 1.00 18.22 ? 204 HOH A O   1 
HETATM 1397 O  O   . HOH E 4 .   ? 0.764   3.765   -15.814 1.00 20.13 ? 205 HOH A O   1 
HETATM 1398 O  O   . HOH E 4 .   ? 0.928   18.988  -6.919  1.00 31.36 ? 206 HOH A O   1 
HETATM 1399 O  O   . HOH E 4 .   ? 15.747  -2.741  -11.253 1.00 48.83 ? 207 HOH A O   1 
HETATM 1400 O  O   . HOH E 4 .   ? 15.375  9.596   1.905   1.00 45.90 ? 208 HOH A O   1 
HETATM 1401 O  O   . HOH E 4 .   ? 2.398   4.925   -5.807  1.00 39.20 ? 209 HOH A O   1 
HETATM 1402 O  O   . HOH E 4 .   ? 14.380  -0.579  8.601   1.00 18.71 ? 210 HOH A O   1 
HETATM 1403 O  O   . HOH E 4 .   ? -8.182  1.076   -5.657  1.00 33.05 ? 211 HOH A O   1 
HETATM 1404 O  O   . HOH E 4 .   ? 11.034  16.494  14.671  1.00 39.45 ? 212 HOH A O   1 
HETATM 1405 O  O   . HOH E 4 .   ? 0.399   21.648  -7.256  1.00 35.60 ? 213 HOH A O   1 
HETATM 1406 O  O   . HOH E 4 .   ? 0.497   14.327  12.585  1.00 22.75 ? 214 HOH A O   1 
HETATM 1407 O  O   . HOH E 4 .   ? 7.837   5.883   9.582   1.00 27.74 ? 215 HOH A O   1 
HETATM 1408 O  O   . HOH E 4 .   ? -13.108 6.805   -3.787  1.00 52.57 ? 216 HOH A O   1 
HETATM 1409 O  O   . HOH E 4 .   ? 17.849  -3.163  4.132   1.00 37.48 ? 217 HOH A O   1 
HETATM 1410 O  O   . HOH E 4 .   ? -9.933  -17.211 -11.343 1.00 36.51 ? 218 HOH A O   1 
HETATM 1411 O  O   . HOH E 4 .   ? 5.279   5.446   -6.125  1.00 36.87 ? 219 HOH A O   1 
HETATM 1412 O  O   . HOH E 4 .   ? 3.942   10.045  4.511   1.00 15.52 ? 220 HOH A O   1 
HETATM 1413 O  O   . HOH E 4 .   ? 11.712  -3.697  -9.932  1.00 21.18 ? 221 HOH A O   1 
HETATM 1414 O  O   . HOH E 4 .   ? -13.176 -16.839 8.905   1.00 41.18 ? 222 HOH A O   1 
HETATM 1415 O  O   . HOH E 4 .   ? -3.177  8.972   -13.969 1.00 19.00 ? 223 HOH A O   1 
HETATM 1416 O  O   . HOH E 4 .   ? -6.151  -18.320 8.717   1.00 23.72 ? 224 HOH A O   1 
HETATM 1417 O  O   . HOH E 4 .   ? -1.061  22.980  3.398   1.00 22.40 ? 225 HOH A O   1 
HETATM 1418 O  O   . HOH E 4 .   ? -7.237  -4.228  -10.141 1.00 15.81 ? 226 HOH A O   1 
HETATM 1419 O  O   . HOH E 4 .   ? -7.945  24.556  5.971   1.00 34.06 ? 227 HOH A O   1 
HETATM 1420 O  O   . HOH E 4 .   ? -2.639  12.581  11.246  1.00 17.39 ? 228 HOH A O   1 
HETATM 1421 O  O   . HOH E 4 .   ? 1.277   22.705  -4.959  1.00 40.95 ? 229 HOH A O   1 
HETATM 1422 O  O   . HOH E 4 .   ? 1.028   -2.955  -4.161  1.00 17.35 ? 230 HOH A O   1 
HETATM 1423 O  O   . HOH E 4 .   ? 5.502   0.627   -13.976 1.00 21.55 ? 231 HOH A O   1 
HETATM 1424 O  O   . HOH E 4 .   ? -3.007  11.906  -14.337 1.00 20.51 ? 232 HOH A O   1 
HETATM 1425 O  O   . HOH E 4 .   ? 4.413   0.413   14.147  1.00 36.09 ? 233 HOH A O   1 
HETATM 1426 O  O   . HOH E 4 .   ? 10.944  2.542   -8.661  1.00 40.83 ? 234 HOH A O   1 
HETATM 1427 O  O   . HOH E 4 .   ? 8.015   6.822   -6.764  1.00 40.71 ? 235 HOH A O   1 
HETATM 1428 O  O   . HOH E 4 .   ? 0.671   12.278  -11.527 1.00 24.32 ? 236 HOH A O   1 
HETATM 1429 O  O   . HOH E 4 .   ? 6.700   2.154   -7.375  1.00 20.67 ? 237 HOH A O   1 
HETATM 1430 O  O   . HOH E 4 .   ? -3.403  4.676   -0.596  1.00 23.85 ? 238 HOH A O   1 
HETATM 1431 O  O   . HOH E 4 .   ? -9.872  -16.232 0.760   1.00 33.81 ? 239 HOH A O   1 
HETATM 1432 O  O   . HOH E 4 .   ? 15.393  5.438   3.345   1.00 34.07 ? 240 HOH A O   1 
HETATM 1433 O  O   . HOH E 4 .   ? 3.274   10.247  -9.135  1.00 18.42 ? 241 HOH A O   1 
HETATM 1434 O  O   . HOH E 4 .   ? -11.561 -13.142 10.642  1.00 45.21 ? 242 HOH A O   1 
HETATM 1435 O  O   . HOH E 4 .   ? 1.150   23.225  -2.556  1.00 43.96 ? 243 HOH A O   1 
HETATM 1436 O  O   . HOH E 4 .   ? 8.743   16.873  13.523  1.00 42.28 ? 244 HOH A O   1 
HETATM 1437 O  O   . HOH E 4 .   ? 2.915   -16.937 9.851   1.00 21.78 ? 245 HOH A O   1 
HETATM 1438 O  O   . HOH E 4 .   ? 1.075   25.403  -3.932  1.00 38.04 ? 246 HOH A O   1 
HETATM 1439 O  O   . HOH E 4 .   ? 16.222  5.309   0.864   1.00 39.93 ? 247 HOH A O   1 
HETATM 1440 O  O   . HOH E 4 .   ? -9.461  -15.003 10.692  1.00 39.80 ? 248 HOH A O   1 
HETATM 1441 O  O   . HOH E 4 .   ? 7.139   18.893  15.159  1.00 39.38 ? 249 HOH A O   1 
HETATM 1442 O  O   . HOH E 4 .   ? 16.653  0.079   -2.803  1.00 43.81 ? 250 HOH A O   1 
HETATM 1443 O  O   . HOH E 4 .   ? -5.711  9.613   6.052   1.00 31.82 ? 251 HOH A O   1 
HETATM 1444 O  O   . HOH E 4 .   ? 16.584  -8.829  1.872   1.00 29.46 ? 252 HOH A O   1 
HETATM 1445 O  O   . HOH E 4 .   ? -1.648  -6.673  -20.135 1.00 27.69 ? 253 HOH A O   1 
HETATM 1446 O  O   . HOH E 4 .   ? 4.085   -22.897 -12.391 1.00 33.08 ? 254 HOH A O   1 
HETATM 1447 O  O   . HOH E 4 .   ? -1.642  5.038   2.566   1.00 42.14 ? 255 HOH A O   1 
HETATM 1448 O  O   . HOH E 4 .   ? -8.542  -21.668 -6.030  1.00 48.94 ? 256 HOH A O   1 
HETATM 1449 O  O   . HOH E 4 .   ? 16.590  -11.347 0.828   1.00 31.04 ? 257 HOH A O   1 
HETATM 1450 O  O   . HOH E 4 .   ? 2.973   -15.241 -16.340 1.00 32.68 ? 258 HOH A O   1 
HETATM 1451 O  O   . HOH E 4 .   ? 15.718  -15.398 0.425   1.00 31.72 ? 259 HOH A O   1 
HETATM 1452 O  O   . HOH E 4 .   ? -4.169  -12.326 -19.273 1.00 32.71 ? 260 HOH A O   1 
HETATM 1453 O  O   . HOH E 4 .   ? 0.624   -23.761 -12.541 1.00 35.64 ? 261 HOH A O   1 
HETATM 1454 O  O   . HOH E 4 .   ? 10.211  22.844  4.957   1.00 36.81 ? 262 HOH A O   1 
HETATM 1455 O  O   . HOH E 4 .   ? 3.898   -18.614 -13.848 1.00 34.54 ? 263 HOH A O   1 
HETATM 1456 O  O   . HOH E 4 .   ? 2.410   -20.611 -14.092 1.00 37.74 ? 264 HOH A O   1 
HETATM 1457 O  O   . HOH E 4 .   ? -7.798  4.436   4.723   1.00 32.84 ? 265 HOH A O   1 
HETATM 1458 O  O   . HOH E 4 .   ? 16.606  2.212   5.024   1.00 36.38 ? 266 HOH A O   1 
HETATM 1459 O  O   . HOH E 4 .   ? 15.024  16.131  4.669   1.00 37.08 ? 267 HOH A O   1 
HETATM 1460 O  O   . HOH E 4 .   ? -1.475  -15.343 -17.534 1.00 36.00 ? 268 HOH A O   1 
HETATM 1461 O  O   . HOH E 4 .   ? 11.947  18.166  11.643  1.00 43.28 ? 269 HOH A O   1 
HETATM 1462 O  O   . HOH E 4 .   ? -9.527  -21.550 0.256   1.00 48.53 ? 270 HOH A O   1 
HETATM 1463 O  O   . HOH E 4 .   ? -2.308  0.462   -10.143 1.00 21.64 ? 271 HOH A O   1 
HETATM 1464 O  O   . HOH E 4 .   ? -4.890  1.587   2.352   1.00 29.15 ? 272 HOH A O   1 
HETATM 1465 O  O   . HOH E 4 .   ? -8.564  0.874   2.911   1.00 29.54 ? 273 HOH A O   1 
HETATM 1466 O  O   . HOH E 4 .   ? -11.287 -1.062  9.191   0.50 27.62 ? 274 HOH A O   1 
HETATM 1467 O  O   . HOH E 4 .   ? -9.482  -18.684 -6.681  1.00 36.01 ? 275 HOH A O   1 
HETATM 1468 O  O   . HOH E 4 .   ? -7.710  -22.744 2.016   1.00 44.31 ? 276 HOH A O   1 
HETATM 1469 O  O   . HOH E 4 .   ? 15.800  -0.787  1.737   1.00 32.56 ? 277 HOH A O   1 
HETATM 1470 O  O   . HOH E 4 .   ? 6.607   -19.258 -11.890 1.00 34.42 ? 278 HOH A O   1 
HETATM 1471 O  O   . HOH E 4 .   ? 10.791  -19.292 -2.440  1.00 28.54 ? 279 HOH A O   1 
HETATM 1472 O  O   . HOH E 4 .   ? -2.238  -20.469 -13.620 1.00 24.24 ? 280 HOH A O   1 
HETATM 1473 O  O   . HOH E 4 .   ? 4.650   2.877   -9.406  1.00 19.74 ? 281 HOH A O   1 
HETATM 1474 O  O   . HOH E 4 .   ? 3.551   -17.631 -11.386 1.00 23.09 ? 282 HOH A O   1 
HETATM 1475 O  O   . HOH E 4 .   ? 11.030  9.975   12.111  1.00 24.07 ? 283 HOH A O   1 
HETATM 1476 O  O   . HOH E 4 .   ? 10.442  -10.090 -3.338  1.00 17.81 ? 284 HOH A O   1 
HETATM 1477 O  O   . HOH E 4 .   ? 10.457  20.520  3.637   1.00 31.74 ? 285 HOH A O   1 
HETATM 1478 O  O   . HOH E 4 .   ? 10.276  -9.807  -9.803  1.00 26.59 ? 286 HOH A O   1 
HETATM 1479 O  O   . HOH E 4 .   ? 2.263   19.833  14.123  1.00 28.02 ? 287 HOH A O   1 
HETATM 1480 O  O   . HOH E 4 .   ? -6.995  13.415  4.070   1.00 31.47 ? 288 HOH A O   1 
HETATM 1481 O  O   . HOH E 4 .   ? -7.717  0.912   10.446  1.00 35.85 ? 289 HOH A O   1 
HETATM 1482 O  O   . HOH E 4 .   ? -1.496  -18.859 2.788   1.00 18.32 ? 290 HOH A O   1 
HETATM 1483 O  O   . HOH E 4 .   ? 12.744  -10.425 -8.648  1.00 28.56 ? 291 HOH A O   1 
HETATM 1484 O  O   . HOH E 4 .   ? 2.333   -13.075 -12.509 1.00 18.24 ? 292 HOH A O   1 
HETATM 1485 O  O   . HOH E 4 .   ? 8.560   22.991  9.353   1.00 35.45 ? 293 HOH A O   1 
HETATM 1486 O  O   . HOH E 4 .   ? 1.565   -13.406 -15.162 1.00 21.36 ? 294 HOH A O   1 
HETATM 1487 O  O   . HOH E 4 .   ? -1.536  13.620  -12.766 1.00 22.06 ? 295 HOH A O   1 
HETATM 1488 O  O   . HOH E 4 .   ? -1.117  -2.568  -20.141 1.00 29.96 ? 296 HOH A O   1 
HETATM 1489 O  O   . HOH E 4 .   ? 14.556  -12.987 1.294   1.00 19.25 ? 297 HOH A O   1 
HETATM 1490 O  O   . HOH E 4 .   ? -0.718  4.482   -12.988 1.00 27.63 ? 298 HOH A O   1 
HETATM 1491 O  O   . HOH E 4 .   ? 11.960  -15.489 3.491   1.00 22.77 ? 299 HOH A O   1 
HETATM 1492 O  O   . HOH E 4 .   ? 6.217   -11.049 -10.743 1.00 18.83 ? 300 HOH A O   1 
HETATM 1493 O  O   . HOH E 4 .   ? 9.963   -20.284 -4.665  1.00 35.03 ? 301 HOH A O   1 
HETATM 1494 O  O   . HOH E 4 .   ? -5.873  -17.045 -13.126 1.00 23.67 ? 302 HOH A O   1 
HETATM 1495 O  O   . HOH E 4 .   ? 7.962   -5.894  8.016   1.00 23.63 ? 303 HOH A O   1 
HETATM 1496 O  O   . HOH E 4 .   ? -14.172 -4.152  8.021   1.00 34.92 ? 304 HOH A O   1 
HETATM 1497 O  O   . HOH E 4 .   ? 12.441  6.106   9.192   1.00 26.93 ? 305 HOH A O   1 
HETATM 1498 O  O   . HOH E 4 .   ? -2.381  4.420   12.924  1.00 27.00 ? 306 HOH A O   1 
HETATM 1499 O  O   . HOH E 4 .   ? 3.977   -10.747 -12.220 1.00 20.18 ? 307 HOH A O   1 
HETATM 1500 O  O   . HOH E 4 .   ? 13.841  1.467   1.514   1.00 23.53 ? 308 HOH A O   1 
HETATM 1501 O  O   . HOH E 4 .   ? 4.341   -14.955 -11.731 1.00 20.16 ? 309 HOH A O   1 
HETATM 1502 O  O   . HOH E 4 .   ? -7.165  11.946  -11.821 1.00 35.65 ? 310 HOH A O   1 
HETATM 1503 O  O   . HOH E 4 .   ? 8.499   10.923  12.671  1.00 22.78 ? 311 HOH A O   1 
HETATM 1504 O  O   . HOH E 4 .   ? 13.112  17.491  6.358   1.00 27.66 ? 312 HOH A O   1 
HETATM 1505 O  O   . HOH E 4 .   ? -1.440  6.431   -1.344  1.00 23.24 ? 313 HOH A O   1 
HETATM 1506 O  O   . HOH E 4 .   ? -6.132  20.584  -9.701  1.00 26.89 ? 314 HOH A O   1 
HETATM 1507 O  O   . HOH E 4 .   ? -3.263  -21.896 4.683   1.00 22.75 ? 315 HOH A O   1 
HETATM 1508 O  O   . HOH E 4 .   ? 5.012   18.646  13.217  1.00 29.15 ? 316 HOH A O   1 
HETATM 1509 O  O   . HOH E 4 .   ? 8.589   -16.483 3.770   1.00 20.92 ? 317 HOH A O   1 
HETATM 1510 O  O   . HOH E 4 .   ? 9.990   5.074   8.375   1.00 22.08 ? 318 HOH A O   1 
HETATM 1511 O  O   . HOH E 4 .   ? 4.709   15.991  13.704  1.00 32.54 ? 319 HOH A O   1 
HETATM 1512 O  O   . HOH E 4 .   ? 4.494   -10.169 -14.902 1.00 24.87 ? 320 HOH A O   1 
HETATM 1513 O  O   . HOH E 4 .   ? 3.485   7.917   -7.289  1.00 32.40 ? 321 HOH A O   1 
HETATM 1514 O  O   . HOH E 4 .   ? -5.407  -21.276 -11.439 1.00 35.40 ? 322 HOH A O   1 
HETATM 1515 O  O   . HOH E 4 .   ? -1.730  9.508   8.805   1.00 22.95 ? 323 HOH A O   1 
HETATM 1516 O  O   . HOH E 4 .   ? 10.008  -4.622  -13.959 1.00 24.85 ? 324 HOH A O   1 
HETATM 1517 O  O   . HOH E 4 .   ? -4.179  6.421   -5.197  1.00 26.23 ? 325 HOH A O   1 
HETATM 1518 O  O   . HOH E 4 .   ? -2.038  25.510  2.932   1.00 45.04 ? 326 HOH A O   1 
HETATM 1519 O  O   . HOH E 4 .   ? -3.825  -8.235  -17.844 1.00 26.72 ? 327 HOH A O   1 
HETATM 1520 O  O   . HOH E 4 .   ? -6.589  14.767  -5.707  1.00 24.94 ? 328 HOH A O   1 
HETATM 1521 O  O   . HOH E 4 .   ? -6.946  23.160  -7.637  1.00 33.48 ? 329 HOH A O   1 
HETATM 1522 O  O   . HOH E 4 .   ? -1.614  8.428   -3.134  1.00 17.17 ? 330 HOH A O   1 
HETATM 1523 O  O   . HOH E 4 .   ? -1.554  -8.982  -16.984 1.00 33.96 ? 331 HOH A O   1 
HETATM 1524 O  O   . HOH E 4 .   ? 2.621   2.935   -7.218  1.00 25.98 ? 332 HOH A O   1 
HETATM 1525 O  O   . HOH E 4 .   ? 3.733   22.521  -2.057  1.00 28.84 ? 333 HOH A O   1 
HETATM 1526 O  O   . HOH E 4 .   ? -6.595  -1.906  5.559   1.00 23.82 ? 334 HOH A O   1 
HETATM 1527 O  O   . HOH E 4 .   ? -4.256  22.207  11.628  1.00 27.81 ? 335 HOH A O   1 
HETATM 1528 O  O   . HOH E 4 .   ? 12.728  -5.875  -8.746  1.00 22.91 ? 336 HOH A O   1 
HETATM 1529 O  O   . HOH E 4 .   ? -1.664  4.589   -5.157  1.00 27.20 ? 337 HOH A O   1 
HETATM 1530 O  O   . HOH E 4 .   ? -11.583 -15.963 -1.602  1.00 31.32 ? 338 HOH A O   1 
HETATM 1531 O  O   . HOH E 4 .   ? -6.552  0.574   4.436   1.00 27.80 ? 339 HOH A O   1 
HETATM 1532 O  O   . HOH E 4 .   ? -2.125  3.233   -7.402  1.00 36.20 ? 340 HOH A O   1 
HETATM 1533 O  O   . HOH E 4 .   ? 5.345   18.540  -6.114  1.00 32.09 ? 341 HOH A O   1 
HETATM 1534 O  O   . HOH E 4 .   ? -4.037  -18.817 -11.913 1.00 20.12 ? 342 HOH A O   1 
HETATM 1535 O  O   . HOH E 4 .   ? -1.650  -20.012 -16.231 1.00 34.69 ? 343 HOH A O   1 
HETATM 1536 O  O   . HOH E 4 .   ? 5.369   9.321   -1.663  1.00 33.41 ? 344 HOH A O   1 
HETATM 1537 O  O   . HOH E 4 .   ? -6.548  -17.626 11.288  1.00 29.17 ? 345 HOH A O   1 
HETATM 1538 O  O   . HOH E 4 .   ? 2.312   -10.903 -16.437 1.00 29.15 ? 346 HOH A O   1 
HETATM 1539 O  O   . HOH E 4 .   ? 5.794   -13.684 -9.876  0.50 20.16 ? 347 HOH A O   1 
HETATM 1540 O  O   . HOH E 4 .   ? -1.424  5.066   0.144   1.00 27.71 ? 348 HOH A O   1 
HETATM 1541 O  O   . HOH E 4 .   ? 12.684  16.249  9.342   1.00 30.13 ? 349 HOH A O   1 
HETATM 1542 O  O   . HOH E 4 .   ? -3.693  6.925   9.347   1.00 33.24 ? 350 HOH A O   1 
HETATM 1543 O  O   . HOH E 4 .   ? -0.240  4.387   -2.916  1.00 24.66 ? 351 HOH A O   1 
HETATM 1544 O  O   . HOH E 4 .   ? 3.649   25.894  10.461  1.00 37.27 ? 352 HOH A O   1 
HETATM 1545 O  O   . HOH E 4 .   ? -10.829 1.043   4.555   1.00 50.82 ? 353 HOH A O   1 
HETATM 1546 O  O   . HOH E 4 .   ? 4.879   -8.774  8.356   1.00 31.70 ? 354 HOH A O   1 
HETATM 1547 O  O   . HOH E 4 .   ? 12.112  2.669   5.489   1.00 23.27 ? 355 HOH A O   1 
HETATM 1548 O  O   . HOH E 4 .   ? -9.969  -3.399  16.642  1.00 46.89 ? 356 HOH A O   1 
HETATM 1549 O  O   . HOH E 4 .   ? 6.516   9.780   -5.340  1.00 33.35 ? 357 HOH A O   1 
HETATM 1550 O  O   . HOH E 4 .   ? 13.515  -2.362  -6.333  1.00 44.21 ? 358 HOH A O   1 
HETATM 1551 O  O   . HOH E 4 .   ? -1.844  -11.445 -17.378 1.00 31.70 ? 359 HOH A O   1 
HETATM 1552 O  O   . HOH E 4 .   ? 10.735  -7.234  -10.383 1.00 26.52 ? 360 HOH A O   1 
HETATM 1553 O  O   . HOH E 4 .   ? -2.555  5.338   -14.522 1.00 32.11 ? 361 HOH A O   1 
HETATM 1554 O  O   . HOH E 4 .   ? -8.721  -19.248 8.822   1.00 32.75 ? 362 HOH A O   1 
HETATM 1555 O  O   . HOH E 4 .   ? 8.060   23.060  6.609   1.00 38.13 ? 363 HOH A O   1 
HETATM 1556 O  O   . HOH E 4 .   ? 9.108   3.195   -6.921  1.00 38.25 ? 364 HOH A O   1 
HETATM 1557 O  O   . HOH E 4 .   ? 13.949  -13.571 3.956   1.00 25.62 ? 365 HOH A O   1 
HETATM 1558 O  O   . HOH E 4 .   ? -6.764  -8.232  -17.377 1.00 23.35 ? 366 HOH A O   1 
HETATM 1559 O  O   . HOH E 4 .   ? 16.732  -2.673  -0.521  1.00 37.52 ? 367 HOH A O   1 
HETATM 1560 O  O   . HOH E 4 .   ? 14.373  2.961   3.867   1.00 23.07 ? 368 HOH A O   1 
HETATM 1561 O  O   . HOH E 4 .   ? 4.580   17.640  -8.580  1.00 30.67 ? 369 HOH A O   1 
HETATM 1562 O  O   . HOH E 4 .   ? 10.638  4.945   5.778   1.00 21.25 ? 370 HOH A O   1 
HETATM 1563 O  O   . HOH E 4 .   ? 0.230   -21.123 -12.648 1.00 28.05 ? 371 HOH A O   1 
HETATM 1564 O  O   . HOH E 4 .   ? 8.998   9.433   -5.828  1.00 30.83 ? 372 HOH A O   1 
HETATM 1565 O  O   . HOH E 4 .   ? -5.922  -1.484  -16.826 1.00 19.94 ? 373 HOH A O   1 
HETATM 1566 O  O   . HOH E 4 .   ? 1.096   7.305   -3.643  1.00 22.28 ? 374 HOH A O   1 
HETATM 1567 O  O   . HOH E 4 .   ? -7.479  -4.355  14.144  1.00 22.37 ? 375 HOH A O   1 
HETATM 1568 O  O   . HOH E 4 .   ? -2.847  7.335   2.366   1.00 27.57 ? 376 HOH A O   1 
HETATM 1569 O  O   . HOH E 4 .   ? -3.709  1.958   13.560  1.00 25.50 ? 377 HOH A O   1 
HETATM 1570 O  O   . HOH E 4 .   ? -11.554 -3.429  7.869   1.00 25.42 ? 378 HOH A O   1 
HETATM 1571 O  O   . HOH E 4 .   ? -4.289  20.373  -11.629 1.00 32.12 ? 379 HOH A O   1 
HETATM 1572 O  O   . HOH E 4 .   ? -7.065  -15.287 11.878  1.00 31.56 ? 380 HOH A O   1 
HETATM 1573 O  O   . HOH E 4 .   ? 11.116  9.591   -3.933  1.00 26.11 ? 381 HOH A O   1 
HETATM 1574 O  O   . HOH E 4 .   ? -10.334 19.904  6.289   1.00 29.37 ? 382 HOH A O   1 
HETATM 1575 O  O   . HOH E 4 .   ? 11.993  7.418   5.230   1.00 31.98 ? 383 HOH A O   1 
HETATM 1576 O  O   . HOH E 4 .   ? 9.483   18.530  11.639  1.00 25.23 ? 384 HOH A O   1 
HETATM 1577 O  O   . HOH E 4 .   ? -5.168  25.238  4.317   1.00 32.99 ? 385 HOH A O   1 
HETATM 1578 O  O   . HOH E 4 .   ? 1.217   18.214  -9.589  1.00 29.55 ? 386 HOH A O   1 
HETATM 1579 O  O   . HOH E 4 .   ? -5.660  3.800   0.732   1.00 41.14 ? 387 HOH A O   1 
HETATM 1580 O  O   . HOH E 4 .   ? -6.676  25.294  1.967   1.00 26.86 ? 388 HOH A O   1 
HETATM 1581 O  O   . HOH E 4 .   ? -3.482  3.524   3.530   1.00 28.94 ? 389 HOH A O   1 
HETATM 1582 O  O   . HOH E 4 .   ? 10.319  -18.578 1.149   1.00 25.54 ? 390 HOH A O   1 
HETATM 1583 O  O   . HOH E 4 .   ? 7.684   21.019  11.311  1.00 28.86 ? 391 HOH A O   1 
HETATM 1584 O  O   . HOH E 4 .   ? 11.521  5.086   -4.422  1.00 33.75 ? 392 HOH A O   1 
HETATM 1585 O  O   . HOH E 4 .   ? 13.091  -16.750 -4.411  1.00 52.36 ? 393 HOH A O   1 
HETATM 1586 O  O   . HOH E 4 .   ? -3.908  3.584   6.178   1.00 27.73 ? 394 HOH A O   1 
HETATM 1587 O  O   . HOH E 4 .   ? -1.389  26.102  5.273   1.00 29.81 ? 395 HOH A O   1 
HETATM 1588 O  O   . HOH E 4 .   ? -0.011  -8.629  11.979  1.00 36.96 ? 396 HOH A O   1 
HETATM 1589 O  O   . HOH E 4 .   ? -11.082 1.108   0.633   1.00 38.87 ? 397 HOH A O   1 
HETATM 1590 O  O   . HOH E 4 .   ? 6.651   -3.704  -16.595 1.00 28.76 ? 398 HOH A O   1 
HETATM 1591 O  O   . HOH E 4 .   ? 11.890  -10.841 6.466   1.00 32.09 ? 399 HOH A O   1 
HETATM 1592 O  O   . HOH E 4 .   ? 5.624   24.110  6.070   1.00 27.38 ? 400 HOH A O   1 
HETATM 1593 O  O   . HOH E 4 .   ? -14.977 -15.282 -6.494  1.00 40.91 ? 401 HOH A O   1 
HETATM 1594 O  O   . HOH E 4 .   ? -5.466  25.206  7.377   1.00 31.59 ? 402 HOH A O   1 
HETATM 1595 O  O   . HOH E 4 .   ? -10.034 -0.032  7.065   1.00 35.64 ? 403 HOH A O   1 
HETATM 1596 O  O   . HOH E 4 .   ? 9.450   -17.859 -8.498  0.50 23.87 ? 404 HOH A O   1 
HETATM 1597 O  O   . HOH E 4 .   ? 3.607   21.274  -4.398  1.00 33.99 ? 405 HOH A O   1 
HETATM 1598 O  O   . HOH E 4 .   ? -1.997  21.458  -8.813  1.00 39.22 ? 406 HOH A O   1 
HETATM 1599 O  O   . HOH E 4 .   ? -4.644  13.513  5.312   1.00 30.60 ? 407 HOH A O   1 
HETATM 1600 O  O   . HOH E 4 .   ? -6.522  2.638   6.236   1.00 32.02 ? 408 HOH A O   1 
HETATM 1601 O  O   . HOH E 4 .   ? -2.677  0.297   15.941  1.00 29.24 ? 409 HOH A O   1 
HETATM 1602 O  O   . HOH E 4 .   ? 7.149   14.668  13.256  1.00 27.62 ? 410 HOH A O   1 
HETATM 1603 O  O   . HOH E 4 .   ? 14.649  3.432   -0.266  1.00 33.23 ? 411 HOH A O   1 
HETATM 1604 O  O   . HOH E 4 .   ? -3.471  -26.040 -2.075  1.00 23.77 ? 412 HOH A O   1 
# 
loop_
_pdbx_poly_seq_scheme.asym_id 
_pdbx_poly_seq_scheme.entity_id 
_pdbx_poly_seq_scheme.seq_id 
_pdbx_poly_seq_scheme.mon_id 
_pdbx_poly_seq_scheme.ndb_seq_num 
_pdbx_poly_seq_scheme.pdb_seq_num 
_pdbx_poly_seq_scheme.auth_seq_num 
_pdbx_poly_seq_scheme.pdb_mon_id 
_pdbx_poly_seq_scheme.auth_mon_id 
_pdbx_poly_seq_scheme.pdb_strand_id 
_pdbx_poly_seq_scheme.pdb_ins_code 
_pdbx_poly_seq_scheme.hetero 
A 1 1   MET 1   1   1   MET MET A . n 
A 1 2   ASN 2   2   2   ASN ASN A . n 
A 1 3   ILE 3   3   3   ILE ILE A . n 
A 1 4   PHE 4   4   4   PHE PHE A . n 
A 1 5   GLU 5   5   5   GLU GLU A . n 
A 1 6   MET 6   6   6   MET MET A . n 
A 1 7   LEU 7   7   7   LEU LEU A . n 
A 1 8   ARG 8   8   8   ARG ARG A . n 
A 1 9   ILE 9   9   9   ILE ILE A . n 
A 1 10  ASP 10  10  10  ASP ASP A . n 
A 1 11  GLU 11  11  11  GLU GLU A . n 
A 1 12  GLY 12  12  12  GLY GLY A . n 
A 1 13  LEU 13  13  13  LEU LEU A . n 
A 1 14  ARG 14  14  14  ARG ARG A . n 
A 1 15  LEU 15  15  15  LEU LEU A . n 
A 1 16  LYS 16  16  16  LYS LYS A . n 
A 1 17  ILE 17  17  17  ILE ILE A . n 
A 1 18  TYR 18  18  18  TYR TYR A . n 
A 1 19  LYS 19  19  19  LYS LYS A . n 
A 1 20  ASP 20  20  20  ASP ASP A . n 
A 1 21  THR 21  21  21  THR THR A . n 
A 1 22  GLU 22  22  22  GLU GLU A . n 
A 1 23  GLY 23  23  23  GLY GLY A . n 
A 1 24  TYR 24  24  24  TYR TYR A . n 
A 1 25  TYR 25  25  25  TYR TYR A . n 
A 1 26  THR 26  26  26  THR THR A . n 
A 1 27  ILE 27  27  27  ILE ILE A . n 
A 1 28  GLY 28  28  28  GLY GLY A . n 
A 1 29  ILE 29  29  29  ILE ILE A . n 
A 1 30  GLY 30  30  30  GLY GLY A . n 
A 1 31  HIS 31  31  31  HIS HIS A . n 
A 1 32  LEU 32  32  32  LEU LEU A . n 
A 1 33  LEU 33  33  33  LEU LEU A . n 
A 1 34  THR 34  34  34  THR THR A . n 
A 1 35  LYS 35  35  35  LYS LYS A . n 
A 1 36  SER 36  36  36  SER SER A . n 
A 1 37  PRO 37  37  37  PRO PRO A . n 
A 1 38  ASP 38  38  38  ASP ASP A . n 
A 1 39  LEU 39  39  39  LEU LEU A . n 
A 1 40  ASN 40  40  40  ASN ASN A . n 
A 1 41  ALA 41  41  41  ALA ALA A . n 
A 1 42  ALA 42  42  42  ALA ALA A . n 
A 1 43  LYS 43  43  43  LYS LYS A . n 
A 1 44  SER 44  44  44  SER SER A . n 
A 1 45  GLU 45  45  45  GLU GLU A . n 
A 1 46  LEU 46  46  46  LEU LEU A . n 
A 1 47  ASP 47  47  47  ASP ASP A . n 
A 1 48  LYS 48  48  48  LYS LYS A . n 
A 1 49  ALA 49  49  49  ALA ALA A . n 
A 1 50  ILE 50  50  50  ILE ILE A . n 
A 1 51  GLY 51  51  51  GLY GLY A . n 
A 1 52  ARG 52  52  52  ARG ARG A . n 
A 1 53  ASN 53  53  53  ASN ASN A . n 
A 1 54  CYS 54  54  54  CYS CYS A . n 
A 1 55  ASN 55  55  55  ASN ASN A . n 
A 1 56  GLY 56  56  56  GLY GLY A . n 
A 1 57  VAL 57  57  57  VAL VAL A . n 
A 1 58  ILE 58  58  58  ILE ILE A . n 
A 1 59  THR 59  59  59  THR THR A . n 
A 1 60  LYS 60  60  60  LYS LYS A . n 
A 1 61  ASP 61  61  61  ASP ASP A . n 
A 1 62  GLU 62  62  62  GLU GLU A . n 
A 1 63  ALA 63  63  63  ALA ALA A . n 
A 1 64  GLU 64  64  64  GLU GLU A . n 
A 1 65  LYS 65  65  65  LYS LYS A . n 
A 1 66  LEU 66  66  66  LEU LEU A . n 
A 1 67  PHE 67  67  67  PHE PHE A . n 
A 1 68  ASN 68  68  68  ASN ASN A . n 
A 1 69  GLN 69  69  69  GLN GLN A . n 
A 1 70  ASP 70  70  70  ASP ASP A . n 
A 1 71  VAL 71  71  71  VAL VAL A . n 
A 1 72  ASP 72  72  72  ASP ASP A . n 
A 1 73  ALA 73  73  73  ALA ALA A . n 
A 1 74  ALA 74  74  74  ALA ALA A . n 
A 1 75  VAL 75  75  75  VAL VAL A . n 
A 1 76  ARG 76  76  76  ARG ARG A . n 
A 1 77  GLY 77  77  77  GLY GLY A . n 
A 1 78  ILE 78  78  78  ILE ILE A . n 
A 1 79  LEU 79  79  79  LEU LEU A . n 
A 1 80  ARG 80  80  80  ARG ARG A . n 
A 1 81  ASN 81  81  81  ASN ASN A . n 
A 1 82  ALA 82  82  82  ALA ALA A . n 
A 1 83  LYS 83  83  83  LYS LYS A . n 
A 1 84  LEU 84  84  84  LEU LEU A . n 
A 1 85  LYS 85  85  85  LYS LYS A . n 
A 1 86  PRO 86  86  86  PRO PRO A . n 
A 1 87  VAL 87  87  87  VAL VAL A . n 
A 1 88  TYR 88  88  88  TYR TYR A . n 
A 1 89  ASP 89  89  89  ASP ASP A . n 
A 1 90  SER 90  90  90  SER SER A . n 
A 1 91  LEU 91  91  91  LEU LEU A . n 
A 1 92  ASP 92  92  92  ASP ASP A . n 
A 1 93  ALA 93  93  93  ALA ALA A . n 
A 1 94  VAL 94  94  94  VAL VAL A . n 
A 1 95  ARG 95  95  95  ARG ARG A . n 
A 1 96  ARG 96  96  96  ARG ARG A . n 
A 1 97  CYS 97  97  97  CYS CYS A . n 
A 1 98  ALA 98  98  98  ALA ALA A . n 
A 1 99  ALA 99  99  99  ALA ALA A . n 
A 1 100 ILE 100 100 100 ILE ILE A . n 
A 1 101 ASN 101 101 101 ASN ASN A . n 
A 1 102 GLN 102 102 102 GLN GLN A . n 
A 1 103 VAL 103 103 103 VAL VAL A . n 
A 1 104 PHE 104 104 104 PHE PHE A . n 
A 1 105 GLN 105 105 105 GLN GLN A . n 
A 1 106 MET 106 106 106 MET MET A . n 
A 1 107 GLY 107 107 107 GLY GLY A . n 
A 1 108 GLU 108 108 108 GLU GLU A . n 
A 1 109 THR 109 109 109 THR THR A . n 
A 1 110 GLY 110 110 110 GLY GLY A . n 
A 1 111 VAL 111 111 111 VAL VAL A . n 
A 1 112 ALA 112 112 112 ALA ALA A . n 
A 1 113 GLY 113 113 113 GLY GLY A . n 
A 1 114 PHE 114 114 114 PHE PHE A . n 
A 1 115 THR 115 115 115 THR THR A . n 
A 1 116 ASN 116 116 116 ASN ASN A . n 
A 1 117 SER 117 117 117 SER SER A . n 
A 1 118 LEU 118 118 118 LEU LEU A . n 
A 1 119 ARG 119 119 119 ARG ARG A . n 
A 1 120 MET 120 120 120 MET MET A . n 
A 1 121 LEU 121 121 121 LEU LEU A . n 
A 1 122 GLN 122 122 122 GLN GLN A . n 
A 1 123 GLN 123 123 123 GLN GLN A . n 
A 1 124 LYS 124 124 124 LYS LYS A . n 
A 1 125 ARG 125 125 125 ARG ARG A . n 
A 1 126 TRP 126 126 126 TRP TRP A . n 
A 1 127 ASP 127 127 127 ASP ASP A . n 
A 1 128 GLU 128 128 128 GLU GLU A . n 
A 1 129 ALA 129 129 129 ALA ALA A . n 
A 1 130 ALA 130 130 130 ALA ALA A . n 
A 1 131 VAL 131 131 131 VAL VAL A . n 
A 1 132 ASN 132 132 132 ASN ASN A . n 
A 1 133 LEU 133 133 133 LEU LEU A . n 
A 1 134 ALA 134 134 134 ALA ALA A . n 
A 1 135 LYS 135 135 135 LYS LYS A . n 
A 1 136 SER 136 136 136 SER SER A . n 
A 1 137 ARG 137 137 137 ARG ARG A . n 
A 1 138 TRP 138 138 138 TRP TRP A . n 
A 1 139 TYR 139 139 139 TYR TYR A . n 
A 1 140 ASN 140 140 140 ASN ASN A . n 
A 1 141 GLN 141 141 141 GLN GLN A . n 
A 1 142 THR 142 142 142 THR THR A . n 
A 1 143 PRO 143 143 143 PRO PRO A . n 
A 1 144 ASP 144 144 144 ASP ASP A . n 
A 1 145 ARG 145 145 145 ARG ARG A . n 
A 1 146 ALA 146 146 146 ALA ALA A . n 
A 1 147 LYS 147 147 147 LYS LYS A . n 
A 1 148 ARG 148 148 148 ARG ARG A . n 
A 1 149 VAL 149 149 149 VAL VAL A . n 
A 1 150 ILE 150 150 150 ILE ILE A . n 
A 1 151 THR 151 151 151 THR THR A . n 
A 1 152 THR 152 152 152 THR THR A . n 
A 1 153 PHE 153 153 153 PHE PHE A . n 
A 1 154 ARG 154 154 154 ARG ARG A . n 
A 1 155 THR 155 155 155 THR THR A . n 
A 1 156 GLY 156 156 156 GLY GLY A . n 
A 1 157 THR 157 157 157 THR THR A . n 
A 1 158 TRP 158 158 158 TRP TRP A . n 
A 1 159 ASP 159 159 159 ASP ASP A . n 
A 1 160 ALA 160 160 160 ALA ALA A . n 
A 1 161 TYR 161 161 161 TYR TYR A . n 
A 1 162 LYS 162 162 162 LYS LYS A . n 
A 1 163 ASN 163 163 ?   ?   ?   A . n 
A 1 164 LEU 164 164 ?   ?   ?   A . n 
# 
loop_
_pdbx_nonpoly_scheme.asym_id 
_pdbx_nonpoly_scheme.entity_id 
_pdbx_nonpoly_scheme.mon_id 
_pdbx_nonpoly_scheme.ndb_seq_num 
_pdbx_nonpoly_scheme.pdb_seq_num 
_pdbx_nonpoly_scheme.auth_seq_num 
_pdbx_nonpoly_scheme.pdb_mon_id 
_pdbx_nonpoly_scheme.auth_mon_id 
_pdbx_nonpoly_scheme.pdb_strand_id 
_pdbx_nonpoly_scheme.pdb_ins_code 
B 2 PO4 1   165 165 PO4 PO4 A . 
C 2 PO4 1   166 166 PO4 PO4 A . 
D 3 JZ2 1   167 167 JZ2 JZ2 A . 
E 4 HOH 1   168 168 HOH HOH A . 
E 4 HOH 2   169 169 HOH HOH A . 
E 4 HOH 3   170 170 HOH HOH A . 
E 4 HOH 4   171 171 HOH HOH A . 
E 4 HOH 5   172 172 HOH HOH A . 
E 4 HOH 6   173 173 HOH HOH A . 
E 4 HOH 7   174 174 HOH HOH A . 
E 4 HOH 8   175 175 HOH HOH A . 
E 4 HOH 9   176 176 HOH HOH A . 
E 4 HOH 10  177 177 HOH HOH A . 
E 4 HOH 11  178 178 HOH HOH A . 
E 4 HOH 12  179 179 HOH HOH A . 
E 4 HOH 13  180 180 HOH HOH A . 
E 4 HOH 14  181 181 HOH HOH A . 
E 4 HOH 15  182 182 HOH HOH A . 
E 4 HOH 16  183 183 HOH HOH A . 
E 4 HOH 17  184 184 HOH HOH A . 
E 4 HOH 18  185 185 HOH HOH A . 
E 4 HOH 19  186 186 HOH HOH A . 
E 4 HOH 20  187 187 HOH HOH A . 
E 4 HOH 21  188 188 HOH HOH A . 
E 4 HOH 22  189 189 HOH HOH A . 
E 4 HOH 23  190 190 HOH HOH A . 
E 4 HOH 24  191 191 HOH HOH A . 
E 4 HOH 25  192 192 HOH HOH A . 
E 4 HOH 26  193 193 HOH HOH A . 
E 4 HOH 27  194 194 HOH HOH A . 
E 4 HOH 28  195 195 HOH HOH A . 
E 4 HOH 29  196 196 HOH HOH A . 
E 4 HOH 30  197 197 HOH HOH A . 
E 4 HOH 31  198 198 HOH HOH A . 
E 4 HOH 32  199 199 HOH HOH A . 
E 4 HOH 33  200 200 HOH HOH A . 
E 4 HOH 34  201 201 HOH HOH A . 
E 4 HOH 35  202 202 HOH HOH A . 
E 4 HOH 36  203 203 HOH HOH A . 
E 4 HOH 37  204 204 HOH HOH A . 
E 4 HOH 38  205 205 HOH HOH A . 
E 4 HOH 39  206 206 HOH HOH A . 
E 4 HOH 40  207 207 HOH HOH A . 
E 4 HOH 41  208 208 HOH HOH A . 
E 4 HOH 42  209 209 HOH HOH A . 
E 4 HOH 43  210 210 HOH HOH A . 
E 4 HOH 44  211 211 HOH HOH A . 
E 4 HOH 45  212 212 HOH HOH A . 
E 4 HOH 46  213 213 HOH HOH A . 
E 4 HOH 47  214 214 HOH HOH A . 
E 4 HOH 48  215 215 HOH HOH A . 
E 4 HOH 49  216 216 HOH HOH A . 
E 4 HOH 50  217 217 HOH HOH A . 
E 4 HOH 51  218 218 HOH HOH A . 
E 4 HOH 52  219 219 HOH HOH A . 
E 4 HOH 53  220 220 HOH HOH A . 
E 4 HOH 54  221 221 HOH HOH A . 
E 4 HOH 55  222 222 HOH HOH A . 
E 4 HOH 56  223 223 HOH HOH A . 
E 4 HOH 57  224 224 HOH HOH A . 
E 4 HOH 58  225 225 HOH HOH A . 
E 4 HOH 59  226 226 HOH HOH A . 
E 4 HOH 60  227 227 HOH HOH A . 
E 4 HOH 61  228 228 HOH HOH A . 
E 4 HOH 62  229 229 HOH HOH A . 
E 4 HOH 63  230 230 HOH HOH A . 
E 4 HOH 64  231 231 HOH HOH A . 
E 4 HOH 65  232 232 HOH HOH A . 
E 4 HOH 66  233 233 HOH HOH A . 
E 4 HOH 67  234 234 HOH HOH A . 
E 4 HOH 68  235 235 HOH HOH A . 
E 4 HOH 69  236 236 HOH HOH A . 
E 4 HOH 70  237 237 HOH HOH A . 
E 4 HOH 71  238 238 HOH HOH A . 
E 4 HOH 72  239 239 HOH HOH A . 
E 4 HOH 73  240 240 HOH HOH A . 
E 4 HOH 74  241 241 HOH HOH A . 
E 4 HOH 75  242 242 HOH HOH A . 
E 4 HOH 76  243 243 HOH HOH A . 
E 4 HOH 77  244 244 HOH HOH A . 
E 4 HOH 78  245 245 HOH HOH A . 
E 4 HOH 79  246 246 HOH HOH A . 
E 4 HOH 80  247 247 HOH HOH A . 
E 4 HOH 81  248 248 HOH HOH A . 
E 4 HOH 82  249 249 HOH HOH A . 
E 4 HOH 83  250 250 HOH HOH A . 
E 4 HOH 84  251 251 HOH HOH A . 
E 4 HOH 85  252 252 HOH HOH A . 
E 4 HOH 86  253 253 HOH HOH A . 
E 4 HOH 87  254 254 HOH HOH A . 
E 4 HOH 88  255 255 HOH HOH A . 
E 4 HOH 89  256 256 HOH HOH A . 
E 4 HOH 90  257 257 HOH HOH A . 
E 4 HOH 91  258 258 HOH HOH A . 
E 4 HOH 92  259 259 HOH HOH A . 
E 4 HOH 93  260 260 HOH HOH A . 
E 4 HOH 94  261 261 HOH HOH A . 
E 4 HOH 95  262 262 HOH HOH A . 
E 4 HOH 96  263 263 HOH HOH A . 
E 4 HOH 97  264 264 HOH HOH A . 
E 4 HOH 98  265 265 HOH HOH A . 
E 4 HOH 99  266 266 HOH HOH A . 
E 4 HOH 100 267 267 HOH HOH A . 
E 4 HOH 101 268 268 HOH HOH A . 
E 4 HOH 102 269 269 HOH HOH A . 
E 4 HOH 103 270 270 HOH HOH A . 
E 4 HOH 104 271 271 HOH HOH A . 
E 4 HOH 105 272 272 HOH HOH A . 
E 4 HOH 106 273 273 HOH HOH A . 
E 4 HOH 107 274 274 HOH HOH A . 
E 4 HOH 108 275 275 HOH HOH A . 
E 4 HOH 109 276 276 HOH HOH A . 
E 4 HOH 110 277 277 HOH HOH A . 
E 4 HOH 111 278 278 HOH HOH A . 
E 4 HOH 112 279 279 HOH HOH A . 
E 4 HOH 113 280 280 HOH HOH A . 
E 4 HOH 114 281 281 HOH HOH A . 
E 4 HOH 115 282 282 HOH HOH A . 
E 4 HOH 116 283 283 HOH HOH A . 
E 4 HOH 117 284 284 HOH HOH A . 
E 4 HOH 118 285 285 HOH HOH A . 
E 4 HOH 119 286 286 HOH HOH A . 
E 4 HOH 120 287 287 HOH HOH A . 
E 4 HOH 121 288 288 HOH HOH A . 
E 4 HOH 122 289 289 HOH HOH A . 
E 4 HOH 123 290 290 HOH HOH A . 
E 4 HOH 124 291 291 HOH HOH A . 
E 4 HOH 125 292 292 HOH HOH A . 
E 4 HOH 126 293 293 HOH HOH A . 
E 4 HOH 127 294 294 HOH HOH A . 
E 4 HOH 128 295 295 HOH HOH A . 
E 4 HOH 129 296 296 HOH HOH A . 
E 4 HOH 130 297 297 HOH HOH A . 
E 4 HOH 131 298 298 HOH HOH A . 
E 4 HOH 132 299 299 HOH HOH A . 
E 4 HOH 133 300 300 HOH HOH A . 
E 4 HOH 134 301 301 HOH HOH A . 
E 4 HOH 135 302 302 HOH HOH A . 
E 4 HOH 136 303 303 HOH HOH A . 
E 4 HOH 137 304 304 HOH HOH A . 
E 4 HOH 138 305 305 HOH HOH A . 
E 4 HOH 139 306 306 HOH HOH A . 
E 4 HOH 140 307 307 HOH HOH A . 
E 4 HOH 141 308 308 HOH HOH A . 
E 4 HOH 142 309 309 HOH HOH A . 
E 4 HOH 143 310 310 HOH HOH A . 
E 4 HOH 144 311 311 HOH HOH A . 
E 4 HOH 145 312 312 HOH HOH A . 
E 4 HOH 146 313 313 HOH HOH A . 
E 4 HOH 147 314 314 HOH HOH A . 
E 4 HOH 148 315 315 HOH HOH A . 
E 4 HOH 149 316 316 HOH HOH A . 
E 4 HOH 150 317 317 HOH HOH A . 
E 4 HOH 151 318 318 HOH HOH A . 
E 4 HOH 152 319 319 HOH HOH A . 
E 4 HOH 153 320 320 HOH HOH A . 
E 4 HOH 154 321 321 HOH HOH A . 
E 4 HOH 155 322 322 HOH HOH A . 
E 4 HOH 156 323 323 HOH HOH A . 
E 4 HOH 157 324 324 HOH HOH A . 
E 4 HOH 158 325 325 HOH HOH A . 
E 4 HOH 159 326 326 HOH HOH A . 
E 4 HOH 160 327 327 HOH HOH A . 
E 4 HOH 161 328 328 HOH HOH A . 
E 4 HOH 162 329 329 HOH HOH A . 
E 4 HOH 163 330 330 HOH HOH A . 
E 4 HOH 164 331 331 HOH HOH A . 
E 4 HOH 165 332 332 HOH HOH A . 
E 4 HOH 166 333 333 HOH HOH A . 
E 4 HOH 167 334 334 HOH HOH A . 
E 4 HOH 168 335 335 HOH HOH A . 
E 4 HOH 169 336 336 HOH HOH A . 
E 4 HOH 170 337 337 HOH HOH A . 
E 4 HOH 171 338 338 HOH HOH A . 
E 4 HOH 172 339 339 HOH HOH A . 
E 4 HOH 173 340 340 HOH HOH A . 
E 4 HOH 174 341 341 HOH HOH A . 
E 4 HOH 175 342 342 HOH HOH A . 
E 4 HOH 176 343 343 HOH HOH A . 
E 4 HOH 177 344 344 HOH HOH A . 
E 4 HOH 178 345 345 HOH HOH A . 
E 4 HOH 179 346 346 HOH HOH A . 
E 4 HOH 180 347 347 HOH HOH A . 
E 4 HOH 181 348 348 HOH HOH A . 
E 4 HOH 182 349 349 HOH HOH A . 
E 4 HOH 183 350 350 HOH HOH A . 
E 4 HOH 184 351 351 HOH HOH A . 
E 4 HOH 185 352 352 HOH HOH A . 
E 4 HOH 186 353 353 HOH HOH A . 
E 4 HOH 187 354 354 HOH HOH A . 
E 4 HOH 188 355 355 HOH HOH A . 
E 4 HOH 189 356 356 HOH HOH A . 
E 4 HOH 190 357 357 HOH HOH A . 
E 4 HOH 191 358 358 HOH HOH A . 
E 4 HOH 192 359 359 HOH HOH A . 
E 4 HOH 193 360 360 HOH HOH A . 
E 4 HOH 194 361 361 HOH HOH A . 
E 4 HOH 195 362 362 HOH HOH A . 
E 4 HOH 196 363 363 HOH HOH A . 
E 4 HOH 197 364 364 HOH HOH A . 
E 4 HOH 198 365 365 HOH HOH A . 
E 4 HOH 199 366 366 HOH HOH A . 
E 4 HOH 200 367 367 HOH HOH A . 
E 4 HOH 201 368 368 HOH HOH A . 
E 4 HOH 202 369 369 HOH HOH A . 
E 4 HOH 203 370 370 HOH HOH A . 
E 4 HOH 204 371 371 HOH HOH A . 
E 4 HOH 205 372 372 HOH HOH A . 
E 4 HOH 206 373 373 HOH HOH A . 
E 4 HOH 207 374 374 HOH HOH A . 
E 4 HOH 208 375 375 HOH HOH A . 
E 4 HOH 209 376 376 HOH HOH A . 
E 4 HOH 210 377 377 HOH HOH A . 
E 4 HOH 211 378 378 HOH HOH A . 
E 4 HOH 212 379 379 HOH HOH A . 
E 4 HOH 213 380 380 HOH HOH A . 
E 4 HOH 214 381 381 HOH HOH A . 
E 4 HOH 215 382 382 HOH HOH A . 
E 4 HOH 216 383 383 HOH HOH A . 
E 4 HOH 217 384 384 HOH HOH A . 
E 4 HOH 218 385 385 HOH HOH A . 
E 4 HOH 219 386 386 HOH HOH A . 
E 4 HOH 220 387 387 HOH HOH A . 
E 4 HOH 221 388 388 HOH HOH A . 
E 4 HOH 222 389 389 HOH HOH A . 
E 4 HOH 223 390 390 HOH HOH A . 
E 4 HOH 224 391 391 HOH HOH A . 
E 4 HOH 225 392 392 HOH HOH A . 
E 4 HOH 226 393 393 HOH HOH A . 
E 4 HOH 227 394 394 HOH HOH A . 
E 4 HOH 228 395 395 HOH HOH A . 
E 4 HOH 229 396 396 HOH HOH A . 
E 4 HOH 230 397 397 HOH HOH A . 
E 4 HOH 231 398 398 HOH HOH A . 
E 4 HOH 232 399 399 HOH HOH A . 
E 4 HOH 233 400 400 HOH HOH A . 
E 4 HOH 234 401 401 HOH HOH A . 
E 4 HOH 235 402 402 HOH HOH A . 
E 4 HOH 236 403 403 HOH HOH A . 
E 4 HOH 237 404 404 HOH HOH A . 
E 4 HOH 238 405 405 HOH HOH A . 
E 4 HOH 239 406 406 HOH HOH A . 
E 4 HOH 240 407 407 HOH HOH A . 
E 4 HOH 241 408 408 HOH HOH A . 
E 4 HOH 242 409 409 HOH HOH A . 
E 4 HOH 243 410 410 HOH HOH A . 
E 4 HOH 244 411 411 HOH HOH A . 
E 4 HOH 245 412 412 HOH HOH A . 
# 
_pdbx_struct_assembly.id                   1 
_pdbx_struct_assembly.details              author_and_software_defined_assembly 
_pdbx_struct_assembly.method_details       PISA 
_pdbx_struct_assembly.oligomeric_details   monomeric 
_pdbx_struct_assembly.oligomeric_count     1 
# 
_pdbx_struct_assembly_gen.assembly_id       1 
_pdbx_struct_assembly_gen.oper_expression   1 
_pdbx_struct_assembly_gen.asym_id_list      A,B,C,D,E 
# 
_pdbx_struct_oper_list.id                   1 
_pdbx_struct_oper_list.type                 'identity operation' 
_pdbx_struct_oper_list.name                 1_555 
_pdbx_struct_oper_list.symmetry_operation   x,y,z 
_pdbx_struct_oper_list.matrix[1][1]         1.0000000000 
_pdbx_struct_oper_list.matrix[1][2]         0.0000000000 
_pdbx_struct_oper_list.matrix[1][3]         0.0000000000 
_pdbx_struct_oper_list.vector[1]            0.0000000000 
_pdbx_struct_oper_list.matrix[2][1]         0.0000000000 
_pdbx_struct_oper_list.matrix[2][2]         1.0000000000 
_pdbx_struct_oper_list.matrix[2][3]         0.0000000000 
_pdbx_struct_oper_list.vector[2]            0.0000000000 
_pdbx_struct_oper_list.matrix[3][1]         0.0000000000 
_pdbx_struct_oper_list.matrix[3][2]         0.0000000000 
_pdbx_struct_oper_list.matrix[3][3]         1.0000000000 
_pdbx_struct_oper_list.vector[3]            0.0000000000 
# 
loop_
_pdbx_audit_revision_history.ordinal 
_pdbx_audit_revision_history.data_content_type 
_pdbx_audit_revision_history.major_revision 
_pdbx_audit_revision_history.minor_revision 
_pdbx_audit_revision_history.revision_date 
1 'Structure model' 1 0 2009-11-03 
2 'Structure model' 1 1 2011-07-13 
3 'Structure model' 1 2 2017-11-01 
4 'Structure model' 1 3 2021-10-13 
5 'Structure model' 1 4 2023-09-06 
# 
_pdbx_audit_revision_details.ordinal             1 
_pdbx_audit_revision_details.revision_ordinal    1 
_pdbx_audit_revision_details.data_content_type   'Structure model' 
_pdbx_audit_revision_details.provider            repository 
_pdbx_audit_revision_details.type                'Initial release' 
_pdbx_audit_revision_details.description         ? 
_pdbx_audit_revision_details.details             ? 
# 
loop_
_pdbx_audit_revision_group.ordinal 
_pdbx_audit_revision_group.revision_ordinal 
_pdbx_audit_revision_group.data_content_type 
_pdbx_audit_revision_group.group 
1 2 'Structure model' 'Non-polymer description'   
2 2 'Structure model' 'Version format compliance' 
3 3 'Structure model' 'Refinement description'    
4 4 'Structure model' 'Database references'       
5 4 'Structure model' 'Derived calculations'      
6 5 'Structure model' 'Data collection'           
7 5 'Structure model' 'Refinement description'    
# 
loop_
_pdbx_audit_revision_category.ordinal 
_pdbx_audit_revision_category.revision_ordinal 
_pdbx_audit_revision_category.data_content_type 
_pdbx_audit_revision_category.category 
1 3 'Structure model' software                      
2 4 'Structure model' database_2                    
3 4 'Structure model' struct_ref_seq_dif            
4 4 'Structure model' struct_site                   
5 5 'Structure model' chem_comp_atom                
6 5 'Structure model' chem_comp_bond                
7 5 'Structure model' pdbx_initial_refinement_model 
# 
loop_
_pdbx_audit_revision_item.ordinal 
_pdbx_audit_revision_item.revision_ordinal 
_pdbx_audit_revision_item.data_content_type 
_pdbx_audit_revision_item.item 
1 4 'Structure model' '_database_2.pdbx_DOI'                
2 4 'Structure model' '_database_2.pdbx_database_accession' 
3 4 'Structure model' '_struct_ref_seq_dif.details'         
4 4 'Structure model' '_struct_site.pdbx_auth_asym_id'      
5 4 'Structure model' '_struct_site.pdbx_auth_comp_id'      
6 4 'Structure model' '_struct_site.pdbx_auth_seq_id'       
# 
loop_
_software.pdbx_ordinal 
_software.name 
_software.version 
_software.date 
_software.type 
_software.contact_author 
_software.contact_author_email 
_software.classification 
_software.location 
_software.language 
_software.citation_id 
1 DENZO       .        ?               package 'Zbyszek Otwinowski' hkl@hkl-xray.com      'data reduction'  
http://www.hkl-xray.com/                     ?          ? 
2 SCALEPACK   .        ?               package 'Zbyszek Otwinowski' hkl@hkl-xray.com      'data scaling'    
http://www.hkl-xray.com/                     ?          ? 
3 REFMAC      5.2.0019 ?               program 'Garib N. Murshudov' garib@ysbl.york.ac.uk refinement        
http://www.ccp4.ac.uk/dist/html/refmac5.html Fortran_77 ? 
4 PDB_EXTRACT 3.005    'June 11, 2008' package PDB                  help@deposit.rcsb.org 'data extraction' 
http://sw-tools.pdb.org/apps/PDB_EXTRACT/    C++        ? 
5 ADSC        Quantum  ?               ?       ?                    ?                     'data collection' ? ?          ? 
6 HKL-2000    .        ?               ?       ?                    ?                     'data reduction'  ? ?          ? 
7 HKL-2000    .        ?               ?       ?                    ?                     'data scaling'    ? ?          ? 
8 REFMAC      .        ?               ?       ?                    ?                     phasing           ? ?          ? 
# 
loop_
_pdbx_validate_close_contact.id 
_pdbx_validate_close_contact.PDB_model_num 
_pdbx_validate_close_contact.auth_atom_id_1 
_pdbx_validate_close_contact.auth_asym_id_1 
_pdbx_validate_close_contact.auth_comp_id_1 
_pdbx_validate_close_contact.auth_seq_id_1 
_pdbx_validate_close_contact.PDB_ins_code_1 
_pdbx_validate_close_contact.label_alt_id_1 
_pdbx_validate_close_contact.auth_atom_id_2 
_pdbx_validate_close_contact.auth_asym_id_2 
_pdbx_validate_close_contact.auth_comp_id_2 
_pdbx_validate_close_contact.auth_seq_id_2 
_pdbx_validate_close_contact.PDB_ins_code_2 
_pdbx_validate_close_contact.label_alt_id_2 
_pdbx_validate_close_contact.dist 
1 1 O A HOH 313 ? ? O A HOH 348 ? ? 2.02 
2 1 O A HOH 238 ? ? O A HOH 348 ? ? 2.15 
# 
_pdbx_validate_torsion.id              1 
_pdbx_validate_torsion.PDB_model_num   1 
_pdbx_validate_torsion.auth_comp_id    ILE 
_pdbx_validate_torsion.auth_asym_id    A 
_pdbx_validate_torsion.auth_seq_id     29 
_pdbx_validate_torsion.PDB_ins_code    ? 
_pdbx_validate_torsion.label_alt_id    ? 
_pdbx_validate_torsion.phi             -106.15 
_pdbx_validate_torsion.psi             74.87 
# 
loop_
_pdbx_unobs_or_zero_occ_residues.id 
_pdbx_unobs_or_zero_occ_residues.PDB_model_num 
_pdbx_unobs_or_zero_occ_residues.polymer_flag 
_pdbx_unobs_or_zero_occ_residues.occupancy_flag 
_pdbx_unobs_or_zero_occ_residues.auth_asym_id 
_pdbx_unobs_or_zero_occ_residues.auth_comp_id 
_pdbx_unobs_or_zero_occ_residues.auth_seq_id 
_pdbx_unobs_or_zero_occ_residues.PDB_ins_code 
_pdbx_unobs_or_zero_occ_residues.label_asym_id 
_pdbx_unobs_or_zero_occ_residues.label_comp_id 
_pdbx_unobs_or_zero_occ_residues.label_seq_id 
1 1 Y 1 A ASN 163 ? A ASN 163 
2 1 Y 1 A LEU 164 ? A LEU 164 
# 
loop_
_chem_comp_atom.comp_id 
_chem_comp_atom.atom_id 
_chem_comp_atom.type_symbol 
_chem_comp_atom.pdbx_aromatic_flag 
_chem_comp_atom.pdbx_stereo_config 
_chem_comp_atom.pdbx_ordinal 
ALA N    N  N N 1   
ALA CA   C  N S 2   
ALA C    C  N N 3   
ALA O    O  N N 4   
ALA CB   C  N N 5   
ALA OXT  O  N N 6   
ALA H    H  N N 7   
ALA H2   H  N N 8   
ALA HA   H  N N 9   
ALA HB1  H  N N 10  
ALA HB2  H  N N 11  
ALA HB3  H  N N 12  
ALA HXT  H  N N 13  
ARG N    N  N N 14  
ARG CA   C  N S 15  
ARG C    C  N N 16  
ARG O    O  N N 17  
ARG CB   C  N N 18  
ARG CG   C  N N 19  
ARG CD   C  N N 20  
ARG NE   N  N N 21  
ARG CZ   C  N N 22  
ARG NH1  N  N N 23  
ARG NH2  N  N N 24  
ARG OXT  O  N N 25  
ARG H    H  N N 26  
ARG H2   H  N N 27  
ARG HA   H  N N 28  
ARG HB2  H  N N 29  
ARG HB3  H  N N 30  
ARG HG2  H  N N 31  
ARG HG3  H  N N 32  
ARG HD2  H  N N 33  
ARG HD3  H  N N 34  
ARG HE   H  N N 35  
ARG HH11 H  N N 36  
ARG HH12 H  N N 37  
ARG HH21 H  N N 38  
ARG HH22 H  N N 39  
ARG HXT  H  N N 40  
ASN N    N  N N 41  
ASN CA   C  N S 42  
ASN C    C  N N 43  
ASN O    O  N N 44  
ASN CB   C  N N 45  
ASN CG   C  N N 46  
ASN OD1  O  N N 47  
ASN ND2  N  N N 48  
ASN OXT  O  N N 49  
ASN H    H  N N 50  
ASN H2   H  N N 51  
ASN HA   H  N N 52  
ASN HB2  H  N N 53  
ASN HB3  H  N N 54  
ASN HD21 H  N N 55  
ASN HD22 H  N N 56  
ASN HXT  H  N N 57  
ASP N    N  N N 58  
ASP CA   C  N S 59  
ASP C    C  N N 60  
ASP O    O  N N 61  
ASP CB   C  N N 62  
ASP CG   C  N N 63  
ASP OD1  O  N N 64  
ASP OD2  O  N N 65  
ASP OXT  O  N N 66  
ASP H    H  N N 67  
ASP H2   H  N N 68  
ASP HA   H  N N 69  
ASP HB2  H  N N 70  
ASP HB3  H  N N 71  
ASP HD2  H  N N 72  
ASP HXT  H  N N 73  
CYS N    N  N N 74  
CYS CA   C  N R 75  
CYS C    C  N N 76  
CYS O    O  N N 77  
CYS CB   C  N N 78  
CYS SG   S  N N 79  
CYS OXT  O  N N 80  
CYS H    H  N N 81  
CYS H2   H  N N 82  
CYS HA   H  N N 83  
CYS HB2  H  N N 84  
CYS HB3  H  N N 85  
CYS HG   H  N N 86  
CYS HXT  H  N N 87  
GLN N    N  N N 88  
GLN CA   C  N S 89  
GLN C    C  N N 90  
GLN O    O  N N 91  
GLN CB   C  N N 92  
GLN CG   C  N N 93  
GLN CD   C  N N 94  
GLN OE1  O  N N 95  
GLN NE2  N  N N 96  
GLN OXT  O  N N 97  
GLN H    H  N N 98  
GLN H2   H  N N 99  
GLN HA   H  N N 100 
GLN HB2  H  N N 101 
GLN HB3  H  N N 102 
GLN HG2  H  N N 103 
GLN HG3  H  N N 104 
GLN HE21 H  N N 105 
GLN HE22 H  N N 106 
GLN HXT  H  N N 107 
GLU N    N  N N 108 
GLU CA   C  N S 109 
GLU C    C  N N 110 
GLU O    O  N N 111 
GLU CB   C  N N 112 
GLU CG   C  N N 113 
GLU CD   C  N N 114 
GLU OE1  O  N N 115 
GLU OE2  O  N N 116 
GLU OXT  O  N N 117 
GLU H    H  N N 118 
GLU H2   H  N N 119 
GLU HA   H  N N 120 
GLU HB2  H  N N 121 
GLU HB3  H  N N 122 
GLU HG2  H  N N 123 
GLU HG3  H  N N 124 
GLU HE2  H  N N 125 
GLU HXT  H  N N 126 
GLY N    N  N N 127 
GLY CA   C  N N 128 
GLY C    C  N N 129 
GLY O    O  N N 130 
GLY OXT  O  N N 131 
GLY H    H  N N 132 
GLY H2   H  N N 133 
GLY HA2  H  N N 134 
GLY HA3  H  N N 135 
GLY HXT  H  N N 136 
HIS N    N  N N 137 
HIS CA   C  N S 138 
HIS C    C  N N 139 
HIS O    O  N N 140 
HIS CB   C  N N 141 
HIS CG   C  Y N 142 
HIS ND1  N  Y N 143 
HIS CD2  C  Y N 144 
HIS CE1  C  Y N 145 
HIS NE2  N  Y N 146 
HIS OXT  O  N N 147 
HIS H    H  N N 148 
HIS H2   H  N N 149 
HIS HA   H  N N 150 
HIS HB2  H  N N 151 
HIS HB3  H  N N 152 
HIS HD1  H  N N 153 
HIS HD2  H  N N 154 
HIS HE1  H  N N 155 
HIS HE2  H  N N 156 
HIS HXT  H  N N 157 
HOH O    O  N N 158 
HOH H1   H  N N 159 
HOH H2   H  N N 160 
ILE N    N  N N 161 
ILE CA   C  N S 162 
ILE C    C  N N 163 
ILE O    O  N N 164 
ILE CB   C  N S 165 
ILE CG1  C  N N 166 
ILE CG2  C  N N 167 
ILE CD1  C  N N 168 
ILE OXT  O  N N 169 
ILE H    H  N N 170 
ILE H2   H  N N 171 
ILE HA   H  N N 172 
ILE HB   H  N N 173 
ILE HG12 H  N N 174 
ILE HG13 H  N N 175 
ILE HG21 H  N N 176 
ILE HG22 H  N N 177 
ILE HG23 H  N N 178 
ILE HD11 H  N N 179 
ILE HD12 H  N N 180 
ILE HD13 H  N N 181 
ILE HXT  H  N N 182 
JZ2 CL   CL N N 183 
JZ2 C14  C  Y N 184 
JZ2 C5   C  Y N 185 
JZ2 C6   C  Y N 186 
JZ2 C11  C  Y N 187 
JZ2 C7   C  N N 188 
JZ2 C12  C  Y N 189 
JZ2 C13  C  Y N 190 
JZ2 OAB  O  N N 191 
JZ2 H5   H  N N 192 
JZ2 H7   H  N N 193 
JZ2 H7A  H  N N 194 
JZ2 H7B  H  N N 195 
JZ2 H12  H  N N 196 
JZ2 H13  H  N N 197 
JZ2 HOAB H  N N 198 
LEU N    N  N N 199 
LEU CA   C  N S 200 
LEU C    C  N N 201 
LEU O    O  N N 202 
LEU CB   C  N N 203 
LEU CG   C  N N 204 
LEU CD1  C  N N 205 
LEU CD2  C  N N 206 
LEU OXT  O  N N 207 
LEU H    H  N N 208 
LEU H2   H  N N 209 
LEU HA   H  N N 210 
LEU HB2  H  N N 211 
LEU HB3  H  N N 212 
LEU HG   H  N N 213 
LEU HD11 H  N N 214 
LEU HD12 H  N N 215 
LEU HD13 H  N N 216 
LEU HD21 H  N N 217 
LEU HD22 H  N N 218 
LEU HD23 H  N N 219 
LEU HXT  H  N N 220 
LYS N    N  N N 221 
LYS CA   C  N S 222 
LYS C    C  N N 223 
LYS O    O  N N 224 
LYS CB   C  N N 225 
LYS CG   C  N N 226 
LYS CD   C  N N 227 
LYS CE   C  N N 228 
LYS NZ   N  N N 229 
LYS OXT  O  N N 230 
LYS H    H  N N 231 
LYS H2   H  N N 232 
LYS HA   H  N N 233 
LYS HB2  H  N N 234 
LYS HB3  H  N N 235 
LYS HG2  H  N N 236 
LYS HG3  H  N N 237 
LYS HD2  H  N N 238 
LYS HD3  H  N N 239 
LYS HE2  H  N N 240 
LYS HE3  H  N N 241 
LYS HZ1  H  N N 242 
LYS HZ2  H  N N 243 
LYS HZ3  H  N N 244 
LYS HXT  H  N N 245 
MET N    N  N N 246 
MET CA   C  N S 247 
MET C    C  N N 248 
MET O    O  N N 249 
MET CB   C  N N 250 
MET CG   C  N N 251 
MET SD   S  N N 252 
MET CE   C  N N 253 
MET OXT  O  N N 254 
MET H    H  N N 255 
MET H2   H  N N 256 
MET HA   H  N N 257 
MET HB2  H  N N 258 
MET HB3  H  N N 259 
MET HG2  H  N N 260 
MET HG3  H  N N 261 
MET HE1  H  N N 262 
MET HE2  H  N N 263 
MET HE3  H  N N 264 
MET HXT  H  N N 265 
PHE N    N  N N 266 
PHE CA   C  N S 267 
PHE C    C  N N 268 
PHE O    O  N N 269 
PHE CB   C  N N 270 
PHE CG   C  Y N 271 
PHE CD1  C  Y N 272 
PHE CD2  C  Y N 273 
PHE CE1  C  Y N 274 
PHE CE2  C  Y N 275 
PHE CZ   C  Y N 276 
PHE OXT  O  N N 277 
PHE H    H  N N 278 
PHE H2   H  N N 279 
PHE HA   H  N N 280 
PHE HB2  H  N N 281 
PHE HB3  H  N N 282 
PHE HD1  H  N N 283 
PHE HD2  H  N N 284 
PHE HE1  H  N N 285 
PHE HE2  H  N N 286 
PHE HZ   H  N N 287 
PHE HXT  H  N N 288 
PO4 P    P  N N 289 
PO4 O1   O  N N 290 
PO4 O2   O  N N 291 
PO4 O3   O  N N 292 
PO4 O4   O  N N 293 
PRO N    N  N N 294 
PRO CA   C  N S 295 
PRO C    C  N N 296 
PRO O    O  N N 297 
PRO CB   C  N N 298 
PRO CG   C  N N 299 
PRO CD   C  N N 300 
PRO OXT  O  N N 301 
PRO H    H  N N 302 
PRO HA   H  N N 303 
PRO HB2  H  N N 304 
PRO HB3  H  N N 305 
PRO HG2  H  N N 306 
PRO HG3  H  N N 307 
PRO HD2  H  N N 308 
PRO HD3  H  N N 309 
PRO HXT  H  N N 310 
SER N    N  N N 311 
SER CA   C  N S 312 
SER C    C  N N 313 
SER O    O  N N 314 
SER CB   C  N N 315 
SER OG   O  N N 316 
SER OXT  O  N N 317 
SER H    H  N N 318 
SER H2   H  N N 319 
SER HA   H  N N 320 
SER HB2  H  N N 321 
SER HB3  H  N N 322 
SER HG   H  N N 323 
SER HXT  H  N N 324 
THR N    N  N N 325 
THR CA   C  N S 326 
THR C    C  N N 327 
THR O    O  N N 328 
THR CB   C  N R 329 
THR OG1  O  N N 330 
THR CG2  C  N N 331 
THR OXT  O  N N 332 
THR H    H  N N 333 
THR H2   H  N N 334 
THR HA   H  N N 335 
THR HB   H  N N 336 
THR HG1  H  N N 337 
THR HG21 H  N N 338 
THR HG22 H  N N 339 
THR HG23 H  N N 340 
THR HXT  H  N N 341 
TRP N    N  N N 342 
TRP CA   C  N S 343 
TRP C    C  N N 344 
TRP O    O  N N 345 
TRP CB   C  N N 346 
TRP CG   C  Y N 347 
TRP CD1  C  Y N 348 
TRP CD2  C  Y N 349 
TRP NE1  N  Y N 350 
TRP CE2  C  Y N 351 
TRP CE3  C  Y N 352 
TRP CZ2  C  Y N 353 
TRP CZ3  C  Y N 354 
TRP CH2  C  Y N 355 
TRP OXT  O  N N 356 
TRP H    H  N N 357 
TRP H2   H  N N 358 
TRP HA   H  N N 359 
TRP HB2  H  N N 360 
TRP HB3  H  N N 361 
TRP HD1  H  N N 362 
TRP HE1  H  N N 363 
TRP HE3  H  N N 364 
TRP HZ2  H  N N 365 
TRP HZ3  H  N N 366 
TRP HH2  H  N N 367 
TRP HXT  H  N N 368 
TYR N    N  N N 369 
TYR CA   C  N S 370 
TYR C    C  N N 371 
TYR O    O  N N 372 
TYR CB   C  N N 373 
TYR CG   C  Y N 374 
TYR CD1  C  Y N 375 
TYR CD2  C  Y N 376 
TYR CE1  C  Y N 377 
TYR CE2  C  Y N 378 
TYR CZ   C  Y N 379 
TYR OH   O  N N 380 
TYR OXT  O  N N 381 
TYR H    H  N N 382 
TYR H2   H  N N 383 
TYR HA   H  N N 384 
TYR HB2  H  N N 385 
TYR HB3  H  N N 386 
TYR HD1  H  N N 387 
TYR HD2  H  N N 388 
TYR HE1  H  N N 389 
TYR HE2  H  N N 390 
TYR HH   H  N N 391 
TYR HXT  H  N N 392 
VAL N    N  N N 393 
VAL CA   C  N S 394 
VAL C    C  N N 395 
VAL O    O  N N 396 
VAL CB   C  N N 397 
VAL CG1  C  N N 398 
VAL CG2  C  N N 399 
VAL OXT  O  N N 400 
VAL H    H  N N 401 
VAL H2   H  N N 402 
VAL HA   H  N N 403 
VAL HB   H  N N 404 
VAL HG11 H  N N 405 
VAL HG12 H  N N 406 
VAL HG13 H  N N 407 
VAL HG21 H  N N 408 
VAL HG22 H  N N 409 
VAL HG23 H  N N 410 
VAL HXT  H  N N 411 
# 
loop_
_chem_comp_bond.comp_id 
_chem_comp_bond.atom_id_1 
_chem_comp_bond.atom_id_2 
_chem_comp_bond.value_order 
_chem_comp_bond.pdbx_aromatic_flag 
_chem_comp_bond.pdbx_stereo_config 
_chem_comp_bond.pdbx_ordinal 
ALA N   CA   sing N N 1   
ALA N   H    sing N N 2   
ALA N   H2   sing N N 3   
ALA CA  C    sing N N 4   
ALA CA  CB   sing N N 5   
ALA CA  HA   sing N N 6   
ALA C   O    doub N N 7   
ALA C   OXT  sing N N 8   
ALA CB  HB1  sing N N 9   
ALA CB  HB2  sing N N 10  
ALA CB  HB3  sing N N 11  
ALA OXT HXT  sing N N 12  
ARG N   CA   sing N N 13  
ARG N   H    sing N N 14  
ARG N   H2   sing N N 15  
ARG CA  C    sing N N 16  
ARG CA  CB   sing N N 17  
ARG CA  HA   sing N N 18  
ARG C   O    doub N N 19  
ARG C   OXT  sing N N 20  
ARG CB  CG   sing N N 21  
ARG CB  HB2  sing N N 22  
ARG CB  HB3  sing N N 23  
ARG CG  CD   sing N N 24  
ARG CG  HG2  sing N N 25  
ARG CG  HG3  sing N N 26  
ARG CD  NE   sing N N 27  
ARG CD  HD2  sing N N 28  
ARG CD  HD3  sing N N 29  
ARG NE  CZ   sing N N 30  
ARG NE  HE   sing N N 31  
ARG CZ  NH1  sing N N 32  
ARG CZ  NH2  doub N N 33  
ARG NH1 HH11 sing N N 34  
ARG NH1 HH12 sing N N 35  
ARG NH2 HH21 sing N N 36  
ARG NH2 HH22 sing N N 37  
ARG OXT HXT  sing N N 38  
ASN N   CA   sing N N 39  
ASN N   H    sing N N 40  
ASN N   H2   sing N N 41  
ASN CA  C    sing N N 42  
ASN CA  CB   sing N N 43  
ASN CA  HA   sing N N 44  
ASN C   O    doub N N 45  
ASN C   OXT  sing N N 46  
ASN CB  CG   sing N N 47  
ASN CB  HB2  sing N N 48  
ASN CB  HB3  sing N N 49  
ASN CG  OD1  doub N N 50  
ASN CG  ND2  sing N N 51  
ASN ND2 HD21 sing N N 52  
ASN ND2 HD22 sing N N 53  
ASN OXT HXT  sing N N 54  
ASP N   CA   sing N N 55  
ASP N   H    sing N N 56  
ASP N   H2   sing N N 57  
ASP CA  C    sing N N 58  
ASP CA  CB   sing N N 59  
ASP CA  HA   sing N N 60  
ASP C   O    doub N N 61  
ASP C   OXT  sing N N 62  
ASP CB  CG   sing N N 63  
ASP CB  HB2  sing N N 64  
ASP CB  HB3  sing N N 65  
ASP CG  OD1  doub N N 66  
ASP CG  OD2  sing N N 67  
ASP OD2 HD2  sing N N 68  
ASP OXT HXT  sing N N 69  
CYS N   CA   sing N N 70  
CYS N   H    sing N N 71  
CYS N   H2   sing N N 72  
CYS CA  C    sing N N 73  
CYS CA  CB   sing N N 74  
CYS CA  HA   sing N N 75  
CYS C   O    doub N N 76  
CYS C   OXT  sing N N 77  
CYS CB  SG   sing N N 78  
CYS CB  HB2  sing N N 79  
CYS CB  HB3  sing N N 80  
CYS SG  HG   sing N N 81  
CYS OXT HXT  sing N N 82  
GLN N   CA   sing N N 83  
GLN N   H    sing N N 84  
GLN N   H2   sing N N 85  
GLN CA  C    sing N N 86  
GLN CA  CB   sing N N 87  
GLN CA  HA   sing N N 88  
GLN C   O    doub N N 89  
GLN C   OXT  sing N N 90  
GLN CB  CG   sing N N 91  
GLN CB  HB2  sing N N 92  
GLN CB  HB3  sing N N 93  
GLN CG  CD   sing N N 94  
GLN CG  HG2  sing N N 95  
GLN CG  HG3  sing N N 96  
GLN CD  OE1  doub N N 97  
GLN CD  NE2  sing N N 98  
GLN NE2 HE21 sing N N 99  
GLN NE2 HE22 sing N N 100 
GLN OXT HXT  sing N N 101 
GLU N   CA   sing N N 102 
GLU N   H    sing N N 103 
GLU N   H2   sing N N 104 
GLU CA  C    sing N N 105 
GLU CA  CB   sing N N 106 
GLU CA  HA   sing N N 107 
GLU C   O    doub N N 108 
GLU C   OXT  sing N N 109 
GLU CB  CG   sing N N 110 
GLU CB  HB2  sing N N 111 
GLU CB  HB3  sing N N 112 
GLU CG  CD   sing N N 113 
GLU CG  HG2  sing N N 114 
GLU CG  HG3  sing N N 115 
GLU CD  OE1  doub N N 116 
GLU CD  OE2  sing N N 117 
GLU OE2 HE2  sing N N 118 
GLU OXT HXT  sing N N 119 
GLY N   CA   sing N N 120 
GLY N   H    sing N N 121 
GLY N   H2   sing N N 122 
GLY CA  C    sing N N 123 
GLY CA  HA2  sing N N 124 
GLY CA  HA3  sing N N 125 
GLY C   O    doub N N 126 
GLY C   OXT  sing N N 127 
GLY OXT HXT  sing N N 128 
HIS N   CA   sing N N 129 
HIS N   H    sing N N 130 
HIS N   H2   sing N N 131 
HIS CA  C    sing N N 132 
HIS CA  CB   sing N N 133 
HIS CA  HA   sing N N 134 
HIS C   O    doub N N 135 
HIS C   OXT  sing N N 136 
HIS CB  CG   sing N N 137 
HIS CB  HB2  sing N N 138 
HIS CB  HB3  sing N N 139 
HIS CG  ND1  sing Y N 140 
HIS CG  CD2  doub Y N 141 
HIS ND1 CE1  doub Y N 142 
HIS ND1 HD1  sing N N 143 
HIS CD2 NE2  sing Y N 144 
HIS CD2 HD2  sing N N 145 
HIS CE1 NE2  sing Y N 146 
HIS CE1 HE1  sing N N 147 
HIS NE2 HE2  sing N N 148 
HIS OXT HXT  sing N N 149 
HOH O   H1   sing N N 150 
HOH O   H2   sing N N 151 
ILE N   CA   sing N N 152 
ILE N   H    sing N N 153 
ILE N   H2   sing N N 154 
ILE CA  C    sing N N 155 
ILE CA  CB   sing N N 156 
ILE CA  HA   sing N N 157 
ILE C   O    doub N N 158 
ILE C   OXT  sing N N 159 
ILE CB  CG1  sing N N 160 
ILE CB  CG2  sing N N 161 
ILE CB  HB   sing N N 162 
ILE CG1 CD1  sing N N 163 
ILE CG1 HG12 sing N N 164 
ILE CG1 HG13 sing N N 165 
ILE CG2 HG21 sing N N 166 
ILE CG2 HG22 sing N N 167 
ILE CG2 HG23 sing N N 168 
ILE CD1 HD11 sing N N 169 
ILE CD1 HD12 sing N N 170 
ILE CD1 HD13 sing N N 171 
ILE OXT HXT  sing N N 172 
JZ2 CL  C14  sing N N 173 
JZ2 C14 C5   doub Y N 174 
JZ2 C14 C13  sing Y N 175 
JZ2 C5  C6   sing Y N 176 
JZ2 C6  C11  doub Y N 177 
JZ2 C6  OAB  sing N N 178 
JZ2 C11 C7   sing N N 179 
JZ2 C11 C12  sing Y N 180 
JZ2 C12 C13  doub Y N 181 
JZ2 C5  H5   sing N N 182 
JZ2 C7  H7   sing N N 183 
JZ2 C7  H7A  sing N N 184 
JZ2 C7  H7B  sing N N 185 
JZ2 C12 H12  sing N N 186 
JZ2 C13 H13  sing N N 187 
JZ2 OAB HOAB sing N N 188 
LEU N   CA   sing N N 189 
LEU N   H    sing N N 190 
LEU N   H2   sing N N 191 
LEU CA  C    sing N N 192 
LEU CA  CB   sing N N 193 
LEU CA  HA   sing N N 194 
LEU C   O    doub N N 195 
LEU C   OXT  sing N N 196 
LEU CB  CG   sing N N 197 
LEU CB  HB2  sing N N 198 
LEU CB  HB3  sing N N 199 
LEU CG  CD1  sing N N 200 
LEU CG  CD2  sing N N 201 
LEU CG  HG   sing N N 202 
LEU CD1 HD11 sing N N 203 
LEU CD1 HD12 sing N N 204 
LEU CD1 HD13 sing N N 205 
LEU CD2 HD21 sing N N 206 
LEU CD2 HD22 sing N N 207 
LEU CD2 HD23 sing N N 208 
LEU OXT HXT  sing N N 209 
LYS N   CA   sing N N 210 
LYS N   H    sing N N 211 
LYS N   H2   sing N N 212 
LYS CA  C    sing N N 213 
LYS CA  CB   sing N N 214 
LYS CA  HA   sing N N 215 
LYS C   O    doub N N 216 
LYS C   OXT  sing N N 217 
LYS CB  CG   sing N N 218 
LYS CB  HB2  sing N N 219 
LYS CB  HB3  sing N N 220 
LYS CG  CD   sing N N 221 
LYS CG  HG2  sing N N 222 
LYS CG  HG3  sing N N 223 
LYS CD  CE   sing N N 224 
LYS CD  HD2  sing N N 225 
LYS CD  HD3  sing N N 226 
LYS CE  NZ   sing N N 227 
LYS CE  HE2  sing N N 228 
LYS CE  HE3  sing N N 229 
LYS NZ  HZ1  sing N N 230 
LYS NZ  HZ2  sing N N 231 
LYS NZ  HZ3  sing N N 232 
LYS OXT HXT  sing N N 233 
MET N   CA   sing N N 234 
MET N   H    sing N N 235 
MET N   H2   sing N N 236 
MET CA  C    sing N N 237 
MET CA  CB   sing N N 238 
MET CA  HA   sing N N 239 
MET C   O    doub N N 240 
MET C   OXT  sing N N 241 
MET CB  CG   sing N N 242 
MET CB  HB2  sing N N 243 
MET CB  HB3  sing N N 244 
MET CG  SD   sing N N 245 
MET CG  HG2  sing N N 246 
MET CG  HG3  sing N N 247 
MET SD  CE   sing N N 248 
MET CE  HE1  sing N N 249 
MET CE  HE2  sing N N 250 
MET CE  HE3  sing N N 251 
MET OXT HXT  sing N N 252 
PHE N   CA   sing N N 253 
PHE N   H    sing N N 254 
PHE N   H2   sing N N 255 
PHE CA  C    sing N N 256 
PHE CA  CB   sing N N 257 
PHE CA  HA   sing N N 258 
PHE C   O    doub N N 259 
PHE C   OXT  sing N N 260 
PHE CB  CG   sing N N 261 
PHE CB  HB2  sing N N 262 
PHE CB  HB3  sing N N 263 
PHE CG  CD1  doub Y N 264 
PHE CG  CD2  sing Y N 265 
PHE CD1 CE1  sing Y N 266 
PHE CD1 HD1  sing N N 267 
PHE CD2 CE2  doub Y N 268 
PHE CD2 HD2  sing N N 269 
PHE CE1 CZ   doub Y N 270 
PHE CE1 HE1  sing N N 271 
PHE CE2 CZ   sing Y N 272 
PHE CE2 HE2  sing N N 273 
PHE CZ  HZ   sing N N 274 
PHE OXT HXT  sing N N 275 
PO4 P   O1   doub N N 276 
PO4 P   O2   sing N N 277 
PO4 P   O3   sing N N 278 
PO4 P   O4   sing N N 279 
PRO N   CA   sing N N 280 
PRO N   CD   sing N N 281 
PRO N   H    sing N N 282 
PRO CA  C    sing N N 283 
PRO CA  CB   sing N N 284 
PRO CA  HA   sing N N 285 
PRO C   O    doub N N 286 
PRO C   OXT  sing N N 287 
PRO CB  CG   sing N N 288 
PRO CB  HB2  sing N N 289 
PRO CB  HB3  sing N N 290 
PRO CG  CD   sing N N 291 
PRO CG  HG2  sing N N 292 
PRO CG  HG3  sing N N 293 
PRO CD  HD2  sing N N 294 
PRO CD  HD3  sing N N 295 
PRO OXT HXT  sing N N 296 
SER N   CA   sing N N 297 
SER N   H    sing N N 298 
SER N   H2   sing N N 299 
SER CA  C    sing N N 300 
SER CA  CB   sing N N 301 
SER CA  HA   sing N N 302 
SER C   O    doub N N 303 
SER C   OXT  sing N N 304 
SER CB  OG   sing N N 305 
SER CB  HB2  sing N N 306 
SER CB  HB3  sing N N 307 
SER OG  HG   sing N N 308 
SER OXT HXT  sing N N 309 
THR N   CA   sing N N 310 
THR N   H    sing N N 311 
THR N   H2   sing N N 312 
THR CA  C    sing N N 313 
THR CA  CB   sing N N 314 
THR CA  HA   sing N N 315 
THR C   O    doub N N 316 
THR C   OXT  sing N N 317 
THR CB  OG1  sing N N 318 
THR CB  CG2  sing N N 319 
THR CB  HB   sing N N 320 
THR OG1 HG1  sing N N 321 
THR CG2 HG21 sing N N 322 
THR CG2 HG22 sing N N 323 
THR CG2 HG23 sing N N 324 
THR OXT HXT  sing N N 325 
TRP N   CA   sing N N 326 
TRP N   H    sing N N 327 
TRP N   H2   sing N N 328 
TRP CA  C    sing N N 329 
TRP CA  CB   sing N N 330 
TRP CA  HA   sing N N 331 
TRP C   O    doub N N 332 
TRP C   OXT  sing N N 333 
TRP CB  CG   sing N N 334 
TRP CB  HB2  sing N N 335 
TRP CB  HB3  sing N N 336 
TRP CG  CD1  doub Y N 337 
TRP CG  CD2  sing Y N 338 
TRP CD1 NE1  sing Y N 339 
TRP CD1 HD1  sing N N 340 
TRP CD2 CE2  doub Y N 341 
TRP CD2 CE3  sing Y N 342 
TRP NE1 CE2  sing Y N 343 
TRP NE1 HE1  sing N N 344 
TRP CE2 CZ2  sing Y N 345 
TRP CE3 CZ3  doub Y N 346 
TRP CE3 HE3  sing N N 347 
TRP CZ2 CH2  doub Y N 348 
TRP CZ2 HZ2  sing N N 349 
TRP CZ3 CH2  sing Y N 350 
TRP CZ3 HZ3  sing N N 351 
TRP CH2 HH2  sing N N 352 
TRP OXT HXT  sing N N 353 
TYR N   CA   sing N N 354 
TYR N   H    sing N N 355 
TYR N   H2   sing N N 356 
TYR CA  C    sing N N 357 
TYR CA  CB   sing N N 358 
TYR CA  HA   sing N N 359 
TYR C   O    doub N N 360 
TYR C   OXT  sing N N 361 
TYR CB  CG   sing N N 362 
TYR CB  HB2  sing N N 363 
TYR CB  HB3  sing N N 364 
TYR CG  CD1  doub Y N 365 
TYR CG  CD2  sing Y N 366 
TYR CD1 CE1  sing Y N 367 
TYR CD1 HD1  sing N N 368 
TYR CD2 CE2  doub Y N 369 
TYR CD2 HD2  sing N N 370 
TYR CE1 CZ   doub Y N 371 
TYR CE1 HE1  sing N N 372 
TYR CE2 CZ   sing Y N 373 
TYR CE2 HE2  sing N N 374 
TYR CZ  OH   sing N N 375 
TYR OH  HH   sing N N 376 
TYR OXT HXT  sing N N 377 
VAL N   CA   sing N N 378 
VAL N   H    sing N N 379 
VAL N   H2   sing N N 380 
VAL CA  C    sing N N 381 
VAL CA  CB   sing N N 382 
VAL CA  HA   sing N N 383 
VAL C   O    doub N N 384 
VAL C   OXT  sing N N 385 
VAL CB  CG1  sing N N 386 
VAL CB  CG2  sing N N 387 
VAL CB  HB   sing N N 388 
VAL CG1 HG11 sing N N 389 
VAL CG1 HG12 sing N N 390 
VAL CG1 HG13 sing N N 391 
VAL CG2 HG21 sing N N 392 
VAL CG2 HG22 sing N N 393 
VAL CG2 HG23 sing N N 394 
VAL OXT HXT  sing N N 395 
# 
loop_
_pdbx_entity_nonpoly.entity_id 
_pdbx_entity_nonpoly.name 
_pdbx_entity_nonpoly.comp_id 
2 'PHOSPHATE ION'         PO4 
3 5-chloro-2-methylphenol JZ2 
4 water                   HOH 
# 
_pdbx_initial_refinement_model.id               1 
_pdbx_initial_refinement_model.entity_id_list   ? 
_pdbx_initial_refinement_model.type             'experimental model' 
_pdbx_initial_refinement_model.source_name      PDB 
_pdbx_initial_refinement_model.accession_code   1LGU 
_pdbx_initial_refinement_model.details          'PDB entry 1LGU' 
# 
